data_5BOK
# 
_entry.id   5BOK 
# 
_audit_conform.dict_name       mmcif_pdbx.dic 
_audit_conform.dict_version    5.380 
_audit_conform.dict_location   http://mmcif.pdb.org/dictionaries/ascii/mmcif_pdbx.dic 
# 
loop_
_database_2.database_id 
_database_2.database_code 
_database_2.pdbx_database_accession 
_database_2.pdbx_DOI 
PDB   5BOK         pdb_00005bok 10.2210/pdb5bok/pdb 
WWPDB D_1000208747 ?            ?                   
# 
_pdbx_database_status.status_code                     REL 
_pdbx_database_status.status_code_sf                  REL 
_pdbx_database_status.status_code_mr                  ? 
_pdbx_database_status.entry_id                        5BOK 
_pdbx_database_status.recvd_initial_deposition_date   2015-05-27 
_pdbx_database_status.SG_entry                        N 
_pdbx_database_status.deposit_site                    RCSB 
_pdbx_database_status.process_site                    PDBJ 
_pdbx_database_status.status_code_cs                  ? 
_pdbx_database_status.methods_development_category    ? 
_pdbx_database_status.pdb_format_compatible           Y 
_pdbx_database_status.status_code_nmr_data            ? 
# 
loop_
_audit_author.name 
_audit_author.pdbx_ordinal 
'Ramaswamy, S.' 1 
'Kumari, A.'    2 
'Singh, D.'     3 
'Gurunath, R.'  4 
# 
_citation.abstract                  ? 
_citation.abstract_id_CAS           ? 
_citation.book_id_ISBN              ? 
_citation.book_publisher            ? 
_citation.book_publisher_city       ? 
_citation.book_title                ? 
_citation.coordinate_linkage        ? 
_citation.country                   ? 
_citation.database_id_Medline       ? 
_citation.details                   ? 
_citation.id                        primary 
_citation.journal_abbrev            'To Be Published' 
_citation.journal_id_ASTM           ? 
_citation.journal_id_CSD            0353 
_citation.journal_id_ISSN           ? 
_citation.journal_full              ? 
_citation.journal_issue             ? 
_citation.journal_volume            ? 
_citation.language                  ? 
_citation.page_first                ? 
_citation.page_last                 ? 
_citation.title                     'Ferredoxin component of 3-nitrotoluene dioxygenase from Diaphorobacter sp. strain DS2' 
_citation.year                      ? 
_citation.database_id_CSD           ? 
_citation.pdbx_database_id_DOI      ? 
_citation.pdbx_database_id_PubMed   ? 
_citation.unpublished_flag          ? 
# 
loop_
_citation_author.citation_id 
_citation_author.name 
_citation_author.ordinal 
_citation_author.identifier_ORCID 
primary 'Ramaswamy, S.' 1 ? 
primary 'Kumari, A.'    2 ? 
primary 'Singh, D.'     3 ? 
primary 'Qurunath, R.'  4 ? 
# 
_cell.angle_alpha                  90.00 
_cell.angle_alpha_esd              ? 
_cell.angle_beta                   90.00 
_cell.angle_beta_esd               ? 
_cell.angle_gamma                  90.00 
_cell.angle_gamma_esd              ? 
_cell.entry_id                     5BOK 
_cell.details                      ? 
_cell.formula_units_Z              ? 
_cell.length_a                     79.530 
_cell.length_a_esd                 ? 
_cell.length_b                     79.530 
_cell.length_b_esd                 ? 
_cell.length_c                     108.970 
_cell.length_c_esd                 ? 
_cell.volume                       ? 
_cell.volume_esd                   ? 
_cell.Z_PDB                        16 
_cell.reciprocal_angle_alpha       ? 
_cell.reciprocal_angle_beta        ? 
_cell.reciprocal_angle_gamma       ? 
_cell.reciprocal_angle_alpha_esd   ? 
_cell.reciprocal_angle_beta_esd    ? 
_cell.reciprocal_angle_gamma_esd   ? 
_cell.reciprocal_length_a          ? 
_cell.reciprocal_length_b          ? 
_cell.reciprocal_length_c          ? 
_cell.reciprocal_length_a_esd      ? 
_cell.reciprocal_length_b_esd      ? 
_cell.reciprocal_length_c_esd      ? 
_cell.pdbx_unique_axis             ? 
# 
_symmetry.entry_id                         5BOK 
_symmetry.cell_setting                     ? 
_symmetry.Int_Tables_number                97 
_symmetry.space_group_name_Hall            ? 
_symmetry.space_group_name_H-M             'I 4 2 2' 
_symmetry.pdbx_full_space_group_name_H-M   ? 
# 
loop_
_entity.id 
_entity.type 
_entity.src_method 
_entity.pdbx_description 
_entity.formula_weight 
_entity.pdbx_number_of_molecules 
_entity.pdbx_ec 
_entity.pdbx_mutation 
_entity.pdbx_fragment 
_entity.details 
1 polymer     man Ferredoxin                   11486.068 1  ? ? ? ? 
2 non-polymer syn 'FE2/S2 (INORGANIC) CLUSTER' 175.820   1  ? ? ? ? 
3 non-polymer syn 'FE (III) ION'               55.845    1  ? ? ? ? 
4 water       nat water                        18.015    15 ? ? ? ? 
# 
_entity_poly.entity_id                      1 
_entity_poly.type                           'polypeptide(L)' 
_entity_poly.nstd_linkage                   no 
_entity_poly.nstd_monomer                   no 
_entity_poly.pdbx_seq_one_letter_code       
;MSENWIDAAARDEVPEGDVIGINIVGKEIALYEVAGEIYATDNTCTHGAARMSDGFLEGREIECPLHQGRFDVCTGKALC
TPLTQDIKTYPVKIENMRVMLKLD
;
_entity_poly.pdbx_seq_one_letter_code_can   
;MSENWIDAAARDEVPEGDVIGINIVGKEIALYEVAGEIYATDNTCTHGAARMSDGFLEGREIECPLHQGRFDVCTGKALC
TPLTQDIKTYPVKIENMRVMLKLD
;
_entity_poly.pdbx_strand_id                 A 
_entity_poly.pdbx_target_identifier         ? 
# 
loop_
_entity_poly_seq.entity_id 
_entity_poly_seq.num 
_entity_poly_seq.mon_id 
_entity_poly_seq.hetero 
1 1   MET n 
1 2   SER n 
1 3   GLU n 
1 4   ASN n 
1 5   TRP n 
1 6   ILE n 
1 7   ASP n 
1 8   ALA n 
1 9   ALA n 
1 10  ALA n 
1 11  ARG n 
1 12  ASP n 
1 13  GLU n 
1 14  VAL n 
1 15  PRO n 
1 16  GLU n 
1 17  GLY n 
1 18  ASP n 
1 19  VAL n 
1 20  ILE n 
1 21  GLY n 
1 22  ILE n 
1 23  ASN n 
1 24  ILE n 
1 25  VAL n 
1 26  GLY n 
1 27  LYS n 
1 28  GLU n 
1 29  ILE n 
1 30  ALA n 
1 31  LEU n 
1 32  TYR n 
1 33  GLU n 
1 34  VAL n 
1 35  ALA n 
1 36  GLY n 
1 37  GLU n 
1 38  ILE n 
1 39  TYR n 
1 40  ALA n 
1 41  THR n 
1 42  ASP n 
1 43  ASN n 
1 44  THR n 
1 45  CYS n 
1 46  THR n 
1 47  HIS n 
1 48  GLY n 
1 49  ALA n 
1 50  ALA n 
1 51  ARG n 
1 52  MET n 
1 53  SER n 
1 54  ASP n 
1 55  GLY n 
1 56  PHE n 
1 57  LEU n 
1 58  GLU n 
1 59  GLY n 
1 60  ARG n 
1 61  GLU n 
1 62  ILE n 
1 63  GLU n 
1 64  CYS n 
1 65  PRO n 
1 66  LEU n 
1 67  HIS n 
1 68  GLN n 
1 69  GLY n 
1 70  ARG n 
1 71  PHE n 
1 72  ASP n 
1 73  VAL n 
1 74  CYS n 
1 75  THR n 
1 76  GLY n 
1 77  LYS n 
1 78  ALA n 
1 79  LEU n 
1 80  CYS n 
1 81  THR n 
1 82  PRO n 
1 83  LEU n 
1 84  THR n 
1 85  GLN n 
1 86  ASP n 
1 87  ILE n 
1 88  LYS n 
1 89  THR n 
1 90  TYR n 
1 91  PRO n 
1 92  VAL n 
1 93  LYS n 
1 94  ILE n 
1 95  GLU n 
1 96  ASN n 
1 97  MET n 
1 98  ARG n 
1 99  VAL n 
1 100 MET n 
1 101 LEU n 
1 102 LYS n 
1 103 LEU n 
1 104 ASP n 
# 
_entity_src_gen.entity_id                          1 
_entity_src_gen.pdbx_src_id                        1 
_entity_src_gen.pdbx_alt_source_flag               sample 
_entity_src_gen.pdbx_seq_type                      'Biological sequence' 
_entity_src_gen.pdbx_beg_seq_num                   1 
_entity_src_gen.pdbx_end_seq_num                   104 
_entity_src_gen.gene_src_common_name               ? 
_entity_src_gen.gene_src_genus                     ? 
_entity_src_gen.pdbx_gene_src_gene                 mntAb 
_entity_src_gen.gene_src_species                   ? 
_entity_src_gen.gene_src_strain                    ? 
_entity_src_gen.gene_src_tissue                    ? 
_entity_src_gen.gene_src_tissue_fraction           ? 
_entity_src_gen.gene_src_details                   ? 
_entity_src_gen.pdbx_gene_src_fragment             ? 
_entity_src_gen.pdbx_gene_src_scientific_name      'Diaphorobacter sp. DS2' 
_entity_src_gen.pdbx_gene_src_ncbi_taxonomy_id     1302548 
_entity_src_gen.pdbx_gene_src_variant              ? 
_entity_src_gen.pdbx_gene_src_cell_line            ? 
_entity_src_gen.pdbx_gene_src_atcc                 ? 
_entity_src_gen.pdbx_gene_src_organ                Bacteria 
_entity_src_gen.pdbx_gene_src_organelle            ? 
_entity_src_gen.pdbx_gene_src_cell                 ? 
_entity_src_gen.pdbx_gene_src_cellular_location    ? 
_entity_src_gen.host_org_common_name               ? 
_entity_src_gen.pdbx_host_org_scientific_name      'Escherichia coli BL21(DE3)' 
_entity_src_gen.pdbx_host_org_ncbi_taxonomy_id     469008 
_entity_src_gen.host_org_genus                     ? 
_entity_src_gen.pdbx_host_org_gene                 ? 
_entity_src_gen.pdbx_host_org_organ                ? 
_entity_src_gen.host_org_species                   ? 
_entity_src_gen.pdbx_host_org_tissue               ? 
_entity_src_gen.pdbx_host_org_tissue_fraction      ? 
_entity_src_gen.pdbx_host_org_strain               ? 
_entity_src_gen.pdbx_host_org_variant              ? 
_entity_src_gen.pdbx_host_org_cell_line            ? 
_entity_src_gen.pdbx_host_org_atcc                 ? 
_entity_src_gen.pdbx_host_org_culture_collection   ? 
_entity_src_gen.pdbx_host_org_cell                 ? 
_entity_src_gen.pdbx_host_org_organelle            ? 
_entity_src_gen.pdbx_host_org_cellular_location    ? 
_entity_src_gen.pdbx_host_org_vector_type          plasmid 
_entity_src_gen.pdbx_host_org_vector               ? 
_entity_src_gen.host_org_details                   ? 
_entity_src_gen.expression_system_id               ? 
_entity_src_gen.plasmid_name                       'pET21a, pDS2' 
_entity_src_gen.plasmid_details                    ? 
_entity_src_gen.pdbx_description                   ? 
# 
_struct_ref.db_code                    M9PSS0_9BURK 
_struct_ref.db_name                    UNP 
_struct_ref.details                    ? 
_struct_ref.entity_id                  1 
_struct_ref.id                         1 
_struct_ref.seq_align                  ? 
_struct_ref.seq_dif                    ? 
_struct_ref.pdbx_db_accession          M9PSS0 
_struct_ref.pdbx_db_isoform            ? 
_struct_ref.pdbx_seq_one_letter_code   
;MSENWIDAAARDEVPEGDVIGINIVGKEIALYEVAGEIYATDNTCTHGAARMSDGFLEGREIECPLHQGRFDVCTGKALC
TPLTQDIKTYPVKIENMRVMLKLD
;
_struct_ref.pdbx_align_begin           1 
_struct_ref.pdbx_align_end             ? 
# 
_struct_ref_seq.align_id                      1 
_struct_ref_seq.ref_id                        1 
_struct_ref_seq.pdbx_PDB_id_code              5BOK 
_struct_ref_seq.pdbx_strand_id                A 
_struct_ref_seq.seq_align_beg                 1 
_struct_ref_seq.pdbx_seq_align_beg_ins_code   ? 
_struct_ref_seq.seq_align_end                 104 
_struct_ref_seq.pdbx_seq_align_end_ins_code   ? 
_struct_ref_seq.pdbx_db_accession             M9PSS0 
_struct_ref_seq.db_align_beg                  1 
_struct_ref_seq.pdbx_db_align_beg_ins_code    ? 
_struct_ref_seq.db_align_end                  104 
_struct_ref_seq.pdbx_db_align_end_ins_code    ? 
_struct_ref_seq.pdbx_auth_seq_align_beg       1 
_struct_ref_seq.pdbx_auth_seq_align_end       104 
# 
loop_
_chem_comp.id 
_chem_comp.type 
_chem_comp.mon_nstd_flag 
_chem_comp.name 
_chem_comp.pdbx_synonyms 
_chem_comp.formula 
_chem_comp.formula_weight 
ALA 'L-peptide linking' y ALANINE                      ? 'C3 H7 N O2'     89.093  
ARG 'L-peptide linking' y ARGININE                     ? 'C6 H15 N4 O2 1' 175.209 
ASN 'L-peptide linking' y ASPARAGINE                   ? 'C4 H8 N2 O3'    132.118 
ASP 'L-peptide linking' y 'ASPARTIC ACID'              ? 'C4 H7 N O4'     133.103 
CYS 'L-peptide linking' y CYSTEINE                     ? 'C3 H7 N O2 S'   121.158 
FE  non-polymer         . 'FE (III) ION'               ? 'Fe 3'           55.845  
FES non-polymer         . 'FE2/S2 (INORGANIC) CLUSTER' ? 'Fe2 S2'         175.820 
GLN 'L-peptide linking' y GLUTAMINE                    ? 'C5 H10 N2 O3'   146.144 
GLU 'L-peptide linking' y 'GLUTAMIC ACID'              ? 'C5 H9 N O4'     147.129 
GLY 'peptide linking'   y GLYCINE                      ? 'C2 H5 N O2'     75.067  
HIS 'L-peptide linking' y HISTIDINE                    ? 'C6 H10 N3 O2 1' 156.162 
HOH non-polymer         . WATER                        ? 'H2 O'           18.015  
ILE 'L-peptide linking' y ISOLEUCINE                   ? 'C6 H13 N O2'    131.173 
LEU 'L-peptide linking' y LEUCINE                      ? 'C6 H13 N O2'    131.173 
LYS 'L-peptide linking' y LYSINE                       ? 'C6 H15 N2 O2 1' 147.195 
MET 'L-peptide linking' y METHIONINE                   ? 'C5 H11 N O2 S'  149.211 
PHE 'L-peptide linking' y PHENYLALANINE                ? 'C9 H11 N O2'    165.189 
PRO 'L-peptide linking' y PROLINE                      ? 'C5 H9 N O2'     115.130 
SER 'L-peptide linking' y SERINE                       ? 'C3 H7 N O3'     105.093 
THR 'L-peptide linking' y THREONINE                    ? 'C4 H9 N O3'     119.119 
TRP 'L-peptide linking' y TRYPTOPHAN                   ? 'C11 H12 N2 O2'  204.225 
TYR 'L-peptide linking' y TYROSINE                     ? 'C9 H11 N O3'    181.189 
VAL 'L-peptide linking' y VALINE                       ? 'C5 H11 N O2'    117.146 
# 
_exptl.absorpt_coefficient_mu     ? 
_exptl.absorpt_correction_T_max   ? 
_exptl.absorpt_correction_T_min   ? 
_exptl.absorpt_correction_type    ? 
_exptl.absorpt_process_details    ? 
_exptl.entry_id                   5BOK 
_exptl.crystals_number            ? 
_exptl.details                    ? 
_exptl.method                     'X-RAY DIFFRACTION' 
_exptl.method_details             ? 
# 
_exptl_crystal.colour                      ? 
_exptl_crystal.density_diffrn              ? 
_exptl_crystal.density_Matthews            3.75 
_exptl_crystal.density_method              ? 
_exptl_crystal.density_percent_sol         67.26 
_exptl_crystal.description                 'chocolate brown hexagonal plated crystal' 
_exptl_crystal.F_000                       ? 
_exptl_crystal.id                          1 
_exptl_crystal.preparation                 ? 
_exptl_crystal.size_max                    ? 
_exptl_crystal.size_mid                    ? 
_exptl_crystal.size_min                    ? 
_exptl_crystal.size_rad                    ? 
_exptl_crystal.colour_lustre               ? 
_exptl_crystal.colour_modifier             ? 
_exptl_crystal.colour_primary              ? 
_exptl_crystal.density_meas                ? 
_exptl_crystal.density_meas_esd            ? 
_exptl_crystal.density_meas_gt             ? 
_exptl_crystal.density_meas_lt             ? 
_exptl_crystal.density_meas_temp           ? 
_exptl_crystal.density_meas_temp_esd       ? 
_exptl_crystal.density_meas_temp_gt        ? 
_exptl_crystal.density_meas_temp_lt        ? 
_exptl_crystal.pdbx_crystal_image_url      ? 
_exptl_crystal.pdbx_crystal_image_format   ? 
_exptl_crystal.pdbx_mosaicity              ? 
_exptl_crystal.pdbx_mosaicity_esd          ? 
# 
_exptl_crystal_grow.apparatus       ? 
_exptl_crystal_grow.atmosphere      ? 
_exptl_crystal_grow.crystal_id      1 
_exptl_crystal_grow.details         ? 
_exptl_crystal_grow.method          'VAPOR DIFFUSION, HANGING DROP' 
_exptl_crystal_grow.method_ref      ? 
_exptl_crystal_grow.pH              7.5 
_exptl_crystal_grow.pressure        ? 
_exptl_crystal_grow.pressure_esd    ? 
_exptl_crystal_grow.seeding         ? 
_exptl_crystal_grow.seeding_ref     ? 
_exptl_crystal_grow.temp            277 
_exptl_crystal_grow.temp_details    ? 
_exptl_crystal_grow.temp_esd        ? 
_exptl_crystal_grow.time            ? 
_exptl_crystal_grow.pdbx_details    '200mM calcium chloride, 100mM HEPES pH 7.5, 25-28% PEG 400' 
_exptl_crystal_grow.pdbx_pH_range   7.1-7.7 
# 
_diffrn.ambient_environment    ? 
_diffrn.ambient_temp           100 
_diffrn.ambient_temp_details   ? 
_diffrn.ambient_temp_esd       ? 
_diffrn.crystal_id             1 
_diffrn.crystal_support        ? 
_diffrn.crystal_treatment      ? 
_diffrn.details                ? 
_diffrn.id                     1 
_diffrn.ambient_pressure       ? 
_diffrn.ambient_pressure_esd   ? 
_diffrn.ambient_pressure_gt    ? 
_diffrn.ambient_pressure_lt    ? 
_diffrn.ambient_temp_gt        ? 
_diffrn.ambient_temp_lt        ? 
# 
_diffrn_detector.details                      ? 
_diffrn_detector.detector                     CCD 
_diffrn_detector.diffrn_id                    1 
_diffrn_detector.type                         'ADSC QUANTUM 210' 
_diffrn_detector.area_resol_mean              ? 
_diffrn_detector.dtime                        ? 
_diffrn_detector.pdbx_frames_total            ? 
_diffrn_detector.pdbx_collection_time_total   ? 
_diffrn_detector.pdbx_collection_date         2014-06-24 
# 
_diffrn_radiation.collimation                      ? 
_diffrn_radiation.diffrn_id                        1 
_diffrn_radiation.filter_edge                      ? 
_diffrn_radiation.inhomogeneity                    ? 
_diffrn_radiation.monochromator                    'Si(111)' 
_diffrn_radiation.polarisn_norm                    ? 
_diffrn_radiation.polarisn_ratio                   ? 
_diffrn_radiation.probe                            ? 
_diffrn_radiation.type                             ? 
_diffrn_radiation.xray_symbol                      ? 
_diffrn_radiation.wavelength_id                    1 
_diffrn_radiation.pdbx_monochromatic_or_laue_m_l   M 
_diffrn_radiation.pdbx_wavelength_list             ? 
_diffrn_radiation.pdbx_wavelength                  ? 
_diffrn_radiation.pdbx_diffrn_protocol             'SINGLE WAVELENGTH' 
_diffrn_radiation.pdbx_analyzer                    ? 
_diffrn_radiation.pdbx_scattering_type             x-ray 
# 
_diffrn_radiation_wavelength.id           1 
_diffrn_radiation_wavelength.wavelength   0.873 
_diffrn_radiation_wavelength.wt           1.0 
# 
_diffrn_source.current                     ? 
_diffrn_source.details                     ? 
_diffrn_source.diffrn_id                   1 
_diffrn_source.power                       ? 
_diffrn_source.size                        ? 
_diffrn_source.source                      SYNCHROTRON 
_diffrn_source.target                      ? 
_diffrn_source.type                        'ESRF BEAMLINE ID23-1' 
_diffrn_source.voltage                     ? 
_diffrn_source.take-off_angle              ? 
_diffrn_source.pdbx_wavelength_list        0.873 
_diffrn_source.pdbx_wavelength             ? 
_diffrn_source.pdbx_synchrotron_beamline   ID23-1 
_diffrn_source.pdbx_synchrotron_site       ESRF 
# 
_reflns.B_iso_Wilson_estimate            48.39 
_reflns.entry_id                         5BOK 
_reflns.data_reduction_details           ? 
_reflns.data_reduction_method            ? 
_reflns.d_resolution_high                2.1 
_reflns.d_resolution_low                 56.27 
_reflns.details                          ? 
_reflns.limit_h_max                      ? 
_reflns.limit_h_min                      ? 
_reflns.limit_k_max                      ? 
_reflns.limit_k_min                      ? 
_reflns.limit_l_max                      ? 
_reflns.limit_l_min                      ? 
_reflns.number_all                       ? 
_reflns.number_obs                       10628 
_reflns.observed_criterion               ? 
_reflns.observed_criterion_F_max         ? 
_reflns.observed_criterion_F_min         ? 
_reflns.observed_criterion_I_max         ? 
_reflns.observed_criterion_I_min         ? 
_reflns.observed_criterion_sigma_F       ? 
_reflns.observed_criterion_sigma_I       ? 
_reflns.percent_possible_obs             99.9 
_reflns.R_free_details                   ? 
_reflns.Rmerge_F_all                     ? 
_reflns.Rmerge_F_obs                     ? 
_reflns.Friedel_coverage                 ? 
_reflns.number_gt                        ? 
_reflns.threshold_expression             ? 
_reflns.pdbx_redundancy                  8.6 
_reflns.pdbx_Rmerge_I_obs                0.063 
_reflns.pdbx_Rmerge_I_all                ? 
_reflns.pdbx_Rsym_value                  0.022 
_reflns.pdbx_netI_over_av_sigmaI         ? 
_reflns.pdbx_netI_over_sigmaI            17.28 
_reflns.pdbx_res_netI_over_av_sigmaI_2   ? 
_reflns.pdbx_res_netI_over_sigmaI_2      ? 
_reflns.pdbx_chi_squared                 ? 
_reflns.pdbx_scaling_rejects             ? 
_reflns.pdbx_d_res_high_opt              ? 
_reflns.pdbx_d_res_low_opt               ? 
_reflns.pdbx_d_res_opt_method            ? 
_reflns.phase_calculation_details        ? 
_reflns.pdbx_Rrim_I_all                  ? 
_reflns.pdbx_Rpim_I_all                  ? 
_reflns.pdbx_d_opt                       ? 
_reflns.pdbx_number_measured_all         ? 
_reflns.pdbx_diffrn_id                   1 
_reflns.pdbx_ordinal                     1 
_reflns.pdbx_CC_half                     ? 
_reflns.pdbx_R_split                     ? 
# 
_reflns_shell.d_res_high                  2.1 
_reflns_shell.d_res_low                   2.21 
_reflns_shell.meanI_over_sigI_all         ? 
_reflns_shell.meanI_over_sigI_obs         ? 
_reflns_shell.number_measured_all         ? 
_reflns_shell.number_measured_obs         ? 
_reflns_shell.number_possible             ? 
_reflns_shell.number_unique_all           ? 
_reflns_shell.number_unique_obs           ? 
_reflns_shell.percent_possible_all        99.3 
_reflns_shell.percent_possible_obs        ? 
_reflns_shell.Rmerge_F_all                ? 
_reflns_shell.Rmerge_F_obs                ? 
_reflns_shell.Rmerge_I_all                ? 
_reflns_shell.Rmerge_I_obs                ? 
_reflns_shell.meanI_over_sigI_gt          ? 
_reflns_shell.meanI_over_uI_all           ? 
_reflns_shell.meanI_over_uI_gt            ? 
_reflns_shell.number_measured_gt          ? 
_reflns_shell.number_unique_gt            ? 
_reflns_shell.percent_possible_gt         ? 
_reflns_shell.Rmerge_F_gt                 ? 
_reflns_shell.Rmerge_I_gt                 ? 
_reflns_shell.pdbx_redundancy             8.4 
_reflns_shell.pdbx_Rsym_value             ? 
_reflns_shell.pdbx_chi_squared            ? 
_reflns_shell.pdbx_netI_over_sigmaI_all   ? 
_reflns_shell.pdbx_netI_over_sigmaI_obs   ? 
_reflns_shell.pdbx_Rrim_I_all             ? 
_reflns_shell.pdbx_Rpim_I_all             ? 
_reflns_shell.pdbx_rejects                ? 
_reflns_shell.pdbx_ordinal                1 
_reflns_shell.pdbx_diffrn_id              1 
_reflns_shell.pdbx_CC_half                ? 
_reflns_shell.pdbx_R_split                ? 
# 
_refine.aniso_B[1][1]                            ? 
_refine.aniso_B[1][2]                            ? 
_refine.aniso_B[1][3]                            ? 
_refine.aniso_B[2][2]                            ? 
_refine.aniso_B[2][3]                            ? 
_refine.aniso_B[3][3]                            ? 
_refine.B_iso_max                                ? 
_refine.B_iso_mean                               ? 
_refine.B_iso_min                                ? 
_refine.correlation_coeff_Fo_to_Fc               ? 
_refine.correlation_coeff_Fo_to_Fc_free          ? 
_refine.details                                  ? 
_refine.diff_density_max                         ? 
_refine.diff_density_max_esd                     ? 
_refine.diff_density_min                         ? 
_refine.diff_density_min_esd                     ? 
_refine.diff_density_rms                         ? 
_refine.diff_density_rms_esd                     ? 
_refine.entry_id                                 5BOK 
_refine.pdbx_refine_id                           'X-RAY DIFFRACTION' 
_refine.ls_abs_structure_details                 ? 
_refine.ls_abs_structure_Flack                   ? 
_refine.ls_abs_structure_Flack_esd               ? 
_refine.ls_abs_structure_Rogers                  ? 
_refine.ls_abs_structure_Rogers_esd              ? 
_refine.ls_d_res_high                            2.400 
_refine.ls_d_res_low                             13.74 
_refine.ls_extinction_coef                       ? 
_refine.ls_extinction_coef_esd                   ? 
_refine.ls_extinction_expression                 ? 
_refine.ls_extinction_method                     ? 
_refine.ls_goodness_of_fit_all                   ? 
_refine.ls_goodness_of_fit_all_esd               ? 
_refine.ls_goodness_of_fit_obs                   ? 
_refine.ls_goodness_of_fit_obs_esd               ? 
_refine.ls_hydrogen_treatment                    ? 
_refine.ls_matrix_type                           ? 
_refine.ls_number_constraints                    ? 
_refine.ls_number_parameters                     ? 
_refine.ls_number_reflns_all                     ? 
_refine.ls_number_reflns_obs                     7088 
_refine.ls_number_reflns_R_free                  336 
_refine.ls_number_reflns_R_work                  ? 
_refine.ls_number_restraints                     ? 
_refine.ls_percent_reflns_obs                    99.12 
_refine.ls_percent_reflns_R_free                 4.74 
_refine.ls_R_factor_all                          ? 
_refine.ls_R_factor_obs                          0.2328 
_refine.ls_R_factor_R_free                       0.2619 
_refine.ls_R_factor_R_free_error                 ? 
_refine.ls_R_factor_R_free_error_details         ? 
_refine.ls_R_factor_R_work                       0.2312 
_refine.ls_R_Fsqd_factor_obs                     ? 
_refine.ls_R_I_factor_obs                        ? 
_refine.ls_redundancy_reflns_all                 ? 
_refine.ls_redundancy_reflns_obs                 ? 
_refine.ls_restrained_S_all                      ? 
_refine.ls_restrained_S_obs                      ? 
_refine.ls_shift_over_esd_max                    ? 
_refine.ls_shift_over_esd_mean                   ? 
_refine.ls_structure_factor_coef                 ? 
_refine.ls_weighting_details                     ? 
_refine.ls_weighting_scheme                      ? 
_refine.ls_wR_factor_all                         ? 
_refine.ls_wR_factor_obs                         ? 
_refine.ls_wR_factor_R_free                      ? 
_refine.ls_wR_factor_R_work                      ? 
_refine.occupancy_max                            ? 
_refine.occupancy_min                            ? 
_refine.solvent_model_details                    'FLAT BULK SOLVENT MODEL' 
_refine.solvent_model_param_bsol                 ? 
_refine.solvent_model_param_ksol                 ? 
_refine.ls_R_factor_gt                           ? 
_refine.ls_goodness_of_fit_gt                    ? 
_refine.ls_goodness_of_fit_ref                   ? 
_refine.ls_shift_over_su_max                     ? 
_refine.ls_shift_over_su_max_lt                  ? 
_refine.ls_shift_over_su_mean                    ? 
_refine.ls_shift_over_su_mean_lt                 ? 
_refine.pdbx_ls_sigma_I                          ? 
_refine.pdbx_ls_sigma_F                          1.46 
_refine.pdbx_ls_sigma_Fsqd                       ? 
_refine.pdbx_data_cutoff_high_absF               ? 
_refine.pdbx_data_cutoff_high_rms_absF           ? 
_refine.pdbx_data_cutoff_low_absF                ? 
_refine.pdbx_isotropic_thermal_model             ? 
_refine.pdbx_ls_cross_valid_method               THROUGHOUT 
_refine.pdbx_method_to_determine_struct          'MOLECULAR REPLACEMENT' 
_refine.pdbx_starting_model                      2QPZ 
_refine.pdbx_stereochemistry_target_values       ML 
_refine.pdbx_R_Free_selection_details            Random 
_refine.pdbx_stereochem_target_val_spec_case     ? 
_refine.pdbx_overall_ESU_R                       ? 
_refine.pdbx_overall_ESU_R_Free                  ? 
_refine.pdbx_solvent_vdw_probe_radii             1.11 
_refine.pdbx_solvent_ion_probe_radii             ? 
_refine.pdbx_solvent_shrinkage_radii             0.90 
_refine.pdbx_real_space_R                        ? 
_refine.pdbx_density_correlation                 ? 
_refine.pdbx_pd_number_of_powder_patterns        ? 
_refine.pdbx_pd_number_of_points                 ? 
_refine.pdbx_pd_meas_number_of_points            ? 
_refine.pdbx_pd_proc_ls_prof_R_factor            ? 
_refine.pdbx_pd_proc_ls_prof_wR_factor           ? 
_refine.pdbx_pd_Marquardt_correlation_coeff      ? 
_refine.pdbx_pd_Fsqrd_R_factor                   ? 
_refine.pdbx_pd_ls_matrix_band_width             ? 
_refine.pdbx_overall_phase_error                 32.28 
_refine.pdbx_overall_SU_R_free_Cruickshank_DPI   ? 
_refine.pdbx_overall_SU_R_free_Blow_DPI          ? 
_refine.pdbx_overall_SU_R_Blow_DPI               ? 
_refine.pdbx_TLS_residual_ADP_flag               ? 
_refine.pdbx_diffrn_id                           1 
_refine.overall_SU_B                             ? 
_refine.overall_SU_ML                            0.37 
_refine.overall_SU_R_Cruickshank_DPI             ? 
_refine.overall_SU_R_free                        ? 
_refine.overall_FOM_free_R_set                   ? 
_refine.overall_FOM_work_R_set                   ? 
_refine.pdbx_average_fsc_overall                 ? 
_refine.pdbx_average_fsc_work                    ? 
_refine.pdbx_average_fsc_free                    ? 
# 
_refine_hist.pdbx_refine_id                   'X-RAY DIFFRACTION' 
_refine_hist.cycle_id                         LAST 
_refine_hist.pdbx_number_atoms_protein        785 
_refine_hist.pdbx_number_atoms_nucleic_acid   0 
_refine_hist.pdbx_number_atoms_ligand         5 
_refine_hist.number_atoms_solvent             15 
_refine_hist.number_atoms_total               805 
_refine_hist.d_res_high                       2.400 
_refine_hist.d_res_low                        13.74 
# 
loop_
_refine_ls_restr.pdbx_refine_id 
_refine_ls_restr.criterion 
_refine_ls_restr.dev_ideal 
_refine_ls_restr.dev_ideal_target 
_refine_ls_restr.number 
_refine_ls_restr.rejects 
_refine_ls_restr.type 
_refine_ls_restr.weight 
_refine_ls_restr.pdbx_restraint_function 
'X-RAY DIFFRACTION' ? 0.011  ? 818  ? f_bond_d           ? ? 
'X-RAY DIFFRACTION' ? 1.344  ? 1102 ? f_angle_d          ? ? 
'X-RAY DIFFRACTION' ? 15.896 ? 304  ? f_dihedral_angle_d ? ? 
'X-RAY DIFFRACTION' ? 0.052  ? 124  ? f_chiral_restr     ? ? 
'X-RAY DIFFRACTION' ? 0.005  ? 145  ? f_plane_restr      ? ? 
# 
_refine_ls_shell.pdbx_refine_id                   'X-RAY DIFFRACTION' 
_refine_ls_shell.d_res_high                       2.4000 
_refine_ls_shell.d_res_low                        3.0235 
_refine_ls_shell.number_reflns_all                ? 
_refine_ls_shell.number_reflns_obs                ? 
_refine_ls_shell.number_reflns_R_free             151 
_refine_ls_shell.number_reflns_R_work             3327 
_refine_ls_shell.percent_reflns_obs               100.00 
_refine_ls_shell.percent_reflns_R_free            ? 
_refine_ls_shell.R_factor_all                     ? 
_refine_ls_shell.R_factor_obs                     ? 
_refine_ls_shell.R_factor_R_free                  0.3324 
_refine_ls_shell.R_factor_R_free_error            ? 
_refine_ls_shell.R_factor_R_work                  0.2826 
_refine_ls_shell.redundancy_reflns_all            ? 
_refine_ls_shell.redundancy_reflns_obs            ? 
_refine_ls_shell.wR_factor_all                    ? 
_refine_ls_shell.wR_factor_obs                    ? 
_refine_ls_shell.wR_factor_R_free                 ? 
_refine_ls_shell.wR_factor_R_work                 ? 
_refine_ls_shell.pdbx_total_number_of_bins_used   ? 
_refine_ls_shell.pdbx_phase_error                 ? 
_refine_ls_shell.pdbx_fsc_work                    ? 
_refine_ls_shell.pdbx_fsc_free                    ? 
# 
_struct.entry_id                     5BOK 
_struct.title                        'Ferredoxin component of 3-nitrotoluene dioxygenase from Diaphorobacter sp. strain DS2' 
_struct.pdbx_model_details           ? 
_struct.pdbx_formula_weight          ? 
_struct.pdbx_formula_weight_method   ? 
_struct.pdbx_model_type_details      ? 
_struct.pdbx_CASP_flag               ? 
# 
_struct_keywords.entry_id        5BOK 
_struct_keywords.text            'electron transport protein, Rieske iron sulfur cluster, ferredoxin, METAL BINDING PROTEIN' 
_struct_keywords.pdbx_keywords   'METAL BINDING PROTEIN' 
# 
loop_
_struct_asym.id 
_struct_asym.pdbx_blank_PDB_chainid_flag 
_struct_asym.pdbx_modified 
_struct_asym.entity_id 
_struct_asym.details 
A N N 1 ? 
B N N 2 ? 
C N N 3 ? 
D N N 4 ? 
# 
_struct_conf.conf_type_id            HELX_P 
_struct_conf.id                      HELX_P1 
_struct_conf.pdbx_PDB_helix_id       AA1 
_struct_conf.beg_label_comp_id       ASP 
_struct_conf.beg_label_asym_id       A 
_struct_conf.beg_label_seq_id        12 
_struct_conf.pdbx_beg_PDB_ins_code   ? 
_struct_conf.end_label_comp_id       VAL 
_struct_conf.end_label_asym_id       A 
_struct_conf.end_label_seq_id        14 
_struct_conf.pdbx_end_PDB_ins_code   ? 
_struct_conf.beg_auth_comp_id        ASP 
_struct_conf.beg_auth_asym_id        A 
_struct_conf.beg_auth_seq_id         12 
_struct_conf.end_auth_comp_id        VAL 
_struct_conf.end_auth_asym_id        A 
_struct_conf.end_auth_seq_id         14 
_struct_conf.pdbx_PDB_helix_class    5 
_struct_conf.details                 ? 
_struct_conf.pdbx_PDB_helix_length   3 
# 
_struct_conf_type.id          HELX_P 
_struct_conf_type.criteria    ? 
_struct_conf_type.reference   ? 
# 
loop_
_struct_conn.id 
_struct_conn.conn_type_id 
_struct_conn.pdbx_leaving_atom_flag 
_struct_conn.pdbx_PDB_id 
_struct_conn.ptnr1_label_asym_id 
_struct_conn.ptnr1_label_comp_id 
_struct_conn.ptnr1_label_seq_id 
_struct_conn.ptnr1_label_atom_id 
_struct_conn.pdbx_ptnr1_label_alt_id 
_struct_conn.pdbx_ptnr1_PDB_ins_code 
_struct_conn.pdbx_ptnr1_standard_comp_id 
_struct_conn.ptnr1_symmetry 
_struct_conn.ptnr2_label_asym_id 
_struct_conn.ptnr2_label_comp_id 
_struct_conn.ptnr2_label_seq_id 
_struct_conn.ptnr2_label_atom_id 
_struct_conn.pdbx_ptnr2_label_alt_id 
_struct_conn.pdbx_ptnr2_PDB_ins_code 
_struct_conn.ptnr1_auth_asym_id 
_struct_conn.ptnr1_auth_comp_id 
_struct_conn.ptnr1_auth_seq_id 
_struct_conn.ptnr2_auth_asym_id 
_struct_conn.ptnr2_auth_comp_id 
_struct_conn.ptnr2_auth_seq_id 
_struct_conn.ptnr2_symmetry 
_struct_conn.pdbx_ptnr3_label_atom_id 
_struct_conn.pdbx_ptnr3_label_seq_id 
_struct_conn.pdbx_ptnr3_label_comp_id 
_struct_conn.pdbx_ptnr3_label_asym_id 
_struct_conn.pdbx_ptnr3_label_alt_id 
_struct_conn.pdbx_ptnr3_PDB_ins_code 
_struct_conn.details 
_struct_conn.pdbx_dist_value 
_struct_conn.pdbx_value_order 
_struct_conn.pdbx_role 
metalc1  metalc ? ? A GLY 17 O   ? ? ? 1_555 C FE  . FE  ? ? A GLY 17  A FE  202 6_557 ? ? ? ? ? ? ? 2.456 ? ? 
metalc2  metalc ? ? A CYS 45 SG  ? ? ? 1_555 B FES . FE1 ? ? A CYS 45  A FES 201 1_555 ? ? ? ? ? ? ? 2.316 ? ? 
metalc3  metalc ? ? A HIS 47 ND1 ? ? ? 1_555 B FES . FE2 ? ? A HIS 47  A FES 201 1_555 ? ? ? ? ? ? ? 2.061 ? ? 
metalc4  metalc ? ? A LEU 57 O   ? ? ? 1_555 C FE  . FE  ? ? A LEU 57  A FE  202 6_557 ? ? ? ? ? ? ? 2.349 ? ? 
metalc5  metalc ? ? A GLU 58 OE1 ? ? ? 1_555 C FE  . FE  ? ? A GLU 58  A FE  202 1_555 ? ? ? ? ? ? ? 2.791 ? ? 
metalc6  metalc ? ? A GLU 58 OE2 ? ? ? 1_555 C FE  . FE  ? ? A GLU 58  A FE  202 1_555 ? ? ? ? ? ? ? 2.754 ? ? 
metalc7  metalc ? ? A CYS 64 SG  ? ? ? 1_555 B FES . FE1 ? ? A CYS 64  A FES 201 1_555 ? ? ? ? ? ? ? 2.277 ? ? 
metalc8  metalc ? ? A HIS 67 ND1 ? ? ? 1_555 B FES . FE2 ? ? A HIS 67  A FES 201 1_555 ? ? ? ? ? ? ? 2.091 ? ? 
metalc9  metalc ? ? C FE  .  FE  ? ? ? 1_555 D HOH . O   ? ? A FE  202 A HOH 304 6_557 ? ? ? ? ? ? ? 2.545 ? ? 
metalc10 metalc ? ? C FE  .  FE  ? ? ? 1_555 D HOH . O   ? ? A FE  202 A HOH 312 6_557 ? ? ? ? ? ? ? 2.547 ? ? 
# 
_struct_conn_type.id          metalc 
_struct_conn_type.criteria    ? 
_struct_conn_type.reference   ? 
# 
loop_
_struct_mon_prot_cis.pdbx_id 
_struct_mon_prot_cis.label_comp_id 
_struct_mon_prot_cis.label_seq_id 
_struct_mon_prot_cis.label_asym_id 
_struct_mon_prot_cis.label_alt_id 
_struct_mon_prot_cis.pdbx_PDB_ins_code 
_struct_mon_prot_cis.auth_comp_id 
_struct_mon_prot_cis.auth_seq_id 
_struct_mon_prot_cis.auth_asym_id 
_struct_mon_prot_cis.pdbx_label_comp_id_2 
_struct_mon_prot_cis.pdbx_label_seq_id_2 
_struct_mon_prot_cis.pdbx_label_asym_id_2 
_struct_mon_prot_cis.pdbx_PDB_ins_code_2 
_struct_mon_prot_cis.pdbx_auth_comp_id_2 
_struct_mon_prot_cis.pdbx_auth_seq_id_2 
_struct_mon_prot_cis.pdbx_auth_asym_id_2 
_struct_mon_prot_cis.pdbx_PDB_model_num 
_struct_mon_prot_cis.pdbx_omega_angle 
1 ASP 54 A . ? ASP 54 A GLY 55 A ? GLY 55 A 1 -2.90 
2 THR 81 A . ? THR 81 A PRO 82 A ? PRO 82 A 1 5.10  
# 
loop_
_struct_sheet.id 
_struct_sheet.type 
_struct_sheet.number_strands 
_struct_sheet.details 
AA1 ? 3 ? 
AA2 ? 3 ? 
AA3 ? 4 ? 
# 
loop_
_struct_sheet_order.sheet_id 
_struct_sheet_order.range_id_1 
_struct_sheet_order.range_id_2 
_struct_sheet_order.offset 
_struct_sheet_order.sense 
AA1 1 2 ? anti-parallel 
AA1 2 3 ? anti-parallel 
AA2 1 2 ? anti-parallel 
AA2 2 3 ? anti-parallel 
AA3 1 2 ? anti-parallel 
AA3 2 3 ? anti-parallel 
AA3 3 4 ? anti-parallel 
# 
loop_
_struct_sheet_range.sheet_id 
_struct_sheet_range.id 
_struct_sheet_range.beg_label_comp_id 
_struct_sheet_range.beg_label_asym_id 
_struct_sheet_range.beg_label_seq_id 
_struct_sheet_range.pdbx_beg_PDB_ins_code 
_struct_sheet_range.end_label_comp_id 
_struct_sheet_range.end_label_asym_id 
_struct_sheet_range.end_label_seq_id 
_struct_sheet_range.pdbx_end_PDB_ins_code 
_struct_sheet_range.beg_auth_comp_id 
_struct_sheet_range.beg_auth_asym_id 
_struct_sheet_range.beg_auth_seq_id 
_struct_sheet_range.end_auth_comp_id 
_struct_sheet_range.end_auth_asym_id 
_struct_sheet_range.end_auth_seq_id 
AA1 1 TRP A 5  ? ALA A 10  ? TRP A 5  ALA A 10  
AA1 2 ARG A 98 ? LYS A 102 ? ARG A 98 LYS A 102 
AA1 3 VAL A 92 ? GLU A 95  ? VAL A 92 GLU A 95  
AA2 1 VAL A 19 ? ILE A 24  ? VAL A 19 ILE A 24  
AA2 2 LYS A 27 ? VAL A 34  ? LYS A 27 VAL A 34  
AA2 3 GLU A 37 ? ASP A 42  ? GLU A 37 ASP A 42  
AA3 1 LEU A 57 ? GLU A 58  ? LEU A 57 GLU A 58  
AA3 2 GLU A 61 ? GLU A 63  ? GLU A 61 GLU A 63  
AA3 3 ARG A 70 ? ASP A 72  ? ARG A 70 ASP A 72  
AA3 4 ALA A 78 ? CYS A 80  ? ALA A 78 CYS A 80  
# 
loop_
_pdbx_struct_sheet_hbond.sheet_id 
_pdbx_struct_sheet_hbond.range_id_1 
_pdbx_struct_sheet_hbond.range_id_2 
_pdbx_struct_sheet_hbond.range_1_label_atom_id 
_pdbx_struct_sheet_hbond.range_1_label_comp_id 
_pdbx_struct_sheet_hbond.range_1_label_asym_id 
_pdbx_struct_sheet_hbond.range_1_label_seq_id 
_pdbx_struct_sheet_hbond.range_1_PDB_ins_code 
_pdbx_struct_sheet_hbond.range_1_auth_atom_id 
_pdbx_struct_sheet_hbond.range_1_auth_comp_id 
_pdbx_struct_sheet_hbond.range_1_auth_asym_id 
_pdbx_struct_sheet_hbond.range_1_auth_seq_id 
_pdbx_struct_sheet_hbond.range_2_label_atom_id 
_pdbx_struct_sheet_hbond.range_2_label_comp_id 
_pdbx_struct_sheet_hbond.range_2_label_asym_id 
_pdbx_struct_sheet_hbond.range_2_label_seq_id 
_pdbx_struct_sheet_hbond.range_2_PDB_ins_code 
_pdbx_struct_sheet_hbond.range_2_auth_atom_id 
_pdbx_struct_sheet_hbond.range_2_auth_comp_id 
_pdbx_struct_sheet_hbond.range_2_auth_asym_id 
_pdbx_struct_sheet_hbond.range_2_auth_seq_id 
AA1 1 2 N ALA A 9   ? N ALA A 9   O VAL A 99 ? O VAL A 99 
AA1 2 3 O MET A 100 ? O MET A 100 N LYS A 93 ? N LYS A 93 
AA2 1 2 N ILE A 22  ? N ILE A 22  O ILE A 29 ? O ILE A 29 
AA2 2 3 N ALA A 30  ? N ALA A 30  O THR A 41 ? O THR A 41 
AA3 1 2 N GLU A 58  ? N GLU A 58  O GLU A 61 ? O GLU A 61 
AA3 2 3 N ILE A 62  ? N ILE A 62  O PHE A 71 ? O PHE A 71 
AA3 3 4 N ARG A 70  ? N ARG A 70  O LEU A 79 ? O LEU A 79 
# 
loop_
_struct_site.id 
_struct_site.pdbx_evidence_code 
_struct_site.pdbx_auth_asym_id 
_struct_site.pdbx_auth_comp_id 
_struct_site.pdbx_auth_seq_id 
_struct_site.pdbx_auth_ins_code 
_struct_site.pdbx_num_residues 
_struct_site.details 
AC1 Software A FES 201 ? 5 'binding site for residue FES A 201' 
AC2 Software A FE  202 ? 5 'binding site for residue FE A 202'  
# 
loop_
_struct_site_gen.id 
_struct_site_gen.site_id 
_struct_site_gen.pdbx_num_res 
_struct_site_gen.label_comp_id 
_struct_site_gen.label_asym_id 
_struct_site_gen.label_seq_id 
_struct_site_gen.pdbx_auth_ins_code 
_struct_site_gen.auth_comp_id 
_struct_site_gen.auth_asym_id 
_struct_site_gen.auth_seq_id 
_struct_site_gen.label_atom_id 
_struct_site_gen.label_alt_id 
_struct_site_gen.symmetry 
_struct_site_gen.details 
1  AC1 5 CYS A 45 ? CYS A 45  . ? 1_555 ? 
2  AC1 5 HIS A 47 ? HIS A 47  . ? 1_555 ? 
3  AC1 5 GLY A 48 ? GLY A 48  . ? 1_555 ? 
4  AC1 5 CYS A 64 ? CYS A 64  . ? 1_555 ? 
5  AC1 5 HIS A 67 ? HIS A 67  . ? 1_555 ? 
6  AC2 5 GLY A 17 ? GLY A 17  . ? 6_557 ? 
7  AC2 5 LEU A 57 ? LEU A 57  . ? 6_557 ? 
8  AC2 5 GLU A 58 ? GLU A 58  . ? 1_555 ? 
9  AC2 5 HOH D .  ? HOH A 304 . ? 6_557 ? 
10 AC2 5 HOH D .  ? HOH A 312 . ? 6_557 ? 
# 
_atom_sites.entry_id                    5BOK 
_atom_sites.fract_transf_matrix[1][1]   -0.00846345 
_atom_sites.fract_transf_matrix[1][2]   0.00609829 
_atom_sites.fract_transf_matrix[1][3]   -0.00702042 
_atom_sites.fract_transf_matrix[2][1]   0.00165130 
_atom_sites.fract_transf_matrix[2][2]   -0.00835627 
_atom_sites.fract_transf_matrix[2][3]   -0.00924940 
_atom_sites.fract_transf_matrix[3][1]   -0.00667907 
_atom_sites.fract_transf_matrix[3][2]   -0.00521664 
_atom_sites.fract_transf_matrix[3][3]   0.00352050 
_atom_sites.fract_transf_vector[1]      0.282218 
_atom_sites.fract_transf_vector[2]      0.047808 
_atom_sites.fract_transf_vector[3]      1.129119 
# 
loop_
_atom_type.symbol 
C  
FE 
N  
O  
S  
# 
loop_
_atom_site.group_PDB 
_atom_site.id 
_atom_site.type_symbol 
_atom_site.label_atom_id 
_atom_site.label_alt_id 
_atom_site.label_comp_id 
_atom_site.label_asym_id 
_atom_site.label_entity_id 
_atom_site.label_seq_id 
_atom_site.pdbx_PDB_ins_code 
_atom_site.Cartn_x 
_atom_site.Cartn_y 
_atom_site.Cartn_z 
_atom_site.occupancy 
_atom_site.B_iso_or_equiv 
_atom_site.pdbx_formal_charge 
_atom_site.auth_seq_id 
_atom_site.auth_comp_id 
_atom_site.auth_asym_id 
_atom_site.auth_atom_id 
_atom_site.pdbx_PDB_model_num 
ATOM   1   N  N   . GLU A 1 3   ? -9.266  -17.757 2.602   1.00 66.71 ? 3   GLU A N   1 
ATOM   2   C  CA  . GLU A 1 3   ? -10.375 -17.273 3.423   1.00 81.51 ? 3   GLU A CA  1 
ATOM   3   C  C   . GLU A 1 3   ? -10.549 -15.795 3.189   1.00 79.71 ? 3   GLU A C   1 
ATOM   4   O  O   . GLU A 1 3   ? -10.369 -14.993 4.116   1.00 80.87 ? 3   GLU A O   1 
ATOM   5   C  CB  . GLU A 1 3   ? -10.118 -17.512 4.901   1.00 81.39 ? 3   GLU A CB  1 
ATOM   6   C  CG  . GLU A 1 3   ? -9.265  -18.708 5.209   1.00 83.61 ? 3   GLU A CG  1 
ATOM   7   C  CD  . GLU A 1 3   ? -9.141  -18.918 6.701   1.00 95.45 ? 3   GLU A CD  1 
ATOM   8   O  OE1 . GLU A 1 3   ? -9.572  -19.986 7.203   1.00 89.80 ? 3   GLU A OE1 1 
ATOM   9   O  OE2 . GLU A 1 3   ? -8.615  -17.995 7.369   1.00 95.92 ? 3   GLU A OE2 1 
ATOM   10  N  N   . ASN A 1 4   ? -10.929 -15.463 1.956   1.00 74.94 ? 4   ASN A N   1 
ATOM   11  C  CA  . ASN A 1 4   ? -10.767 -14.131 1.368   1.00 73.09 ? 4   ASN A CA  1 
ATOM   12  C  C   . ASN A 1 4   ? -9.294  -13.910 0.977   1.00 70.45 ? 4   ASN A C   1 
ATOM   13  O  O   . ASN A 1 4   ? -8.845  -12.769 0.912   1.00 71.25 ? 4   ASN A O   1 
ATOM   14  C  CB  . ASN A 1 4   ? -11.256 -12.993 2.304   1.00 76.75 ? 4   ASN A CB  1 
ATOM   15  C  CG  . ASN A 1 4   ? -12.794 -12.859 2.354   1.00 78.59 ? 4   ASN A CG  1 
ATOM   16  O  OD1 . ASN A 1 4   ? -13.523 -13.816 2.085   1.00 79.12 ? 4   ASN A OD1 1 
ATOM   17  N  ND2 . ASN A 1 4   ? -13.280 -11.661 2.711   1.00 68.25 ? 4   ASN A ND2 1 
ATOM   18  N  N   . TRP A 1 5   ? -8.548  -14.993 0.735   1.00 63.88 ? 5   TRP A N   1 
ATOM   19  C  CA  . TRP A 1 5   ? -7.207  -14.903 0.146   1.00 55.97 ? 5   TRP A CA  1 
ATOM   20  C  C   . TRP A 1 5   ? -7.331  -14.866 -1.376  1.00 60.92 ? 5   TRP A C   1 
ATOM   21  O  O   . TRP A 1 5   ? -8.089  -15.646 -1.958  1.00 61.79 ? 5   TRP A O   1 
ATOM   22  C  CB  . TRP A 1 5   ? -6.297  -16.071 0.578   1.00 51.80 ? 5   TRP A CB  1 
ATOM   23  C  CG  . TRP A 1 5   ? -5.727  -15.938 1.982   1.00 57.14 ? 5   TRP A CG  1 
ATOM   24  C  CD1 . TRP A 1 5   ? -6.174  -16.567 3.113   1.00 60.17 ? 5   TRP A CD1 1 
ATOM   25  C  CD2 . TRP A 1 5   ? -4.616  -15.115 2.398   1.00 62.25 ? 5   TRP A CD2 1 
ATOM   26  N  NE1 . TRP A 1 5   ? -5.417  -16.194 4.200   1.00 58.46 ? 5   TRP A NE1 1 
ATOM   27  C  CE2 . TRP A 1 5   ? -4.455  -15.302 3.789   1.00 63.40 ? 5   TRP A CE2 1 
ATOM   28  C  CE3 . TRP A 1 5   ? -3.751  -14.227 1.730   1.00 57.52 ? 5   TRP A CE3 1 
ATOM   29  C  CZ2 . TRP A 1 5   ? -3.457  -14.640 4.525   1.00 53.45 ? 5   TRP A CZ2 1 
ATOM   30  C  CZ3 . TRP A 1 5   ? -2.752  -13.576 2.463   1.00 52.51 ? 5   TRP A CZ3 1 
ATOM   31  C  CH2 . TRP A 1 5   ? -2.620  -13.787 3.842   1.00 58.43 ? 5   TRP A CH2 1 
ATOM   32  N  N   . ILE A 1 6   ? -6.602  -13.951 -2.021  1.00 59.53 ? 6   ILE A N   1 
ATOM   33  C  CA  . ILE A 1 6   ? -6.682  -13.806 -3.478  1.00 56.26 ? 6   ILE A CA  1 
ATOM   34  C  C   . ILE A 1 6   ? -5.334  -13.483 -4.160  1.00 57.06 ? 6   ILE A C   1 
ATOM   35  O  O   . ILE A 1 6   ? -4.545  -12.669 -3.690  1.00 47.92 ? 6   ILE A O   1 
ATOM   36  C  CB  . ILE A 1 6   ? -7.707  -12.722 -3.872  1.00 52.00 ? 6   ILE A CB  1 
ATOM   37  C  CG1 . ILE A 1 6   ? -7.715  -12.531 -5.381  1.00 55.76 ? 6   ILE A CG1 1 
ATOM   38  C  CG2 . ILE A 1 6   ? -7.385  -11.414 -3.212  1.00 59.80 ? 6   ILE A CG2 1 
ATOM   39  C  CD1 . ILE A 1 6   ? -8.620  -11.438 -5.835  1.00 64.27 ? 6   ILE A CD1 1 
ATOM   40  N  N   . ASP A 1 7   ? -5.075  -14.190 -5.251  1.00 54.63 ? 7   ASP A N   1 
ATOM   41  C  CA  . ASP A 1 7   ? -3.956  -13.918 -6.120  1.00 53.83 ? 7   ASP A CA  1 
ATOM   42  C  C   . ASP A 1 7   ? -4.171  -12.515 -6.700  1.00 56.67 ? 7   ASP A C   1 
ATOM   43  O  O   . ASP A 1 7   ? -5.225  -12.227 -7.273  1.00 53.21 ? 7   ASP A O   1 
ATOM   44  C  CB  . ASP A 1 7   ? -3.865  -15.013 -7.193  1.00 49.22 ? 7   ASP A CB  1 
ATOM   45  C  CG  . ASP A 1 7   ? -2.663  -14.864 -8.084  1.00 54.45 ? 7   ASP A CG  1 
ATOM   46  O  OD1 . ASP A 1 7   ? -2.272  -13.716 -8.342  1.00 53.21 ? 7   ASP A OD1 1 
ATOM   47  O  OD2 . ASP A 1 7   ? -2.111  -15.890 -8.542  1.00 61.93 ? 7   ASP A OD2 1 
ATOM   48  N  N   . ALA A 1 8   ? -3.184  -11.631 -6.530  1.00 55.36 ? 8   ALA A N   1 
ATOM   49  C  CA  . ALA A 1 8   ? -3.393  -10.211 -6.820  1.00 50.84 ? 8   ALA A CA  1 
ATOM   50  C  C   . ALA A 1 8   ? -2.394  -9.623  -7.827  1.00 52.84 ? 8   ALA A C   1 
ATOM   51  O  O   . ALA A 1 8   ? -2.700  -8.639  -8.491  1.00 56.70 ? 8   ALA A O   1 
ATOM   52  C  CB  . ALA A 1 8   ? -3.372  -9.418  -5.519  1.00 48.52 ? 8   ALA A CB  1 
ATOM   53  N  N   . ALA A 1 9   ? -1.226  -10.244 -7.958  1.00 50.58 ? 9   ALA A N   1 
ATOM   54  C  CA  . ALA A 1 9   ? -0.182  -9.752  -8.844  1.00 50.66 ? 9   ALA A CA  1 
ATOM   55  C  C   . ALA A 1 9   ? 1.030   -10.678 -8.832  1.00 52.02 ? 9   ALA A C   1 
ATOM   56  O  O   . ALA A 1 9   ? 1.197   -11.475 -7.910  1.00 55.89 ? 9   ALA A O   1 
ATOM   57  C  CB  . ALA A 1 9   ? 0.234   -8.358  -8.432  1.00 46.94 ? 9   ALA A CB  1 
ATOM   58  N  N   . ALA A 1 10  ? 1.895   -10.557 -9.832  1.00 55.51 ? 10  ALA A N   1 
ATOM   59  C  CA  . ALA A 1 10  ? 3.207   -11.198 -9.761  1.00 55.21 ? 10  ALA A CA  1 
ATOM   60  C  C   . ALA A 1 10  ? 4.084   -10.405 -8.801  1.00 54.97 ? 10  ALA A C   1 
ATOM   61  O  O   . ALA A 1 10  ? 3.958   -9.186  -8.707  1.00 54.36 ? 10  ALA A O   1 
ATOM   62  C  CB  . ALA A 1 10  ? 3.851   -11.281 -11.134 1.00 51.58 ? 10  ALA A CB  1 
ATOM   63  N  N   . ARG A 1 11  ? 4.964   -11.089 -8.081  1.00 52.32 ? 11  ARG A N   1 
ATOM   64  C  CA  . ARG A 1 11  ? 5.866   -10.401 -7.175  1.00 50.62 ? 11  ARG A CA  1 
ATOM   65  C  C   . ARG A 1 11  ? 6.621   -9.306  -7.902  1.00 53.32 ? 11  ARG A C   1 
ATOM   66  O  O   . ARG A 1 11  ? 6.625   -8.169  -7.459  1.00 55.88 ? 11  ARG A O   1 
ATOM   67  C  CB  . ARG A 1 11  ? 6.835   -11.383 -6.538  1.00 52.59 ? 11  ARG A CB  1 
ATOM   68  C  CG  . ARG A 1 11  ? 7.950   -10.729 -5.768  1.00 54.28 ? 11  ARG A CG  1 
ATOM   69  C  CD  . ARG A 1 11  ? 8.058   -11.363 -4.413  1.00 62.03 ? 11  ARG A CD  1 
ATOM   70  N  NE  . ARG A 1 11  ? 9.393   -11.345 -3.824  1.00 68.55 ? 11  ARG A NE  1 
ATOM   71  C  CZ  . ARG A 1 11  ? 9.980   -10.278 -3.292  1.00 66.92 ? 11  ARG A CZ  1 
ATOM   72  N  NH1 . ARG A 1 11  ? 11.195  -10.401 -2.770  1.00 63.24 ? 11  ARG A NH1 1 
ATOM   73  N  NH2 . ARG A 1 11  ? 9.369   -9.093  -3.280  1.00 63.90 ? 11  ARG A NH2 1 
ATOM   74  N  N   . ASP A 1 12  ? 7.217   -9.634  -9.044  1.00 55.00 ? 12  ASP A N   1 
ATOM   75  C  CA  . ASP A 1 12  ? 8.053   -8.670  -9.748  1.00 55.53 ? 12  ASP A CA  1 
ATOM   76  C  C   . ASP A 1 12  ? 7.285   -7.571  -10.512 1.00 58.83 ? 12  ASP A C   1 
ATOM   77  O  O   . ASP A 1 12  ? 7.875   -6.848  -11.311 1.00 61.70 ? 12  ASP A O   1 
ATOM   78  C  CB  . ASP A 1 12  ? 9.013   -9.391  -10.715 1.00 64.33 ? 12  ASP A CB  1 
ATOM   79  C  CG  . ASP A 1 12  ? 8.322   -10.421 -11.610 1.00 63.00 ? 12  ASP A CG  1 
ATOM   80  O  OD1 . ASP A 1 12  ? 7.198   -10.171 -12.103 1.00 63.66 ? 12  ASP A OD1 1 
ATOM   81  O  OD2 . ASP A 1 12  ? 8.948   -11.471 -11.859 1.00 61.09 ? 12  ASP A OD2 1 
ATOM   82  N  N   . GLU A 1 13  ? 5.989   -7.425  -10.262 1.00 54.78 ? 13  GLU A N   1 
ATOM   83  C  CA  . GLU A 1 13  ? 5.287   -6.218  -10.700 1.00 57.10 ? 13  GLU A CA  1 
ATOM   84  C  C   . GLU A 1 13  ? 5.443   -5.078  -9.668  1.00 54.72 ? 13  GLU A C   1 
ATOM   85  O  O   . GLU A 1 13  ? 5.179   -3.914  -9.979  1.00 56.92 ? 13  GLU A O   1 
ATOM   86  C  CB  . GLU A 1 13  ? 3.794   -6.496  -10.939 1.00 52.60 ? 13  GLU A CB  1 
ATOM   87  C  CG  . GLU A 1 13  ? 3.494   -7.426  -12.103 1.00 60.50 ? 13  GLU A CG  1 
ATOM   88  C  CD  . GLU A 1 13  ? 2.007   -7.822  -12.196 1.00 66.33 ? 13  GLU A CD  1 
ATOM   89  O  OE1 . GLU A 1 13  ? 1.661   -8.623  -13.093 1.00 68.45 ? 13  GLU A OE1 1 
ATOM   90  O  OE2 . GLU A 1 13  ? 1.182   -7.338  -11.386 1.00 61.38 ? 13  GLU A OE2 1 
ATOM   91  N  N   . VAL A 1 14  ? 5.829   -5.406  -8.434  1.00 45.42 ? 14  VAL A N   1 
ATOM   92  C  CA  . VAL A 1 14  ? 6.110   -4.375  -7.440  1.00 46.72 ? 14  VAL A CA  1 
ATOM   93  C  C   . VAL A 1 14  ? 7.604   -4.029  -7.434  1.00 44.52 ? 14  VAL A C   1 
ATOM   94  O  O   . VAL A 1 14  ? 8.436   -4.848  -7.048  1.00 49.19 ? 14  VAL A O   1 
ATOM   95  C  CB  . VAL A 1 14  ? 5.676   -4.804  -6.026  1.00 47.47 ? 14  VAL A CB  1 
ATOM   96  C  CG1 . VAL A 1 14  ? 6.084   -3.750  -5.033  1.00 46.67 ? 14  VAL A CG1 1 
ATOM   97  C  CG2 . VAL A 1 14  ? 4.190   -4.976  -5.965  1.00 41.43 ? 14  VAL A CG2 1 
ATOM   98  N  N   . PRO A 1 15  ? 7.954   -2.810  -7.868  1.00 42.51 ? 15  PRO A N   1 
ATOM   99  C  CA  . PRO A 1 15  ? 9.366   -2.424  -8.056  1.00 40.09 ? 15  PRO A CA  1 
ATOM   100 C  C   . PRO A 1 15  ? 10.085  -2.146  -6.742  1.00 37.54 ? 15  PRO A C   1 
ATOM   101 O  O   . PRO A 1 15  ? 9.457   -1.577  -5.848  1.00 36.88 ? 15  PRO A O   1 
ATOM   102 C  CB  . PRO A 1 15  ? 9.267   -1.155  -8.907  1.00 38.62 ? 15  PRO A CB  1 
ATOM   103 C  CG  . PRO A 1 15  ? 7.952   -0.555  -8.508  1.00 43.12 ? 15  PRO A CG  1 
ATOM   104 C  CD  . PRO A 1 15  ? 7.025   -1.722  -8.215  1.00 43.84 ? 15  PRO A CD  1 
ATOM   105 N  N   . GLU A 1 16  ? 11.360  -2.533  -6.623  1.00 42.02 ? 16  GLU A N   1 
ATOM   106 C  CA  . GLU A 1 16  ? 12.129  -2.277  -5.394  1.00 42.85 ? 16  GLU A CA  1 
ATOM   107 C  C   . GLU A 1 16  ? 11.954  -0.834  -4.881  1.00 40.36 ? 16  GLU A C   1 
ATOM   108 O  O   . GLU A 1 16  ? 11.939  0.109   -5.666  1.00 45.18 ? 16  GLU A O   1 
ATOM   109 C  CB  . GLU A 1 16  ? 13.606  -2.574  -5.632  1.00 50.59 ? 16  GLU A CB  1 
ATOM   110 C  CG  . GLU A 1 16  ? 14.052  -3.963  -5.182  1.00 57.93 ? 16  GLU A CG  1 
ATOM   111 C  CD  . GLU A 1 16  ? 15.484  -3.981  -4.627  1.00 68.05 ? 16  GLU A CD  1 
ATOM   112 O  OE1 . GLU A 1 16  ? 16.147  -2.913  -4.607  1.00 56.32 ? 16  GLU A OE1 1 
ATOM   113 O  OE2 . GLU A 1 16  ? 15.938  -5.069  -4.197  1.00 76.41 ? 16  GLU A OE2 1 
ATOM   114 N  N   . GLY A 1 17  ? 11.757  -0.672  -3.579  1.00 40.08 ? 17  GLY A N   1 
ATOM   115 C  CA  . GLY A 1 17  ? 11.594  0.643   -2.969  1.00 32.14 ? 17  GLY A CA  1 
ATOM   116 C  C   . GLY A 1 17  ? 10.409  1.503   -3.401  1.00 40.09 ? 17  GLY A C   1 
ATOM   117 O  O   . GLY A 1 17  ? 10.262  2.618   -2.920  1.00 43.52 ? 17  GLY A O   1 
ATOM   118 N  N   . ASP A 1 18  ? 9.535   1.003   -4.271  1.00 44.39 ? 18  ASP A N   1 
ATOM   119 C  CA  . ASP A 1 18  ? 8.449   1.836   -4.799  1.00 42.00 ? 18  ASP A CA  1 
ATOM   120 C  C   . ASP A 1 18  ? 7.086   1.183   -4.558  1.00 39.39 ? 18  ASP A C   1 
ATOM   121 O  O   . ASP A 1 18  ? 6.987   0.148   -3.922  1.00 43.90 ? 18  ASP A O   1 
ATOM   122 C  CB  . ASP A 1 18  ? 8.669   2.125   -6.312  1.00 45.40 ? 18  ASP A CB  1 
ATOM   123 C  CG  . ASP A 1 18  ? 8.034   3.441   -6.763  1.00 41.41 ? 18  ASP A CG  1 
ATOM   124 O  OD1 . ASP A 1 18  ? 7.619   4.216   -5.882  1.00 49.10 ? 18  ASP A OD1 1 
ATOM   125 O  OD2 . ASP A 1 18  ? 7.970   3.720   -7.982  1.00 46.90 ? 18  ASP A OD2 1 
ATOM   126 N  N   . VAL A 1 19  ? 6.047   1.834   -5.062  1.00 39.05 ? 19  VAL A N   1 
ATOM   127 C  CA  . VAL A 1 19  ? 4.661   1.495   -4.822  1.00 38.35 ? 19  VAL A CA  1 
ATOM   128 C  C   . VAL A 1 19  ? 3.955   1.304   -6.161  1.00 44.77 ? 19  VAL A C   1 
ATOM   129 O  O   . VAL A 1 19  ? 4.358   1.928   -7.151  1.00 41.62 ? 19  VAL A O   1 
ATOM   130 C  CB  . VAL A 1 19  ? 3.939   2.609   -4.025  1.00 43.72 ? 19  VAL A CB  1 
ATOM   131 C  CG1 . VAL A 1 19  ? 4.081   3.986   -4.737  1.00 46.85 ? 19  VAL A CG1 1 
ATOM   132 C  CG2 . VAL A 1 19  ? 2.482   2.279   -3.834  1.00 39.29 ? 19  VAL A CG2 1 
ATOM   133 N  N   . ILE A 1 20  ? 2.921   0.456   -6.211  1.00 42.00 ? 20  ILE A N   1 
ATOM   134 C  CA  . ILE A 1 20  ? 2.028   0.438   -7.375  1.00 42.85 ? 20  ILE A CA  1 
ATOM   135 C  C   . ILE A 1 20  ? 0.559   0.392   -6.975  1.00 48.65 ? 20  ILE A C   1 
ATOM   136 O  O   . ILE A 1 20  ? 0.200   0.048   -5.838  1.00 46.89 ? 20  ILE A O   1 
ATOM   137 C  CB  . ILE A 1 20  ? 2.306   -0.750  -8.345  1.00 44.17 ? 20  ILE A CB  1 
ATOM   138 C  CG1 . ILE A 1 20  ? 2.146   -2.098  -7.642  1.00 52.62 ? 20  ILE A CG1 1 
ATOM   139 C  CG2 . ILE A 1 20  ? 3.687   -0.664  -8.958  1.00 47.77 ? 20  ILE A CG2 1 
ATOM   140 C  CD1 . ILE A 1 20  ? 2.482   -3.251  -8.544  1.00 53.42 ? 20  ILE A CD1 1 
ATOM   141 N  N   . GLY A 1 21  ? -0.291  0.732   -7.935  1.00 50.63 ? 21  GLY A N   1 
ATOM   142 C  CA  . GLY A 1 21  ? -1.722  0.710   -7.725  1.00 41.56 ? 21  GLY A CA  1 
ATOM   143 C  C   . GLY A 1 21  ? -2.339  -0.416  -8.527  1.00 50.97 ? 21  GLY A C   1 
ATOM   144 O  O   . GLY A 1 21  ? -1.925  -0.682  -9.670  1.00 51.40 ? 21  GLY A O   1 
ATOM   145 N  N   . ILE A 1 22  ? -3.298  -1.101  -7.903  1.00 49.71 ? 22  ILE A N   1 
ATOM   146 C  CA  . ILE A 1 22  ? -4.114  -2.116  -8.564  1.00 51.65 ? 22  ILE A CA  1 
ATOM   147 C  C   . ILE A 1 22  ? -5.576  -1.931  -8.231  1.00 50.76 ? 22  ILE A C   1 
ATOM   148 O  O   . ILE A 1 22  ? -5.932  -1.527  -7.113  1.00 50.65 ? 22  ILE A O   1 
ATOM   149 C  CB  . ILE A 1 22  ? -3.736  -3.551  -8.161  1.00 51.46 ? 22  ILE A CB  1 
ATOM   150 C  CG1 . ILE A 1 22  ? -3.907  -3.748  -6.647  1.00 51.87 ? 22  ILE A CG1 1 
ATOM   151 C  CG2 . ILE A 1 22  ? -2.346  -3.910  -8.668  1.00 48.66 ? 22  ILE A CG2 1 
ATOM   152 C  CD1 . ILE A 1 22  ? -3.763  -5.171  -6.192  1.00 42.51 ? 22  ILE A CD1 1 
ATOM   153 N  N   . ASN A 1 23  ? -6.414  -2.214  -9.224  1.00 62.95 ? 23  ASN A N   1 
ATOM   154 C  CA  . ASN A 1 23  ? -7.846  -2.392  -9.003  1.00 64.89 ? 23  ASN A CA  1 
ATOM   155 C  C   . ASN A 1 23  ? -8.175  -3.886  -8.980  1.00 65.48 ? 23  ASN A C   1 
ATOM   156 O  O   . ASN A 1 23  ? -7.751  -4.664  -9.855  1.00 62.02 ? 23  ASN A O   1 
ATOM   157 C  CB  . ASN A 1 23  ? -8.673  -1.677  -10.068 1.00 66.85 ? 23  ASN A CB  1 
ATOM   158 C  CG  . ASN A 1 23  ? -10.052 -1.281  -9.561  1.00 75.37 ? 23  ASN A CG  1 
ATOM   159 O  OD1 . ASN A 1 23  ? -10.246 -0.143  -9.124  1.00 84.70 ? 23  ASN A OD1 1 
ATOM   160 N  ND2 . ASN A 1 23  ? -11.013 -2.210  -9.612  1.00 66.86 ? 23  ASN A ND2 1 
ATOM   161 N  N   . ILE A 1 24  ? -8.914  -4.296  -7.960  1.00 63.37 ? 24  ILE A N   1 
ATOM   162 C  CA  . ILE A 1 24  ? -9.115  -5.711  -7.745  1.00 66.12 ? 24  ILE A CA  1 
ATOM   163 C  C   . ILE A 1 24  ? -10.372 -5.921  -6.888  1.00 67.11 ? 24  ILE A C   1 
ATOM   164 O  O   . ILE A 1 24  ? -10.517 -5.368  -5.787  1.00 59.96 ? 24  ILE A O   1 
ATOM   165 C  CB  . ILE A 1 24  ? -7.825  -6.349  -7.132  1.00 60.08 ? 24  ILE A CB  1 
ATOM   166 C  CG1 . ILE A 1 24  ? -7.911  -7.869  -7.094  1.00 66.83 ? 24  ILE A CG1 1 
ATOM   167 C  CG2 . ILE A 1 24  ? -7.512  -5.787  -5.760  1.00 61.49 ? 24  ILE A CG2 1 
ATOM   168 C  CD1 . ILE A 1 24  ? -6.597  -8.502  -6.757  1.00 65.37 ? 24  ILE A CD1 1 
ATOM   169 N  N   . VAL A 1 25  ? -11.310 -6.676  -7.462  1.00 68.03 ? 25  VAL A N   1 
ATOM   170 C  CA  . VAL A 1 25  ? -12.609 -6.945  -6.842  1.00 66.88 ? 25  VAL A CA  1 
ATOM   171 C  C   . VAL A 1 25  ? -13.323 -5.668  -6.359  1.00 64.92 ? 25  VAL A C   1 
ATOM   172 O  O   . VAL A 1 25  ? -14.080 -5.696  -5.385  1.00 60.26 ? 25  VAL A O   1 
ATOM   173 C  CB  . VAL A 1 25  ? -12.460 -7.940  -5.666  1.00 63.09 ? 25  VAL A CB  1 
ATOM   174 C  CG1 . VAL A 1 25  ? -13.753 -8.697  -5.442  1.00 69.91 ? 25  VAL A CG1 1 
ATOM   175 C  CG2 . VAL A 1 25  ? -11.364 -8.946  -5.973  1.00 66.08 ? 25  VAL A CG2 1 
ATOM   176 N  N   . GLY A 1 26  ? -13.088 -4.553  -7.048  1.00 67.93 ? 26  GLY A N   1 
ATOM   177 C  CA  . GLY A 1 26  ? -13.791 -3.314  -6.734  1.00 76.62 ? 26  GLY A CA  1 
ATOM   178 C  C   . GLY A 1 26  ? -13.141 -2.455  -5.661  1.00 79.29 ? 26  GLY A C   1 
ATOM   179 O  O   . GLY A 1 26  ? -13.647 -1.371  -5.330  1.00 71.94 ? 26  GLY A O   1 
ATOM   180 N  N   . LYS A 1 27  ? -12.031 -2.959  -5.113  1.00 73.60 ? 27  LYS A N   1 
ATOM   181 C  CA  . LYS A 1 27  ? -11.175 -2.220  -4.177  1.00 74.42 ? 27  LYS A CA  1 
ATOM   182 C  C   . LYS A 1 27  ? -9.916  -1.704  -4.897  1.00 67.54 ? 27  LYS A C   1 
ATOM   183 O  O   . LYS A 1 27  ? -9.293  -2.446  -5.663  1.00 68.71 ? 27  LYS A O   1 
ATOM   184 C  CB  . LYS A 1 27  ? -10.753 -3.109  -2.996  1.00 69.93 ? 27  LYS A CB  1 
ATOM   185 C  CG  . LYS A 1 27  ? -11.656 -3.088  -1.765  1.00 66.93 ? 27  LYS A CG  1 
ATOM   186 C  CD  . LYS A 1 27  ? -11.084 -4.009  -0.691  1.00 49.67 ? 27  LYS A CD  1 
ATOM   187 C  CE  . LYS A 1 27  ? -11.901 -3.955  0.590   1.00 63.77 ? 27  LYS A CE  1 
ATOM   188 N  NZ  . LYS A 1 27  ? -12.022 -2.577  1.161   1.00 60.25 ? 27  LYS A NZ  1 
ATOM   189 N  N   . GLU A 1 28  ? -9.541  -0.445  -4.666  1.00 65.56 ? 28  GLU A N   1 
ATOM   190 C  CA  . GLU A 1 28  ? -8.256  0.063   -5.167  1.00 64.26 ? 28  GLU A CA  1 
ATOM   191 C  C   . GLU A 1 28  ? -7.223  -0.046  -4.060  1.00 55.44 ? 28  GLU A C   1 
ATOM   192 O  O   . GLU A 1 28  ? -7.417  0.449   -2.940  1.00 52.14 ? 28  GLU A O   1 
ATOM   193 C  CB  . GLU A 1 28  ? -8.376  1.492   -5.667  1.00 60.53 ? 28  GLU A CB  1 
ATOM   194 C  CG  . GLU A 1 28  ? -9.545  1.670   -6.599  1.00 62.82 ? 28  GLU A CG  1 
ATOM   195 C  CD  . GLU A 1 28  ? -9.752  3.104   -6.980  1.00 75.35 ? 28  GLU A CD  1 
ATOM   196 O  OE1 . GLU A 1 28  ? -9.135  3.520   -7.988  1.00 84.28 ? 28  GLU A OE1 1 
ATOM   197 O  OE2 . GLU A 1 28  ? -10.507 3.816   -6.259  1.00 64.53 ? 28  GLU A OE2 1 
ATOM   198 N  N   . ILE A 1 29  ? -6.144  -0.747  -4.382  1.00 48.63 ? 29  ILE A N   1 
ATOM   199 C  CA  . ILE A 1 29  ? -5.191  -1.180  -3.380  1.00 53.15 ? 29  ILE A CA  1 
ATOM   200 C  C   . ILE A 1 29  ? -3.780  -0.705  -3.765  1.00 50.61 ? 29  ILE A C   1 
ATOM   201 O  O   . ILE A 1 29  ? -3.451  -0.635  -4.954  1.00 45.09 ? 29  ILE A O   1 
ATOM   202 C  CB  . ILE A 1 29  ? -5.230  -2.728  -3.214  1.00 46.43 ? 29  ILE A CB  1 
ATOM   203 C  CG1 . ILE A 1 29  ? -6.572  -3.178  -2.629  1.00 53.80 ? 29  ILE A CG1 1 
ATOM   204 C  CG2 . ILE A 1 29  ? -4.109  -3.216  -2.304  1.00 42.79 ? 29  ILE A CG2 1 
ATOM   205 C  CD1 . ILE A 1 29  ? -6.943  -2.464  -1.333  1.00 52.78 ? 29  ILE A CD1 1 
ATOM   206 N  N   . ALA A 1 30  ? -2.974  -0.361  -2.763  1.00 42.02 ? 30  ALA A N   1 
ATOM   207 C  CA  . ALA A 1 30  ? -1.566  -0.066  -2.981  1.00 47.22 ? 30  ALA A CA  1 
ATOM   208 C  C   . ALA A 1 30  ? -0.690  -1.246  -2.545  1.00 41.46 ? 30  ALA A C   1 
ATOM   209 O  O   . ALA A 1 30  ? -0.880  -1.803  -1.470  1.00 42.30 ? 30  ALA A O   1 
ATOM   210 C  CB  . ALA A 1 30  ? -1.166  1.217   -2.223  1.00 40.95 ? 30  ALA A CB  1 
ATOM   211 N  N   . LEU A 1 31  ? 0.268   -1.613  -3.387  1.00 42.28 ? 31  LEU A N   1 
ATOM   212 C  CA  . LEU A 1 31  ? 1.293   -2.593  -3.037  1.00 39.72 ? 31  LEU A CA  1 
ATOM   213 C  C   . LEU A 1 31  ? 2.627   -1.865  -2.861  1.00 46.44 ? 31  LEU A C   1 
ATOM   214 O  O   . LEU A 1 31  ? 2.938   -0.963  -3.637  1.00 37.89 ? 31  LEU A O   1 
ATOM   215 C  CB  . LEU A 1 31  ? 1.416   -3.656  -4.121  1.00 37.50 ? 31  LEU A CB  1 
ATOM   216 C  CG  . LEU A 1 31  ? 0.696   -5.005  -4.002  1.00 46.46 ? 31  LEU A CG  1 
ATOM   217 C  CD1 . LEU A 1 31  ? -0.552  -4.965  -3.103  1.00 35.59 ? 31  LEU A CD1 1 
ATOM   218 C  CD2 . LEU A 1 31  ? 0.352   -5.517  -5.413  1.00 38.11 ? 31  LEU A CD2 1 
ATOM   219 N  N   . TYR A 1 32  ? 3.400   -2.257  -1.848  1.00 43.43 ? 32  TYR A N   1 
ATOM   220 C  CA  . TYR A 1 32  ? 4.671   -1.614  -1.550  1.00 36.57 ? 32  TYR A CA  1 
ATOM   221 C  C   . TYR A 1 32  ? 5.807   -2.601  -1.393  1.00 40.24 ? 32  TYR A C   1 
ATOM   222 O  O   . TYR A 1 32  ? 5.627   -3.671  -0.808  1.00 42.29 ? 32  TYR A O   1 
ATOM   223 C  CB  . TYR A 1 32  ? 4.588   -0.817  -0.261  1.00 36.96 ? 32  TYR A CB  1 
ATOM   224 C  CG  . TYR A 1 32  ? 3.425   0.120   -0.133  1.00 38.88 ? 32  TYR A CG  1 
ATOM   225 C  CD1 . TYR A 1 32  ? 3.564   1.462   -0.425  1.00 39.64 ? 32  TYR A CD1 1 
ATOM   226 C  CD2 . TYR A 1 32  ? 2.196   -0.329  0.321   1.00 38.59 ? 32  TYR A CD2 1 
ATOM   227 C  CE1 . TYR A 1 32  ? 2.517   2.341   -0.268  1.00 40.21 ? 32  TYR A CE1 1 
ATOM   228 C  CE2 . TYR A 1 32  ? 1.128   0.543   0.468   1.00 34.67 ? 32  TYR A CE2 1 
ATOM   229 C  CZ  . TYR A 1 32  ? 1.302   1.878   0.183   1.00 39.10 ? 32  TYR A CZ  1 
ATOM   230 O  OH  . TYR A 1 32  ? 0.262   2.769   0.336   1.00 41.77 ? 32  TYR A OH  1 
ATOM   231 N  N   . GLU A 1 33  ? 6.988   -2.238  -1.886  1.00 37.32 ? 33  GLU A N   1 
ATOM   232 C  CA  . GLU A 1 33  ? 8.177   -3.057  -1.655  1.00 42.52 ? 33  GLU A CA  1 
ATOM   233 C  C   . GLU A 1 33  ? 9.080   -2.372  -0.627  1.00 44.30 ? 33  GLU A C   1 
ATOM   234 O  O   . GLU A 1 33  ? 9.619   -1.289  -0.868  1.00 42.21 ? 33  GLU A O   1 
ATOM   235 C  CB  . GLU A 1 33  ? 8.940   -3.317  -2.963  1.00 36.68 ? 33  GLU A CB  1 
ATOM   236 C  CG  . GLU A 1 33  ? 9.916   -4.484  -2.918  1.00 35.53 ? 33  GLU A CG  1 
ATOM   237 C  CD  . GLU A 1 33  ? 11.191  -4.178  -2.133  1.00 47.77 ? 33  GLU A CD  1 
ATOM   238 O  OE1 . GLU A 1 33  ? 11.606  -2.988  -2.080  1.00 43.40 ? 33  GLU A OE1 1 
ATOM   239 O  OE2 . GLU A 1 33  ? 11.773  -5.130  -1.561  1.00 42.34 ? 33  GLU A OE2 1 
ATOM   240 N  N   . VAL A 1 34  ? 9.248   -3.039  0.506   1.00 41.32 ? 34  VAL A N   1 
ATOM   241 C  CA  . VAL A 1 34  ? 9.994   -2.529  1.632   1.00 38.04 ? 34  VAL A CA  1 
ATOM   242 C  C   . VAL A 1 34  ? 10.993  -3.571  2.144   1.00 42.24 ? 34  VAL A C   1 
ATOM   243 O  O   . VAL A 1 34  ? 10.615  -4.546  2.833   1.00 43.21 ? 34  VAL A O   1 
ATOM   244 C  CB  . VAL A 1 34  ? 9.036   -2.129  2.781   1.00 39.53 ? 34  VAL A CB  1 
ATOM   245 C  CG1 . VAL A 1 34  ? 9.813   -1.496  3.903   1.00 40.29 ? 34  VAL A CG1 1 
ATOM   246 C  CG2 . VAL A 1 34  ? 7.953   -1.188  2.277   1.00 38.12 ? 34  VAL A CG2 1 
ATOM   247 N  N   . ALA A 1 35  ? 12.263  -3.377  1.805   1.00 44.51 ? 35  ALA A N   1 
ATOM   248 C  CA  . ALA A 1 35  ? 13.344  -4.231  2.304   1.00 50.96 ? 35  ALA A CA  1 
ATOM   249 C  C   . ALA A 1 35  ? 13.088  -5.731  2.062   1.00 46.78 ? 35  ALA A C   1 
ATOM   250 O  O   . ALA A 1 35  ? 13.259  -6.537  2.980   1.00 45.52 ? 35  ALA A O   1 
ATOM   251 C  CB  . ALA A 1 35  ? 13.568  -3.972  3.830   1.00 45.43 ? 35  ALA A CB  1 
ATOM   252 N  N   . GLY A 1 36  ? 12.654  -6.093  0.856   1.00 41.86 ? 36  GLY A N   1 
ATOM   253 C  CA  . GLY A 1 36  ? 12.409  -7.493  0.517   1.00 45.71 ? 36  GLY A CA  1 
ATOM   254 C  C   . GLY A 1 36  ? 11.008  -8.049  0.799   1.00 50.60 ? 36  GLY A C   1 
ATOM   255 O  O   . GLY A 1 36  ? 10.659  -9.116  0.314   1.00 47.15 ? 36  GLY A O   1 
ATOM   256 N  N   . GLU A 1 37  ? 10.220  -7.330  1.594   1.00 50.69 ? 37  GLU A N   1 
ATOM   257 C  CA  . GLU A 1 37  ? 8.834   -7.685  1.892   1.00 40.97 ? 37  GLU A CA  1 
ATOM   258 C  C   . GLU A 1 37  ? 7.849   -6.829  1.113   1.00 46.61 ? 37  GLU A C   1 
ATOM   259 O  O   . GLU A 1 37  ? 8.152   -5.677  0.777   1.00 44.33 ? 37  GLU A O   1 
ATOM   260 C  CB  . GLU A 1 37  ? 8.536   -7.511  3.386   1.00 45.53 ? 37  GLU A CB  1 
ATOM   261 C  CG  . GLU A 1 37  ? 9.417   -8.332  4.271   1.00 49.94 ? 37  GLU A CG  1 
ATOM   262 C  CD  . GLU A 1 37  ? 9.195   -9.800  4.019   1.00 63.84 ? 37  GLU A CD  1 
ATOM   263 O  OE1 . GLU A 1 37  ? 8.009   -10.205 3.954   1.00 76.47 ? 37  GLU A OE1 1 
ATOM   264 O  OE2 . GLU A 1 37  ? 10.191  -10.539 3.864   1.00 61.75 ? 37  GLU A OE2 1 
ATOM   265 N  N   . ILE A 1 38  ? 6.660   -7.377  0.876   1.00 41.43 ? 38  ILE A N   1 
ATOM   266 C  CA  . ILE A 1 38  ? 5.577   -6.664  0.219   1.00 40.92 ? 38  ILE A CA  1 
ATOM   267 C  C   . ILE A 1 38  ? 4.471   -6.315  1.233   1.00 41.68 ? 38  ILE A C   1 
ATOM   268 O  O   . ILE A 1 38  ? 4.211   -7.073  2.146   1.00 41.02 ? 38  ILE A O   1 
ATOM   269 C  CB  . ILE A 1 38  ? 4.999   -7.509  -0.918  1.00 41.02 ? 38  ILE A CB  1 
ATOM   270 C  CG1 . ILE A 1 38  ? 6.111   -7.938  -1.852  1.00 40.08 ? 38  ILE A CG1 1 
ATOM   271 C  CG2 . ILE A 1 38  ? 3.945   -6.744  -1.688  1.00 44.04 ? 38  ILE A CG2 1 
ATOM   272 C  CD1 . ILE A 1 38  ? 6.677   -6.804  -2.680  1.00 46.93 ? 38  ILE A CD1 1 
ATOM   273 N  N   . TYR A 1 39  ? 3.840   -5.159  1.092   1.00 40.18 ? 39  TYR A N   1 
ATOM   274 C  CA  . TYR A 1 39  ? 2.777   -4.768  2.015   1.00 40.96 ? 39  TYR A CA  1 
ATOM   275 C  C   . TYR A 1 39  ? 1.656   -4.084  1.234   1.00 41.33 ? 39  TYR A C   1 
ATOM   276 O  O   . TYR A 1 39  ? 1.839   -3.695  0.070   1.00 36.86 ? 39  TYR A O   1 
ATOM   277 C  CB  . TYR A 1 39  ? 3.291   -3.810  3.108   1.00 46.99 ? 39  TYR A CB  1 
ATOM   278 C  CG  . TYR A 1 39  ? 4.420   -4.309  3.985   1.00 40.71 ? 39  TYR A CG  1 
ATOM   279 C  CD1 . TYR A 1 39  ? 4.165   -4.948  5.202   1.00 35.39 ? 39  TYR A CD1 1 
ATOM   280 C  CD2 . TYR A 1 39  ? 5.746   -4.100  3.614   1.00 40.24 ? 39  TYR A CD2 1 
ATOM   281 C  CE1 . TYR A 1 39  ? 5.203   -5.402  6.014   1.00 29.90 ? 39  TYR A CE1 1 
ATOM   282 C  CE2 . TYR A 1 39  ? 6.792   -4.556  4.406   1.00 36.53 ? 39  TYR A CE2 1 
ATOM   283 C  CZ  . TYR A 1 39  ? 6.514   -5.201  5.595   1.00 42.28 ? 39  TYR A CZ  1 
ATOM   284 O  OH  . TYR A 1 39  ? 7.563   -5.618  6.365   1.00 47.06 ? 39  TYR A OH  1 
ATOM   285 N  N   . ALA A 1 40  ? 0.517   -3.880  1.888   1.00 37.63 ? 40  ALA A N   1 
ATOM   286 C  CA  . ALA A 1 40  ? -0.649  -3.382  1.171   1.00 35.96 ? 40  ALA A CA  1 
ATOM   287 C  C   . ALA A 1 40  ? -1.547  -2.480  2.004   1.00 42.49 ? 40  ALA A C   1 
ATOM   288 O  O   . ALA A 1 40  ? -1.783  -2.732  3.200   1.00 40.58 ? 40  ALA A O   1 
ATOM   289 C  CB  . ALA A 1 40  ? -1.467  -4.563  0.639   1.00 41.90 ? 40  ALA A CB  1 
ATOM   290 N  N   . THR A 1 41  ? -2.074  -1.436  1.367   1.00 39.14 ? 41  THR A N   1 
ATOM   291 C  CA  . THR A 1 41  ? -3.092  -0.611  2.011   1.00 38.99 ? 41  THR A CA  1 
ATOM   292 C  C   . THR A 1 41  ? -4.146  -0.211  1.008   1.00 40.00 ? 41  THR A C   1 
ATOM   293 O  O   . THR A 1 41  ? -4.000  -0.479  -0.186  1.00 42.05 ? 41  THR A O   1 
ATOM   294 C  CB  . THR A 1 41  ? -2.505  0.676   2.610   1.00 38.62 ? 41  THR A CB  1 
ATOM   295 O  OG1 . THR A 1 41  ? -1.810  1.370   1.575   1.00 40.18 ? 41  THR A OG1 1 
ATOM   296 C  CG2 . THR A 1 41  ? -1.543  0.373   3.774   1.00 40.72 ? 41  THR A CG2 1 
ATOM   297 N  N   . ASP A 1 42  ? -5.192  0.459   1.483   1.00 38.75 ? 42  ASP A N   1 
ATOM   298 C  CA  . ASP A 1 42  ? -6.084  1.176   0.575   1.00 40.58 ? 42  ASP A CA  1 
ATOM   299 C  C   . ASP A 1 42  ? -5.278  2.164   -0.256  1.00 48.72 ? 42  ASP A C   1 
ATOM   300 O  O   . ASP A 1 42  ? -4.336  2.807   0.255   1.00 49.69 ? 42  ASP A O   1 
ATOM   301 C  CB  . ASP A 1 42  ? -7.184  1.905   1.345   1.00 45.89 ? 42  ASP A CB  1 
ATOM   302 C  CG  . ASP A 1 42  ? -8.192  0.950   1.957   1.00 47.20 ? 42  ASP A CG  1 
ATOM   303 O  OD1 . ASP A 1 42  ? -8.494  -0.088  1.320   1.00 47.80 ? 42  ASP A OD1 1 
ATOM   304 O  OD2 . ASP A 1 42  ? -8.654  1.225   3.087   1.00 49.02 ? 42  ASP A OD2 1 
ATOM   305 N  N   . ASN A 1 43  ? -5.628  2.300   -1.532  1.00 49.07 ? 43  ASN A N   1 
ATOM   306 C  CA  . ASN A 1 43  ? -4.913  3.249   -2.375  1.00 44.94 ? 43  ASN A CA  1 
ATOM   307 C  C   . ASN A 1 43  ? -5.484  4.667   -2.286  1.00 43.45 ? 43  ASN A C   1 
ATOM   308 O  O   . ASN A 1 43  ? -5.172  5.547   -3.087  1.00 56.54 ? 43  ASN A O   1 
ATOM   309 C  CB  . ASN A 1 43  ? -4.893  2.758   -3.814  1.00 44.89 ? 43  ASN A CB  1 
ATOM   310 C  CG  . ASN A 1 43  ? -3.663  3.230   -4.546  1.00 45.07 ? 43  ASN A CG  1 
ATOM   311 O  OD1 . ASN A 1 43  ? -2.827  3.893   -3.954  1.00 51.84 ? 43  ASN A OD1 1 
ATOM   312 N  ND2 . ASN A 1 43  ? -3.547  2.910   -5.827  1.00 49.80 ? 43  ASN A ND2 1 
ATOM   313 N  N   . THR A 1 44  ? -6.295  4.895   -1.277  1.00 43.65 ? 44  THR A N   1 
ATOM   314 C  CA  . THR A 1 44  ? -6.906  6.179   -1.081  1.00 50.48 ? 44  THR A CA  1 
ATOM   315 C  C   . THR A 1 44  ? -6.486  6.746   0.248   1.00 49.54 ? 44  THR A C   1 
ATOM   316 O  O   . THR A 1 44  ? -6.702  6.117   1.290   1.00 51.87 ? 44  THR A O   1 
ATOM   317 C  CB  . THR A 1 44  ? -8.447  6.075   -1.147  1.00 53.38 ? 44  THR A CB  1 
ATOM   318 O  OG1 . THR A 1 44  ? -8.841  5.931   -2.517  1.00 50.13 ? 44  THR A OG1 1 
ATOM   319 C  CG2 . THR A 1 44  ? -9.113  7.313   -0.543  1.00 49.10 ? 44  THR A CG2 1 
ATOM   320 N  N   . CYS A 1 45  ? -5.881  7.925   0.202   1.00 45.10 ? 45  CYS A N   1 
ATOM   321 C  CA  . CYS A 1 45  ? -5.488  8.620   1.414   1.00 49.89 ? 45  CYS A CA  1 
ATOM   322 C  C   . CYS A 1 45  ? -6.707  8.794   2.278   1.00 51.12 ? 45  CYS A C   1 
ATOM   323 O  O   . CYS A 1 45  ? -7.802  8.986   1.768   1.00 60.30 ? 45  CYS A O   1 
ATOM   324 C  CB  . CYS A 1 45  ? -4.853  9.979   1.100   1.00 48.56 ? 45  CYS A CB  1 
ATOM   325 S  SG  . CYS A 1 45  ? -4.335  10.965  2.557   1.00 55.47 ? 45  CYS A SG  1 
ATOM   326 N  N   . THR A 1 46  ? -6.518  8.708   3.588   1.00 50.57 ? 46  THR A N   1 
ATOM   327 C  CA  . THR A 1 46  ? -7.590  8.948   4.531   1.00 40.98 ? 46  THR A CA  1 
ATOM   328 C  C   . THR A 1 46  ? -7.914  10.441  4.711   1.00 55.02 ? 46  THR A C   1 
ATOM   329 O  O   . THR A 1 46  ? -8.883  10.789  5.396   1.00 53.56 ? 46  THR A O   1 
ATOM   330 C  CB  . THR A 1 46  ? -7.239  8.366   5.897   1.00 47.29 ? 46  THR A CB  1 
ATOM   331 O  OG1 . THR A 1 46  ? -6.282  9.209   6.545   1.00 52.07 ? 46  THR A OG1 1 
ATOM   332 C  CG2 . THR A 1 46  ? -6.667  6.966   5.744   1.00 48.86 ? 46  THR A CG2 1 
ATOM   333 N  N   . HIS A 1 47  ? -7.112  11.325  4.118   1.00 52.45 ? 47  HIS A N   1 
ATOM   334 C  CA  . HIS A 1 47  ? -7.272  12.757  4.374   1.00 54.31 ? 47  HIS A CA  1 
ATOM   335 C  C   . HIS A 1 47  ? -8.038  13.427  3.249   1.00 55.29 ? 47  HIS A C   1 
ATOM   336 O  O   . HIS A 1 47  ? -8.622  14.493  3.429   1.00 51.66 ? 47  HIS A O   1 
ATOM   337 C  CB  . HIS A 1 47  ? -5.907  13.448  4.555   1.00 55.07 ? 47  HIS A CB  1 
ATOM   338 C  CG  . HIS A 1 47  ? -5.996  14.862  5.060   1.00 60.14 ? 47  HIS A CG  1 
ATOM   339 N  ND1 . HIS A 1 47  ? -5.780  15.960  4.254   1.00 56.51 ? 47  HIS A ND1 1 
ATOM   340 C  CD2 . HIS A 1 47  ? -6.275  15.354  6.292   1.00 62.99 ? 47  HIS A CD2 1 
ATOM   341 C  CE1 . HIS A 1 47  ? -5.909  17.066  4.968   1.00 54.96 ? 47  HIS A CE1 1 
ATOM   342 N  NE2 . HIS A 1 47  ? -6.214  16.728  6.206   1.00 58.91 ? 47  HIS A NE2 1 
ATOM   343 N  N   . GLY A 1 48  ? -8.028  12.813  2.080   1.00 55.54 ? 48  GLY A N   1 
ATOM   344 C  CA  . GLY A 1 48  ? -8.649  13.441  0.932   1.00 59.84 ? 48  GLY A CA  1 
ATOM   345 C  C   . GLY A 1 48  ? -8.672  12.526  -0.272  1.00 63.90 ? 48  GLY A C   1 
ATOM   346 O  O   . GLY A 1 48  ? -8.476  11.316  -0.154  1.00 62.82 ? 48  GLY A O   1 
ATOM   347 N  N   . ALA A 1 49  ? -8.900  13.109  -1.440  1.00 58.90 ? 49  ALA A N   1 
ATOM   348 C  CA  . ALA A 1 49  ? -9.096  12.316  -2.639  1.00 59.72 ? 49  ALA A CA  1 
ATOM   349 C  C   . ALA A 1 49  ? -7.777  11.995  -3.293  1.00 58.73 ? 49  ALA A C   1 
ATOM   350 O  O   . ALA A 1 49  ? -7.586  12.241  -4.485  1.00 62.68 ? 49  ALA A O   1 
ATOM   351 C  CB  . ALA A 1 49  ? -9.992  13.050  -3.607  1.00 64.08 ? 49  ALA A CB  1 
ATOM   352 N  N   . ALA A 1 50  ? -6.858  11.444  -2.517  1.00 58.74 ? 50  ALA A N   1 
ATOM   353 C  CA  . ALA A 1 50  ? -5.501  11.274  -3.013  1.00 58.65 ? 50  ALA A CA  1 
ATOM   354 C  C   . ALA A 1 50  ? -5.110  9.800   -3.184  1.00 56.33 ? 50  ALA A C   1 
ATOM   355 O  O   . ALA A 1 50  ? -5.376  8.946   -2.321  1.00 55.76 ? 50  ALA A O   1 
ATOM   356 C  CB  . ALA A 1 50  ? -4.537  11.983  -2.094  1.00 58.43 ? 50  ALA A CB  1 
ATOM   357 N  N   . ARG A 1 51  ? -4.475  9.520   -4.311  1.00 48.24 ? 51  ARG A N   1 
ATOM   358 C  CA  . ARG A 1 51  ? -4.109  8.165   -4.688  1.00 54.06 ? 51  ARG A CA  1 
ATOM   359 C  C   . ARG A 1 51  ? -2.642  7.842   -4.287  1.00 53.36 ? 51  ARG A C   1 
ATOM   360 O  O   . ARG A 1 51  ? -1.702  8.329   -4.910  1.00 47.79 ? 51  ARG A O   1 
ATOM   361 C  CB  . ARG A 1 51  ? -4.361  8.004   -6.197  1.00 47.26 ? 51  ARG A CB  1 
ATOM   362 C  CG  . ARG A 1 51  ? -3.621  6.879   -6.883  1.00 59.70 ? 51  ARG A CG  1 
ATOM   363 C  CD  . ARG A 1 51  ? -3.970  6.795   -8.373  1.00 67.49 ? 51  ARG A CD  1 
ATOM   364 N  NE  . ARG A 1 51  ? -5.290  6.195   -8.579  1.00 75.12 ? 51  ARG A NE  1 
ATOM   365 C  CZ  . ARG A 1 51  ? -5.481  4.916   -8.907  1.00 75.36 ? 51  ARG A CZ  1 
ATOM   366 N  NH1 . ARG A 1 51  ? -4.438  4.102   -9.082  1.00 68.12 ? 51  ARG A NH1 1 
ATOM   367 N  NH2 . ARG A 1 51  ? -6.713  4.447   -9.065  1.00 71.60 ? 51  ARG A NH2 1 
ATOM   368 N  N   . MET A 1 52  ? -2.450  7.026   -3.246  1.00 50.24 ? 52  MET A N   1 
ATOM   369 C  CA  . MET A 1 52  ? -1.101  6.758   -2.702  1.00 48.62 ? 52  MET A CA  1 
ATOM   370 C  C   . MET A 1 52  ? -0.099  6.167   -3.705  1.00 47.83 ? 52  MET A C   1 
ATOM   371 O  O   . MET A 1 52  ? 1.108   6.403   -3.603  1.00 52.99 ? 52  MET A O   1 
ATOM   372 C  CB  . MET A 1 52  ? -1.205  5.826   -1.505  1.00 47.75 ? 52  MET A CB  1 
ATOM   373 C  CG  . MET A 1 52  ? -2.328  6.201   -0.566  1.00 49.52 ? 52  MET A CG  1 
ATOM   374 S  SD  . MET A 1 52  ? -2.073  7.790   0.241   1.00 55.43 ? 52  MET A SD  1 
ATOM   375 C  CE  . MET A 1 52  ? -0.683  7.415   1.307   1.00 44.13 ? 52  MET A CE  1 
ATOM   376 N  N   . SER A 1 53  ? -0.587  5.430   -4.693  1.00 43.32 ? 53  SER A N   1 
ATOM   377 C  CA  . SER A 1 53  ? 0.307   4.852   -5.695  1.00 50.74 ? 53  SER A CA  1 
ATOM   378 C  C   . SER A 1 53  ? 1.049   5.904   -6.525  1.00 53.34 ? 53  SER A C   1 
ATOM   379 O  O   . SER A 1 53  ? 1.972   5.580   -7.278  1.00 50.60 ? 53  SER A O   1 
ATOM   380 C  CB  . SER A 1 53  ? -0.472  3.915   -6.618  1.00 52.18 ? 53  SER A CB  1 
ATOM   381 O  OG  . SER A 1 53  ? -1.540  4.588   -7.266  1.00 57.44 ? 53  SER A OG  1 
ATOM   382 N  N   . ASP A 1 54  ? 0.664   7.166   -6.407  1.00 52.90 ? 54  ASP A N   1 
ATOM   383 C  CA  . ASP A 1 54  ? 1.456   8.185   -7.087  1.00 61.89 ? 54  ASP A CA  1 
ATOM   384 C  C   . ASP A 1 54  ? 1.572   9.439   -6.222  1.00 64.08 ? 54  ASP A C   1 
ATOM   385 O  O   . ASP A 1 54  ? 0.733   10.312  -6.298  1.00 68.86 ? 54  ASP A O   1 
ATOM   386 C  CB  . ASP A 1 54  ? 0.881   8.513   -8.504  1.00 60.66 ? 54  ASP A CB  1 
ATOM   387 C  CG  . ASP A 1 54  ? -0.644  8.766   -8.529  1.00 53.37 ? 54  ASP A CG  1 
ATOM   388 O  OD1 . ASP A 1 54  ? -1.193  9.381   -7.612  1.00 58.94 ? 54  ASP A OD1 1 
ATOM   389 O  OD2 . ASP A 1 54  ? -1.318  8.375   -9.502  1.00 57.90 ? 54  ASP A OD2 1 
ATOM   390 N  N   . GLY A 1 55  ? 2.598   9.521   -5.379  1.00 59.33 ? 55  GLY A N   1 
ATOM   391 C  CA  . GLY A 1 55  ? 3.558   8.449   -5.215  1.00 57.72 ? 55  GLY A CA  1 
ATOM   392 C  C   . GLY A 1 55  ? 4.467   8.721   -4.034  1.00 46.78 ? 55  GLY A C   1 
ATOM   393 O  O   . GLY A 1 55  ? 4.043   9.315   -3.047  1.00 54.67 ? 55  GLY A O   1 
ATOM   394 N  N   A PHE A 1 56  ? 5.724   8.303   -4.153  0.56 49.43 ? 56  PHE A N   1 
ATOM   395 N  N   B PHE A 1 56  ? 5.685   8.193   -4.143  0.44 49.47 ? 56  PHE A N   1 
ATOM   396 C  CA  A PHE A 1 56  ? 6.830   8.519   -3.177  0.56 50.57 ? 56  PHE A CA  1 
ATOM   397 C  CA  B PHE A 1 56  ? 6.843   8.514   -3.291  0.44 50.56 ? 56  PHE A CA  1 
ATOM   398 C  C   A PHE A 1 56  ? 6.811   7.625   -1.952  0.56 44.03 ? 56  PHE A C   1 
ATOM   399 C  C   B PHE A 1 56  ? 6.890   7.685   -1.991  0.44 43.99 ? 56  PHE A C   1 
ATOM   400 O  O   A PHE A 1 56  ? 6.293   7.976   -0.885  0.56 43.89 ? 56  PHE A O   1 
ATOM   401 O  O   B PHE A 1 56  ? 6.440   8.121   -0.927  0.44 43.96 ? 56  PHE A O   1 
ATOM   402 C  CB  A PHE A 1 56  ? 6.933   9.968   -2.670  0.56 49.34 ? 56  PHE A CB  1 
ATOM   403 C  CB  B PHE A 1 56  ? 6.898   10.031  -2.981  0.44 49.62 ? 56  PHE A CB  1 
ATOM   404 C  CG  A PHE A 1 56  ? 8.259   10.264  -1.980  0.56 46.87 ? 56  PHE A CG  1 
ATOM   405 C  CG  B PHE A 1 56  ? 7.093   10.919  -4.214  0.44 49.75 ? 56  PHE A CG  1 
ATOM   406 C  CD1 A PHE A 1 56  ? 8.374   11.280  -1.039  0.56 48.93 ? 56  PHE A CD1 1 
ATOM   407 C  CD1 B PHE A 1 56  ? 7.082   10.394  -5.502  0.44 48.57 ? 56  PHE A CD1 1 
ATOM   408 C  CD2 A PHE A 1 56  ? 9.399   9.512   -2.285  0.56 44.78 ? 56  PHE A CD2 1 
ATOM   409 C  CD2 B PHE A 1 56  ? 7.291   12.292  -4.069  0.44 52.64 ? 56  PHE A CD2 1 
ATOM   410 C  CE1 A PHE A 1 56  ? 9.603   11.538  -0.415  0.56 47.68 ? 56  PHE A CE1 1 
ATOM   411 C  CE1 B PHE A 1 56  ? 7.247   11.220  -6.614  0.44 55.72 ? 56  PHE A CE1 1 
ATOM   412 C  CE2 A PHE A 1 56  ? 10.622  9.762   -1.668  0.28 42.27 ? 56  PHE A CE2 1 
ATOM   413 C  CE2 B PHE A 1 56  ? 7.467   13.125  -5.182  0.44 51.78 ? 56  PHE A CE2 1 
ATOM   414 C  CZ  A PHE A 1 56  ? 10.729  10.775  -0.740  0.56 41.49 ? 56  PHE A CZ  1 
ATOM   415 C  CZ  B PHE A 1 56  ? 7.454   12.587  -6.453  0.44 52.92 ? 56  PHE A CZ  1 
ATOM   416 N  N   . LEU A 1 57  ? 7.455   6.484   -2.102  1.00 44.27 ? 57  LEU A N   1 
ATOM   417 C  CA  . LEU A 1 57  ? 7.670   5.611   -0.965  1.00 47.52 ? 57  LEU A CA  1 
ATOM   418 C  C   . LEU A 1 57  ? 9.134   5.736   -0.588  1.00 43.50 ? 57  LEU A C   1 
ATOM   419 O  O   . LEU A 1 57  ? 10.054  5.491   -1.397  1.00 42.65 ? 57  LEU A O   1 
ATOM   420 C  CB  . LEU A 1 57  ? 7.300   4.143   -1.280  1.00 41.77 ? 57  LEU A CB  1 
ATOM   421 C  CG  . LEU A 1 57  ? 7.592   3.014   -0.265  1.00 40.86 ? 57  LEU A CG  1 
ATOM   422 C  CD1 . LEU A 1 57  ? 6.720   3.110   0.996   1.00 35.36 ? 57  LEU A CD1 1 
ATOM   423 C  CD2 . LEU A 1 57  ? 7.480   1.618   -0.926  1.00 31.85 ? 57  LEU A CD2 1 
ATOM   424 N  N   . GLU A 1 58  ? 9.346   6.125   0.653   1.00 37.60 ? 58  GLU A N   1 
ATOM   425 C  CA  . GLU A 1 58  ? 10.678  6.213   1.167   1.00 40.71 ? 58  GLU A CA  1 
ATOM   426 C  C   . GLU A 1 58  ? 10.820  5.290   2.356   1.00 37.57 ? 58  GLU A C   1 
ATOM   427 O  O   . GLU A 1 58  ? 10.283  5.578   3.428   1.00 34.25 ? 58  GLU A O   1 
ATOM   428 C  CB  . GLU A 1 58  ? 10.984  7.647   1.548   1.00 40.91 ? 58  GLU A CB  1 
ATOM   429 C  CG  . GLU A 1 58  ? 12.373  7.835   2.084   1.00 43.18 ? 58  GLU A CG  1 
ATOM   430 C  CD  . GLU A 1 58  ? 12.771  9.299   2.066   1.00 38.64 ? 58  GLU A CD  1 
ATOM   431 O  OE1 . GLU A 1 58  ? 11.851  10.146  2.030   1.00 37.78 ? 58  GLU A OE1 1 
ATOM   432 O  OE2 . GLU A 1 58  ? 13.985  9.576   2.029   1.00 35.15 ? 58  GLU A OE2 1 
ATOM   433 N  N   . GLY A 1 59  ? 11.556  4.190   2.170   1.00 29.63 ? 59  GLY A N   1 
ATOM   434 C  CA  . GLY A 1 59  ? 11.664  3.187   3.211   1.00 31.23 ? 59  GLY A CA  1 
ATOM   435 C  C   . GLY A 1 59  ? 10.272  2.562   3.409   1.00 40.06 ? 59  GLY A C   1 
ATOM   436 O  O   . GLY A 1 59  ? 9.641   2.046   2.480   1.00 37.87 ? 59  GLY A O   1 
ATOM   437 N  N   . ARG A 1 60  ? 9.768   2.633   4.622   1.00 36.12 ? 60  ARG A N   1 
ATOM   438 C  CA  . ARG A 1 60  ? 8.441   2.131   4.872   1.00 38.35 ? 60  ARG A CA  1 
ATOM   439 C  C   . ARG A 1 60  ? 7.433   3.273   4.958   1.00 42.71 ? 60  ARG A C   1 
ATOM   440 O  O   . ARG A 1 60  ? 6.304   3.076   5.375   1.00 40.40 ? 60  ARG A O   1 
ATOM   441 C  CB  . ARG A 1 60  ? 8.448   1.328   6.151   1.00 38.62 ? 60  ARG A CB  1 
ATOM   442 C  CG  . ARG A 1 60  ? 8.912   2.146   7.322   1.00 39.14 ? 60  ARG A CG  1 
ATOM   443 C  CD  . ARG A 1 60  ? 9.307   1.256   8.496   1.00 43.11 ? 60  ARG A CD  1 
ATOM   444 N  NE  . ARG A 1 60  ? 8.124   0.744   9.196   1.00 55.91 ? 60  ARG A NE  1 
ATOM   445 C  CZ  . ARG A 1 60  ? 8.153   -0.092  10.235  1.00 58.58 ? 60  ARG A CZ  1 
ATOM   446 N  NH1 . ARG A 1 60  ? 9.314   -0.513  10.720  1.00 58.73 ? 60  ARG A NH1 1 
ATOM   447 N  NH2 . ARG A 1 60  ? 7.017   -0.492  10.807  1.00 55.34 ? 60  ARG A NH2 1 
ATOM   448 N  N   . GLU A 1 61  ? 7.834   4.480   4.581   1.00 43.49 ? 61  GLU A N   1 
ATOM   449 C  CA  . GLU A 1 61  ? 6.923   5.611   4.718   1.00 37.95 ? 61  GLU A CA  1 
ATOM   450 C  C   . GLU A 1 61  ? 6.411   6.045   3.363   1.00 41.16 ? 61  GLU A C   1 
ATOM   451 O  O   . GLU A 1 61  ? 7.184   6.302   2.435   1.00 40.45 ? 61  GLU A O   1 
ATOM   452 C  CB  . GLU A 1 61  ? 7.605   6.778   5.419   1.00 38.92 ? 61  GLU A CB  1 
ATOM   453 C  CG  . GLU A 1 61  ? 8.034   6.471   6.841   1.00 34.97 ? 61  GLU A CG  1 
ATOM   454 C  CD  . GLU A 1 61  ? 8.544   7.703   7.560   1.00 39.22 ? 61  GLU A CD  1 
ATOM   455 O  OE1 . GLU A 1 61  ? 9.040   7.571   8.692   1.00 43.82 ? 61  GLU A OE1 1 
ATOM   456 O  OE2 . GLU A 1 61  ? 8.440   8.806   6.990   1.00 45.00 ? 61  GLU A OE2 1 
ATOM   457 N  N   . ILE A 1 62  ? 5.096   6.106   3.238   1.00 40.74 ? 62  ILE A N   1 
ATOM   458 C  CA  . ILE A 1 62  ? 4.505   6.509   1.968   1.00 42.64 ? 62  ILE A CA  1 
ATOM   459 C  C   . ILE A 1 62  ? 4.053   7.969   2.080   1.00 39.20 ? 62  ILE A C   1 
ATOM   460 O  O   . ILE A 1 62  ? 3.434   8.385   3.062   1.00 36.17 ? 62  ILE A O   1 
ATOM   461 C  CB  . ILE A 1 62  ? 3.323   5.550   1.557   1.00 37.06 ? 62  ILE A CB  1 
ATOM   462 C  CG1 . ILE A 1 62  ? 2.669   5.994   0.239   1.00 39.65 ? 62  ILE A CG1 1 
ATOM   463 C  CG2 . ILE A 1 62  ? 2.318   5.421   2.677   1.00 26.77 ? 62  ILE A CG2 1 
ATOM   464 C  CD1 . ILE A 1 62  ? 3.570   5.927   -0.966  1.00 36.41 ? 62  ILE A CD1 1 
ATOM   465 N  N   . GLU A 1 63  ? 4.395   8.767   1.084   1.00 43.07 ? 63  GLU A N   1 
ATOM   466 C  CA  . GLU A 1 63  ? 4.005   10.161  1.152   1.00 47.98 ? 63  GLU A CA  1 
ATOM   467 C  C   . GLU A 1 63  ? 2.833   10.411  0.242   1.00 47.96 ? 63  GLU A C   1 
ATOM   468 O  O   . GLU A 1 63  ? 2.873   10.126  -0.962  1.00 41.11 ? 63  GLU A O   1 
ATOM   469 C  CB  . GLU A 1 63  ? 5.161   11.084  0.779   1.00 50.03 ? 63  GLU A CB  1 
ATOM   470 C  CG  . GLU A 1 63  ? 4.936   12.548  1.150   1.00 52.25 ? 63  GLU A CG  1 
ATOM   471 C  CD  . GLU A 1 63  ? 6.087   13.425  0.686   1.00 51.27 ? 63  GLU A CD  1 
ATOM   472 O  OE1 . GLU A 1 63  ? 7.069   13.566  1.445   1.00 46.03 ? 63  GLU A OE1 1 
ATOM   473 O  OE2 . GLU A 1 63  ? 6.019   13.936  -0.449  1.00 54.40 ? 63  GLU A OE2 1 
ATOM   474 N  N   . CYS A 1 64  ? 1.773   10.938  0.833   1.00 48.66 ? 64  CYS A N   1 
ATOM   475 C  CA  . CYS A 1 64  ? 0.653   11.388  0.041   1.00 50.78 ? 64  CYS A CA  1 
ATOM   476 C  C   . CYS A 1 64  ? 1.132   12.423  -0.957  1.00 56.08 ? 64  CYS A C   1 
ATOM   477 O  O   . CYS A 1 64  ? 1.912   13.312  -0.609  1.00 58.69 ? 64  CYS A O   1 
ATOM   478 C  CB  . CYS A 1 64  ? -0.436  11.969  0.922   1.00 53.28 ? 64  CYS A CB  1 
ATOM   479 S  SG  . CYS A 1 64  ? -1.835  12.487  -0.053  1.00 53.64 ? 64  CYS A SG  1 
ATOM   480 N  N   . PRO A 1 65  ? 0.683   12.300  -2.213  1.00 64.94 ? 65  PRO A N   1 
ATOM   481 C  CA  . PRO A 1 65  ? 1.057   13.243  -3.280  1.00 53.30 ? 65  PRO A CA  1 
ATOM   482 C  C   . PRO A 1 65  ? 0.455   14.629  -3.083  1.00 52.61 ? 65  PRO A C   1 
ATOM   483 O  O   . PRO A 1 65  ? 0.928   15.586  -3.679  1.00 63.84 ? 65  PRO A O   1 
ATOM   484 C  CB  . PRO A 1 65  ? 0.472   12.600  -4.528  1.00 54.18 ? 65  PRO A CB  1 
ATOM   485 C  CG  . PRO A 1 65  ? -0.702  11.745  -3.994  1.00 53.31 ? 65  PRO A CG  1 
ATOM   486 C  CD  . PRO A 1 65  ? -0.213  11.224  -2.689  1.00 56.79 ? 65  PRO A CD  1 
ATOM   487 N  N   . LEU A 1 66  ? -0.577  14.726  -2.254  1.00 54.76 ? 66  LEU A N   1 
ATOM   488 C  CA  . LEU A 1 66  ? -1.316  15.973  -2.081  1.00 62.94 ? 66  LEU A CA  1 
ATOM   489 C  C   . LEU A 1 66  ? -0.740  16.868  -0.989  1.00 64.81 ? 66  LEU A C   1 
ATOM   490 O  O   . LEU A 1 66  ? -0.179  17.908  -1.288  1.00 69.16 ? 66  LEU A O   1 
ATOM   491 C  CB  . LEU A 1 66  ? -2.792  15.681  -1.771  1.00 65.70 ? 66  LEU A CB  1 
ATOM   492 C  CG  . LEU A 1 66  ? -3.778  16.735  -2.271  1.00 63.21 ? 66  LEU A CG  1 
ATOM   493 C  CD1 . LEU A 1 66  ? -3.537  16.983  -3.746  1.00 49.23 ? 66  LEU A CD1 1 
ATOM   494 C  CD2 . LEU A 1 66  ? -5.193  16.271  -2.046  1.00 65.85 ? 66  LEU A CD2 1 
ATOM   495 N  N   . HIS A 1 67  ? -0.904  16.469  0.268   1.00 59.51 ? 67  HIS A N   1 
ATOM   496 C  CA  . HIS A 1 67  ? -0.487  17.289  1.396   1.00 60.76 ? 67  HIS A CA  1 
ATOM   497 C  C   . HIS A 1 67  ? 0.657   16.659  2.167   1.00 65.61 ? 67  HIS A C   1 
ATOM   498 O  O   . HIS A 1 67  ? 0.909   17.029  3.336   1.00 56.70 ? 67  HIS A O   1 
ATOM   499 C  CB  . HIS A 1 67  ? -1.636  17.524  2.374   1.00 65.37 ? 67  HIS A CB  1 
ATOM   500 C  CG  . HIS A 1 67  ? -2.925  17.914  1.728   1.00 77.38 ? 67  HIS A CG  1 
ATOM   501 N  ND1 . HIS A 1 67  ? -3.964  17.023  1.540   1.00 76.46 ? 67  HIS A ND1 1 
ATOM   502 C  CD2 . HIS A 1 67  ? -3.355  19.107  1.249   1.00 72.04 ? 67  HIS A CD2 1 
ATOM   503 C  CE1 . HIS A 1 67  ? -4.973  17.650  0.959   1.00 74.41 ? 67  HIS A CE1 1 
ATOM   504 N  NE2 . HIS A 1 67  ? -4.630  18.915  0.775   1.00 79.51 ? 67  HIS A NE2 1 
ATOM   505 N  N   . GLN A 1 68  ? 1.314   15.681  1.544   1.00 59.09 ? 68  GLN A N   1 
ATOM   506 C  CA  . GLN A 1 68  ? 2.528   15.112  2.127   1.00 59.22 ? 68  GLN A CA  1 
ATOM   507 C  C   . GLN A 1 68  ? 2.301   14.491  3.510   1.00 53.04 ? 68  GLN A C   1 
ATOM   508 O  O   . GLN A 1 68  ? 3.212   14.458  4.343   1.00 55.06 ? 68  GLN A O   1 
ATOM   509 C  CB  . GLN A 1 68  ? 3.619   16.192  2.210   1.00 60.93 ? 68  GLN A CB  1 
ATOM   510 C  CG  . GLN A 1 68  ? 4.447   16.395  0.922   1.00 62.09 ? 68  GLN A CG  1 
ATOM   511 C  CD  . GLN A 1 68  ? 3.597   16.702  -0.307  1.00 72.08 ? 68  GLN A CD  1 
ATOM   512 O  OE1 . GLN A 1 68  ? 2.614   17.450  -0.224  1.00 72.70 ? 68  GLN A OE1 1 
ATOM   513 N  NE2 . GLN A 1 68  ? 3.968   16.114  -1.460  1.00 70.34 ? 68  GLN A NE2 1 
ATOM   514 N  N   . GLY A 1 69  ? 1.086   14.006  3.762   1.00 47.48 ? 69  GLY A N   1 
ATOM   515 C  CA  . GLY A 1 69  ? 0.855   13.193  4.941   1.00 48.46 ? 69  GLY A CA  1 
ATOM   516 C  C   . GLY A 1 69  ? 1.619   11.890  4.732   1.00 44.74 ? 69  GLY A C   1 
ATOM   517 O  O   . GLY A 1 69  ? 1.881   11.488  3.586   1.00 37.70 ? 69  GLY A O   1 
ATOM   518 N  N   . ARG A 1 70  ? 2.006   11.234  5.817   1.00 37.83 ? 70  ARG A N   1 
ATOM   519 C  CA  . ARG A 1 70  ? 2.789   10.016  5.650   1.00 47.28 ? 70  ARG A CA  1 
ATOM   520 C  C   . ARG A 1 70  ? 2.282   8.885   6.546   1.00 41.88 ? 70  ARG A C   1 
ATOM   521 O  O   . ARG A 1 70  ? 1.951   9.074   7.727   1.00 39.52 ? 70  ARG A O   1 
ATOM   522 C  CB  . ARG A 1 70  ? 4.296   10.279  5.893   1.00 41.06 ? 70  ARG A CB  1 
ATOM   523 C  CG  . ARG A 1 70  ? 5.034   10.976  4.706   1.00 48.43 ? 70  ARG A CG  1 
ATOM   524 C  CD  . ARG A 1 70  ? 6.550   11.260  4.989   1.00 52.33 ? 70  ARG A CD  1 
ATOM   525 N  NE  . ARG A 1 70  ? 6.903   10.950  6.383   1.00 53.13 ? 70  ARG A NE  1 
ATOM   526 C  CZ  . ARG A 1 70  ? 6.969   11.837  7.387   1.00 60.16 ? 70  ARG A CZ  1 
ATOM   527 N  NH1 . ARG A 1 70  ? 7.276   11.414  8.614   1.00 55.23 ? 70  ARG A NH1 1 
ATOM   528 N  NH2 . ARG A 1 70  ? 6.734   13.141  7.184   1.00 52.54 ? 70  ARG A NH2 1 
ATOM   529 N  N   . PHE A 1 71  ? 2.232   7.699   5.949   1.00 39.27 ? 71  PHE A N   1 
ATOM   530 C  CA  . PHE A 1 71  ? 1.849   6.488   6.659   1.00 40.73 ? 71  PHE A CA  1 
ATOM   531 C  C   . PHE A 1 71  ? 2.998   5.527   6.690   1.00 38.14 ? 71  PHE A C   1 
ATOM   532 O  O   . PHE A 1 71  ? 3.745   5.395   5.716   1.00 39.22 ? 71  PHE A O   1 
ATOM   533 C  CB  . PHE A 1 71  ? 0.666   5.785   5.995   1.00 32.72 ? 71  PHE A CB  1 
ATOM   534 C  CG  . PHE A 1 71  ? -0.565  6.624   5.901   1.00 37.63 ? 71  PHE A CG  1 
ATOM   535 C  CD1 . PHE A 1 71  ? -1.425  6.736   6.976   1.00 41.51 ? 71  PHE A CD1 1 
ATOM   536 C  CD2 . PHE A 1 71  ? -0.868  7.295   4.728   1.00 36.24 ? 71  PHE A CD2 1 
ATOM   537 C  CE1 . PHE A 1 71  ? -2.580  7.497   6.878   1.00 46.90 ? 71  PHE A CE1 1 
ATOM   538 C  CE2 . PHE A 1 71  ? -2.008  8.072   4.632   1.00 36.43 ? 71  PHE A CE2 1 
ATOM   539 C  CZ  . PHE A 1 71  ? -2.862  8.173   5.699   1.00 38.95 ? 71  PHE A CZ  1 
ATOM   540 N  N   . ASP A 1 72  ? 3.098   4.849   7.821   1.00 38.88 ? 72  ASP A N   1 
ATOM   541 C  CA  . ASP A 1 72  ? 3.915   3.683   7.979   1.00 35.35 ? 72  ASP A CA  1 
ATOM   542 C  C   . ASP A 1 72  ? 3.161   2.537   7.280   1.00 38.90 ? 72  ASP A C   1 
ATOM   543 O  O   . ASP A 1 72  ? 2.088   2.147   7.688   1.00 38.25 ? 72  ASP A O   1 
ATOM   544 C  CB  . ASP A 1 72  ? 4.145   3.426   9.475   1.00 34.56 ? 72  ASP A CB  1 
ATOM   545 C  CG  . ASP A 1 72  ? 4.977   2.181   9.752   1.00 41.58 ? 72  ASP A CG  1 
ATOM   546 O  OD1 . ASP A 1 72  ? 5.273   1.393   8.820   1.00 40.15 ? 72  ASP A OD1 1 
ATOM   547 O  OD2 . ASP A 1 72  ? 5.329   1.977   10.931  1.00 46.56 ? 72  ASP A OD2 1 
ATOM   548 N  N   . VAL A 1 73  ? 3.751   2.015   6.224   1.00 32.56 ? 73  VAL A N   1 
ATOM   549 C  CA  . VAL A 1 73  ? 3.135   1.047   5.357   1.00 32.60 ? 73  VAL A CA  1 
ATOM   550 C  C   . VAL A 1 73  ? 2.971   -0.329  6.024   1.00 40.48 ? 73  VAL A C   1 
ATOM   551 O  O   . VAL A 1 73  ? 2.093   -1.109  5.656   1.00 38.45 ? 73  VAL A O   1 
ATOM   552 C  CB  . VAL A 1 73  ? 3.974   0.977   4.071   1.00 39.99 ? 73  VAL A CB  1 
ATOM   553 C  CG1 . VAL A 1 73  ? 4.316   -0.439  3.641   1.00 40.08 ? 73  VAL A CG1 1 
ATOM   554 C  CG2 . VAL A 1 73  ? 3.327   1.800   2.974   1.00 35.66 ? 73  VAL A CG2 1 
ATOM   555 N  N   . CYS A 1 74  ? 3.788   -0.616  7.029   1.00 42.43 ? 74  CYS A N   1 
ATOM   556 C  CA  . CYS A 1 74  ? 3.732   -1.915  7.702   1.00 37.94 ? 74  CYS A CA  1 
ATOM   557 C  C   . CYS A 1 74  ? 2.634   -1.974  8.756   1.00 43.32 ? 74  CYS A C   1 
ATOM   558 O  O   . CYS A 1 74  ? 2.073   -3.035  8.994   1.00 45.80 ? 74  CYS A O   1 
ATOM   559 C  CB  . CYS A 1 74  ? 5.072   -2.260  8.354   1.00 32.62 ? 74  CYS A CB  1 
ATOM   560 S  SG  . CYS A 1 74  ? 6.485   -1.989  7.242   1.00 47.32 ? 74  CYS A SG  1 
ATOM   561 N  N   . THR A 1 75  ? 2.316   -0.838  9.364   1.00 41.11 ? 75  THR A N   1 
ATOM   562 C  CA  . THR A 1 75  ? 1.298   -0.809  10.398  1.00 42.95 ? 75  THR A CA  1 
ATOM   563 C  C   . THR A 1 75  ? 0.063   -0.022  9.986   1.00 47.74 ? 75  THR A C   1 
ATOM   564 O  O   . THR A 1 75  ? -0.938  -0.010  10.712  1.00 44.89 ? 75  THR A O   1 
ATOM   565 C  CB  . THR A 1 75  ? 1.835   -0.173  11.671  1.00 44.45 ? 75  THR A CB  1 
ATOM   566 O  OG1 . THR A 1 75  ? 2.254   1.162   11.349  1.00 46.56 ? 75  THR A OG1 1 
ATOM   567 C  CG2 . THR A 1 75  ? 3.004   -0.969  12.195  1.00 38.42 ? 75  THR A CG2 1 
ATOM   568 N  N   . GLY A 1 76  ? 0.156   0.669   8.853   1.00 42.09 ? 76  GLY A N   1 
ATOM   569 C  CA  . GLY A 1 76  ? -0.882  1.590   8.425   1.00 37.58 ? 76  GLY A CA  1 
ATOM   570 C  C   . GLY A 1 76  ? -1.048  2.821   9.294   1.00 41.87 ? 76  GLY A C   1 
ATOM   571 O  O   . GLY A 1 76  ? -2.001  3.574   9.109   1.00 43.60 ? 76  GLY A O   1 
ATOM   572 N  N   . LYS A 1 77  ? -0.131  3.054   10.233  1.00 41.84 ? 77  LYS A N   1 
ATOM   573 C  CA  . LYS A 1 77  ? -0.292  4.196   11.145  1.00 41.94 ? 77  LYS A CA  1 
ATOM   574 C  C   . LYS A 1 77  ? 0.134   5.524   10.519  1.00 42.35 ? 77  LYS A C   1 
ATOM   575 O  O   . LYS A 1 77  ? 1.057   5.596   9.686   1.00 43.18 ? 77  LYS A O   1 
ATOM   576 C  CB  . LYS A 1 77  ? 0.464   3.962   12.449  1.00 45.01 ? 77  LYS A CB  1 
ATOM   577 C  CG  . LYS A 1 77  ? -0.151  2.848   13.303  1.00 45.37 ? 77  LYS A CG  1 
ATOM   578 C  CD  . LYS A 1 77  ? 0.699   2.550   14.529  1.00 45.01 ? 77  LYS A CD  1 
ATOM   579 C  CE  . LYS A 1 77  ? 0.057   1.439   15.397  1.00 51.65 ? 77  LYS A CE  1 
ATOM   580 N  NZ  . LYS A 1 77  ? -1.410  1.662   15.673  1.00 42.46 ? 77  LYS A NZ  1 
ATOM   581 N  N   . ALA A 1 78  ? -0.600  6.566   10.895  1.00 42.99 ? 78  ALA A N   1 
ATOM   582 C  CA  . ALA A 1 78  ? -0.414  7.889   10.352  1.00 43.44 ? 78  ALA A CA  1 
ATOM   583 C  C   . ALA A 1 78  ? 0.726   8.547   11.110  1.00 46.17 ? 78  ALA A C   1 
ATOM   584 O  O   . ALA A 1 78  ? 0.802   8.432   12.332  1.00 42.02 ? 78  ALA A O   1 
ATOM   585 C  CB  . ALA A 1 78  ? -1.684  8.690   10.469  1.00 51.13 ? 78  ALA A CB  1 
ATOM   586 N  N   . LEU A 1 79  ? 1.621   9.225   10.392  1.00 49.63 ? 79  LEU A N   1 
ATOM   587 C  CA  . LEU A 1 79  ? 2.850   9.692   11.026  1.00 53.37 ? 79  LEU A CA  1 
ATOM   588 C  C   . LEU A 1 79  ? 2.840   11.195  11.290  1.00 53.55 ? 79  LEU A C   1 
ATOM   589 O  O   . LEU A 1 79  ? 3.141   11.644  12.390  1.00 59.67 ? 79  LEU A O   1 
ATOM   590 C  CB  . LEU A 1 79  ? 4.046   9.303   10.167  1.00 44.69 ? 79  LEU A CB  1 
ATOM   591 C  CG  . LEU A 1 79  ? 4.108   7.789   9.949   1.00 39.19 ? 79  LEU A CG  1 
ATOM   592 C  CD1 . LEU A 1 79  ? 5.293   7.385   9.087   1.00 34.02 ? 79  LEU A CD1 1 
ATOM   593 C  CD2 . LEU A 1 79  ? 4.141   7.079   11.266  1.00 30.62 ? 79  LEU A CD2 1 
ATOM   594 N  N   . CYS A 1 80  ? 2.464   11.972  10.293  1.00 54.51 ? 80  CYS A N   1 
ATOM   595 C  CA  . CYS A 1 80  ? 2.545   13.419  10.415  1.00 55.61 ? 80  CYS A CA  1 
ATOM   596 C  C   . CYS A 1 80  ? 1.286   14.091  9.911   1.00 58.86 ? 80  CYS A C   1 
ATOM   597 O  O   . CYS A 1 80  ? 0.518   13.511  9.147   1.00 57.11 ? 80  CYS A O   1 
ATOM   598 C  CB  . CYS A 1 80  ? 3.734   13.948  9.639   1.00 39.74 ? 80  CYS A CB  1 
ATOM   599 S  SG  . CYS A 1 80  ? 3.542   13.779  7.870   1.00 48.97 ? 80  CYS A SG  1 
ATOM   600 N  N   . THR A 1 81  ? 1.083   15.328  10.330  1.00 55.54 ? 81  THR A N   1 
ATOM   601 C  CA  . THR A 1 81  ? -0.031  16.099  9.836   1.00 54.46 ? 81  THR A CA  1 
ATOM   602 C  C   . THR A 1 81  ? 0.142   16.303  8.325   1.00 52.84 ? 81  THR A C   1 
ATOM   603 O  O   . THR A 1 81  ? 1.248   16.137  7.801   1.00 51.91 ? 81  THR A O   1 
ATOM   604 C  CB  . THR A 1 81  ? -0.129  17.420  10.577  1.00 59.76 ? 81  THR A CB  1 
ATOM   605 O  OG1 . THR A 1 81  ? 1.137   18.081  10.505  1.00 62.64 ? 81  THR A OG1 1 
ATOM   606 C  CG2 . THR A 1 81  ? -0.516  17.158  12.040  1.00 59.42 ? 81  THR A CG2 1 
ATOM   607 N  N   . PRO A 1 82  ? -0.951  16.641  7.609   1.00 55.16 ? 82  PRO A N   1 
ATOM   608 C  CA  . PRO A 1 82  ? -2.306  16.946  8.106   1.00 58.42 ? 82  PRO A CA  1 
ATOM   609 C  C   . PRO A 1 82  ? -3.115  15.756  8.643   1.00 56.82 ? 82  PRO A C   1 
ATOM   610 O  O   . PRO A 1 82  ? -4.189  15.997  9.179   1.00 63.27 ? 82  PRO A O   1 
ATOM   611 C  CB  . PRO A 1 82  ? -2.999  17.530  6.869   1.00 51.91 ? 82  PRO A CB  1 
ATOM   612 C  CG  . PRO A 1 82  ? -2.319  16.911  5.735   1.00 52.13 ? 82  PRO A CG  1 
ATOM   613 C  CD  . PRO A 1 82  ? -0.877  16.765  6.143   1.00 49.09 ? 82  PRO A CD  1 
ATOM   614 N  N   . LEU A 1 83  ? -2.621  14.524  8.522   1.00 57.86 ? 83  LEU A N   1 
ATOM   615 C  CA  . LEU A 1 83  ? -3.445  13.336  8.791   1.00 56.03 ? 83  LEU A CA  1 
ATOM   616 C  C   . LEU A 1 83  ? -4.050  13.266  10.179  1.00 51.00 ? 83  LEU A C   1 
ATOM   617 O  O   . LEU A 1 83  ? -3.478  13.748  11.159  1.00 53.97 ? 83  LEU A O   1 
ATOM   618 C  CB  . LEU A 1 83  ? -2.644  12.053  8.589   1.00 46.82 ? 83  LEU A CB  1 
ATOM   619 C  CG  . LEU A 1 83  ? -1.823  11.917  7.322   1.00 45.41 ? 83  LEU A CG  1 
ATOM   620 C  CD1 . LEU A 1 83  ? -1.135  10.589  7.404   1.00 43.10 ? 83  LEU A CD1 1 
ATOM   621 C  CD2 . LEU A 1 83  ? -2.663  12.052  6.073   1.00 45.25 ? 83  LEU A CD2 1 
ATOM   622 N  N   . THR A 1 84  ? -5.204  12.622  10.248  1.00 56.59 ? 84  THR A N   1 
ATOM   623 C  CA  . THR A 1 84  ? -5.803  12.295  11.524  1.00 57.47 ? 84  THR A CA  1 
ATOM   624 C  C   . THR A 1 84  ? -6.227  10.828  11.632  1.00 54.97 ? 84  THR A C   1 
ATOM   625 O  O   . THR A 1 84  ? -6.529  10.339  12.723  1.00 61.20 ? 84  THR A O   1 
ATOM   626 C  CB  . THR A 1 84  ? -7.033  13.175  11.809  1.00 58.20 ? 84  THR A CB  1 
ATOM   627 O  OG1 . THR A 1 84  ? -7.573  12.803  13.084  1.00 60.46 ? 84  THR A OG1 1 
ATOM   628 C  CG2 . THR A 1 84  ? -8.112  13.003  10.714  1.00 56.09 ? 84  THR A CG2 1 
ATOM   629 N  N   . GLN A 1 85  ? -6.264  10.121  10.514  1.00 50.58 ? 85  GLN A N   1 
ATOM   630 C  CA  . GLN A 1 85  ? -6.824  8.775   10.534  1.00 59.77 ? 85  GLN A CA  1 
ATOM   631 C  C   . GLN A 1 85  ? -5.865  7.752   9.905   1.00 60.96 ? 85  GLN A C   1 
ATOM   632 O  O   . GLN A 1 85  ? -5.303  7.988   8.814   1.00 50.59 ? 85  GLN A O   1 
ATOM   633 C  CB  . GLN A 1 85  ? -8.193  8.779   9.823   1.00 65.49 ? 85  GLN A CB  1 
ATOM   634 C  CG  . GLN A 1 85  ? -8.856  7.407   9.588   1.00 58.58 ? 85  GLN A CG  1 
ATOM   635 C  CD  . GLN A 1 85  ? -9.384  6.778   10.850  1.00 70.53 ? 85  GLN A CD  1 
ATOM   636 O  OE1 . GLN A 1 85  ? -9.979  7.457   11.696  1.00 80.30 ? 85  GLN A OE1 1 
ATOM   637 N  NE2 . GLN A 1 85  ? -9.152  5.470   11.004  1.00 74.03 ? 85  GLN A NE2 1 
ATOM   638 N  N   . ASP A 1 86  ? -5.671  6.631   10.609  1.00 51.71 ? 86  ASP A N   1 
ATOM   639 C  CA  . ASP A 1 86  ? -4.804  5.564   10.111  1.00 50.82 ? 86  ASP A CA  1 
ATOM   640 C  C   . ASP A 1 86  ? -5.417  4.943   8.868   1.00 49.64 ? 86  ASP A C   1 
ATOM   641 O  O   . ASP A 1 86  ? -6.631  4.932   8.727   1.00 57.25 ? 86  ASP A O   1 
ATOM   642 C  CB  . ASP A 1 86  ? -4.570  4.507   11.192  1.00 47.00 ? 86  ASP A CB  1 
ATOM   643 C  CG  . ASP A 1 86  ? -3.931  5.093   12.425  1.00 52.64 ? 86  ASP A CG  1 
ATOM   644 O  OD1 . ASP A 1 86  ? -4.252  4.656   13.564  1.00 43.17 ? 86  ASP A OD1 1 
ATOM   645 O  OD2 . ASP A 1 86  ? -3.112  6.024   12.234  1.00 50.70 ? 86  ASP A OD2 1 
ATOM   646 N  N   . ILE A 1 87  ? -4.582  4.452   7.961   1.00 44.42 ? 87  ILE A N   1 
ATOM   647 C  CA  . ILE A 1 87  ? -5.069  3.810   6.750   1.00 45.43 ? 87  ILE A CA  1 
ATOM   648 C  C   . ILE A 1 87  ? -5.195  2.298   6.948   1.00 48.70 ? 87  ILE A C   1 
ATOM   649 O  O   . ILE A 1 87  ? -4.509  1.711   7.795   1.00 49.38 ? 87  ILE A O   1 
ATOM   650 C  CB  . ILE A 1 87  ? -4.153  4.100   5.544   1.00 47.07 ? 87  ILE A CB  1 
ATOM   651 C  CG1 . ILE A 1 87  ? -4.922  3.865   4.229   1.00 45.92 ? 87  ILE A CG1 1 
ATOM   652 C  CG2 . ILE A 1 87  ? -2.868  3.278   5.646   1.00 40.47 ? 87  ILE A CG2 1 
ATOM   653 C  CD1 . ILE A 1 87  ? -4.262  4.401   2.971   1.00 43.05 ? 87  ILE A CD1 1 
ATOM   654 N  N   . LYS A 1 88  ? -6.080  1.670   6.174   1.00 51.52 ? 88  LYS A N   1 
ATOM   655 C  CA  . LYS A 1 88  ? -6.340  0.235   6.326   1.00 49.12 ? 88  LYS A CA  1 
ATOM   656 C  C   . LYS A 1 88  ? -5.267  -0.596  5.643   1.00 42.66 ? 88  LYS A C   1 
ATOM   657 O  O   . LYS A 1 88  ? -4.901  -0.322  4.505   1.00 42.67 ? 88  LYS A O   1 
ATOM   658 C  CB  . LYS A 1 88  ? -7.722  -0.162  5.765   1.00 43.18 ? 88  LYS A CB  1 
ATOM   659 C  CG  . LYS A 1 88  ? -8.066  -1.649  6.007   1.00 46.86 ? 88  LYS A CG  1 
ATOM   660 C  CD  . LYS A 1 88  ? -9.503  -1.984  5.617   1.00 59.85 ? 88  LYS A CD  1 
ATOM   661 C  CE  . LYS A 1 88  ? -9.936  -3.360  6.148   1.00 60.62 ? 88  LYS A CE  1 
ATOM   662 N  NZ  . LYS A 1 88  ? -11.443 -3.489  6.139   1.00 60.71 ? 88  LYS A NZ  1 
ATOM   663 N  N   . THR A 1 89  ? -4.810  -1.635  6.336   1.00 41.85 ? 89  THR A N   1 
ATOM   664 C  CA  . THR A 1 89  ? -3.786  -2.526  5.823   1.00 45.89 ? 89  THR A CA  1 
ATOM   665 C  C   . THR A 1 89  ? -4.424  -3.856  5.467   1.00 43.74 ? 89  THR A C   1 
ATOM   666 O  O   . THR A 1 89  ? -5.472  -4.179  5.987   1.00 43.87 ? 89  THR A O   1 
ATOM   667 C  CB  . THR A 1 89  ? -2.676  -2.753  6.857   1.00 44.78 ? 89  THR A CB  1 
ATOM   668 O  OG1 . THR A 1 89  ? -3.263  -3.245  8.071   1.00 52.86 ? 89  THR A OG1 1 
ATOM   669 C  CG2 . THR A 1 89  ? -1.976  -1.456  7.161   1.00 40.36 ? 89  THR A CG2 1 
ATOM   670 N  N   . TYR A 1 90  ? -3.780  -4.623  4.596   1.00 40.04 ? 90  TYR A N   1 
ATOM   671 C  CA  . TYR A 1 90  ? -4.265  -5.941  4.216   1.00 43.96 ? 90  TYR A CA  1 
ATOM   672 C  C   . TYR A 1 90  ? -3.094  -6.909  4.298   1.00 40.96 ? 90  TYR A C   1 
ATOM   673 O  O   . TYR A 1 90  ? -2.025  -6.626  3.808   1.00 40.36 ? 90  TYR A O   1 
ATOM   674 C  CB  . TYR A 1 90  ? -4.891  -5.933  2.799   1.00 44.47 ? 90  TYR A CB  1 
ATOM   675 C  CG  . TYR A 1 90  ? -6.114  -5.024  2.666   1.00 53.87 ? 90  TYR A CG  1 
ATOM   676 C  CD1 . TYR A 1 90  ? -7.376  -5.441  3.097   1.00 44.19 ? 90  TYR A CD1 1 
ATOM   677 C  CD2 . TYR A 1 90  ? -6.004  -3.743  2.121   1.00 51.55 ? 90  TYR A CD2 1 
ATOM   678 C  CE1 . TYR A 1 90  ? -8.478  -4.611  2.997   1.00 50.72 ? 90  TYR A CE1 1 
ATOM   679 C  CE2 . TYR A 1 90  ? -7.124  -2.901  2.015   1.00 48.70 ? 90  TYR A CE2 1 
ATOM   680 C  CZ  . TYR A 1 90  ? -8.352  -3.343  2.455   1.00 54.66 ? 90  TYR A CZ  1 
ATOM   681 O  OH  . TYR A 1 90  ? -9.455  -2.522  2.354   1.00 55.39 ? 90  TYR A OH  1 
ATOM   682 N  N   . PRO A 1 91  ? -3.288  -8.054  4.957   1.00 48.15 ? 91  PRO A N   1 
ATOM   683 C  CA  . PRO A 1 91  ? -2.233  -9.074  4.996   1.00 40.74 ? 91  PRO A CA  1 
ATOM   684 C  C   . PRO A 1 91  ? -1.727  -9.497  3.604   1.00 43.38 ? 91  PRO A C   1 
ATOM   685 O  O   . PRO A 1 91  ? -2.523  -9.681  2.681   1.00 44.35 ? 91  PRO A O   1 
ATOM   686 C  CB  . PRO A 1 91  ? -2.927  -10.254 5.690   1.00 44.16 ? 91  PRO A CB  1 
ATOM   687 C  CG  . PRO A 1 91  ? -3.976  -9.612  6.561   1.00 41.49 ? 91  PRO A CG  1 
ATOM   688 C  CD  . PRO A 1 91  ? -4.452  -8.404  5.797   1.00 40.06 ? 91  PRO A CD  1 
ATOM   689 N  N   . VAL A 1 92  ? -0.422  -9.674  3.442   1.00 35.82 ? 92  VAL A N   1 
ATOM   690 C  CA  . VAL A 1 92  ? 0.042   -10.279 2.201   1.00 45.30 ? 92  VAL A CA  1 
ATOM   691 C  C   . VAL A 1 92  ? 0.947   -11.464 2.480   1.00 44.20 ? 92  VAL A C   1 
ATOM   692 O  O   . VAL A 1 92  ? 1.580   -11.534 3.531   1.00 46.50 ? 92  VAL A O   1 
ATOM   693 C  CB  . VAL A 1 92  ? 0.765   -9.245  1.275   1.00 45.20 ? 92  VAL A CB  1 
ATOM   694 C  CG1 . VAL A 1 92  ? 0.874   -7.881  1.950   1.00 46.09 ? 92  VAL A CG1 1 
ATOM   695 C  CG2 . VAL A 1 92  ? 2.129   -9.741  0.816   1.00 40.87 ? 92  VAL A CG2 1 
ATOM   696 N  N   . LYS A 1 93  ? 0.942   -12.439 1.574   1.00 41.96 ? 93  LYS A N   1 
ATOM   697 C  CA  . LYS A 1 93  ? 1.968   -13.466 1.608   1.00 52.72 ? 93  LYS A CA  1 
ATOM   698 C  C   . LYS A 1 93  ? 2.445   -13.682 0.181   1.00 48.97 ? 93  LYS A C   1 
ATOM   699 O  O   . LYS A 1 93  ? 1.684   -13.572 -0.774  1.00 48.24 ? 93  LYS A O   1 
ATOM   700 C  CB  . LYS A 1 93  ? 1.481   -14.778 2.267   1.00 49.00 ? 93  LYS A CB  1 
ATOM   701 C  CG  . LYS A 1 93  ? 0.138   -15.309 1.804   1.00 58.90 ? 93  LYS A CG  1 
ATOM   702 C  CD  . LYS A 1 93  ? -0.195  -16.671 2.468   1.00 66.57 ? 93  LYS A CD  1 
ATOM   703 C  CE  . LYS A 1 93  ? -1.641  -17.119 2.173   1.00 60.17 ? 93  LYS A CE  1 
ATOM   704 N  NZ  . LYS A 1 93  ? -1.901  -18.561 2.465   1.00 66.79 ? 93  LYS A NZ  1 
ATOM   705 N  N   . ILE A 1 94  ? 3.734   -13.924 0.034   1.00 50.77 ? 94  ILE A N   1 
ATOM   706 C  CA  . ILE A 1 94  ? 4.274   -14.164 -1.282  1.00 52.75 ? 94  ILE A CA  1 
ATOM   707 C  C   . ILE A 1 94  ? 4.367   -15.664 -1.398  1.00 54.33 ? 94  ILE A C   1 
ATOM   708 O  O   . ILE A 1 94  ? 4.879   -16.307 -0.473  1.00 49.38 ? 94  ILE A O   1 
ATOM   709 C  CB  . ILE A 1 94  ? 5.668   -13.525 -1.499  1.00 50.82 ? 94  ILE A CB  1 
ATOM   710 C  CG1 . ILE A 1 94  ? 5.683   -12.066 -1.026  1.00 49.79 ? 94  ILE A CG1 1 
ATOM   711 C  CG2 . ILE A 1 94  ? 6.084   -13.658 -2.972  1.00 42.27 ? 94  ILE A CG2 1 
ATOM   712 C  CD1 . ILE A 1 94  ? 4.710   -11.174 -1.757  1.00 50.84 ? 94  ILE A CD1 1 
ATOM   713 N  N   . GLU A 1 95  ? 3.870   -16.206 -2.516  1.00 52.21 ? 95  GLU A N   1 
ATOM   714 C  CA  . GLU A 1 95  ? 3.776   -17.652 -2.737  1.00 56.70 ? 95  GLU A CA  1 
ATOM   715 C  C   . GLU A 1 95  ? 3.982   -17.960 -4.195  1.00 53.35 ? 95  GLU A C   1 
ATOM   716 O  O   . GLU A 1 95  ? 3.182   -17.535 -5.028  1.00 58.79 ? 95  GLU A O   1 
ATOM   717 C  CB  . GLU A 1 95  ? 2.411   -18.189 -2.294  1.00 59.66 ? 95  GLU A CB  1 
ATOM   718 C  CG  . GLU A 1 95  ? 2.204   -18.284 -0.798  1.00 60.75 ? 95  GLU A CG  1 
ATOM   719 C  CD  . GLU A 1 95  ? 2.232   -19.724 -0.310  1.00 76.26 ? 95  GLU A CD  1 
ATOM   720 O  OE1 . GLU A 1 95  ? 1.885   -20.627 -1.113  1.00 74.74 ? 95  GLU A OE1 1 
ATOM   721 O  OE2 . GLU A 1 95  ? 2.600   -19.952 0.867   1.00 73.81 ? 95  GLU A OE2 1 
ATOM   722 N  N   . ASN A 1 96  ? 5.046   -18.694 -4.503  1.00 51.89 ? 96  ASN A N   1 
ATOM   723 C  CA  . ASN A 1 96  ? 5.337   -19.062 -5.884  1.00 57.29 ? 96  ASN A CA  1 
ATOM   724 C  C   . ASN A 1 96  ? 5.309   -17.843 -6.793  1.00 58.57 ? 96  ASN A C   1 
ATOM   725 O  O   . ASN A 1 96  ? 4.609   -17.839 -7.819  1.00 57.41 ? 96  ASN A O   1 
ATOM   726 C  CB  . ASN A 1 96  ? 4.331   -20.117 -6.367  1.00 55.70 ? 96  ASN A CB  1 
ATOM   727 C  CG  . ASN A 1 96  ? 4.194   -21.265 -5.387  1.00 57.34 ? 96  ASN A CG  1 
ATOM   728 O  OD1 . ASN A 1 96  ? 5.132   -22.041 -5.196  1.00 59.36 ? 96  ASN A OD1 1 
ATOM   729 N  ND2 . ASN A 1 96  ? 3.037   -21.367 -4.746  1.00 58.26 ? 96  ASN A ND2 1 
ATOM   730 N  N   . MET A 1 97  ? 6.038   -16.802 -6.379  1.00 53.26 ? 97  MET A N   1 
ATOM   731 C  CA  . MET A 1 97  ? 6.106   -15.529 -7.106  1.00 52.56 ? 97  MET A CA  1 
ATOM   732 C  C   . MET A 1 97  ? 4.748   -14.865 -7.291  1.00 47.24 ? 97  MET A C   1 
ATOM   733 O  O   . MET A 1 97  ? 4.581   -14.050 -8.180  1.00 53.80 ? 97  MET A O   1 
ATOM   734 C  CB  . MET A 1 97  ? 6.765   -15.710 -8.482  1.00 50.27 ? 97  MET A CB  1 
ATOM   735 C  CG  . MET A 1 97  ? 8.242   -16.064 -8.416  1.00 54.10 ? 97  MET A CG  1 
ATOM   736 S  SD  . MET A 1 97  ? 9.267   -14.651 -7.964  1.00 63.74 ? 97  MET A SD  1 
ATOM   737 C  CE  . MET A 1 97  ? 9.476   -13.850 -9.559  1.00 63.25 ? 97  MET A CE  1 
ATOM   738 N  N   . ARG A 1 98  ? 3.768   -15.196 -6.469  1.00 48.27 ? 98  ARG A N   1 
ATOM   739 C  CA  . ARG A 1 98  ? 2.511   -14.468 -6.563  1.00 50.88 ? 98  ARG A CA  1 
ATOM   740 C  C   . ARG A 1 98  ? 2.289   -13.680 -5.298  1.00 44.58 ? 98  ARG A C   1 
ATOM   741 O  O   . ARG A 1 98  ? 2.708   -14.092 -4.228  1.00 51.77 ? 98  ARG A O   1 
ATOM   742 C  CB  . ARG A 1 98  ? 1.321   -15.411 -6.811  1.00 51.56 ? 98  ARG A CB  1 
ATOM   743 C  CG  . ARG A 1 98  ? 1.382   -16.209 -8.106  1.00 50.61 ? 98  ARG A CG  1 
ATOM   744 C  CD  . ARG A 1 98  ? 1.515   -15.326 -9.332  1.00 50.00 ? 98  ARG A CD  1 
ATOM   745 N  NE  . ARG A 1 98  ? 0.378   -14.426 -9.505  1.00 45.35 ? 98  ARG A NE  1 
ATOM   746 C  CZ  . ARG A 1 98  ? 0.265   -13.548 -10.506 1.00 50.86 ? 98  ARG A CZ  1 
ATOM   747 N  NH1 . ARG A 1 98  ? 1.223   -13.444 -11.433 1.00 52.49 ? 98  ARG A NH1 1 
ATOM   748 N  NH2 . ARG A 1 98  ? -0.794  -12.756 -10.572 1.00 49.29 ? 98  ARG A NH2 1 
ATOM   749 N  N   . VAL A 1 99  ? 1.609   -12.554 -5.420  1.00 43.61 ? 99  VAL A N   1 
ATOM   750 C  CA  . VAL A 1 99  ? 1.230   -11.775 -4.261  1.00 45.64 ? 99  VAL A CA  1 
ATOM   751 C  C   . VAL A 1 99  ? -0.214  -12.083 -3.811  1.00 43.77 ? 99  VAL A C   1 
ATOM   752 O  O   . VAL A 1 99  ? -1.169  -11.793 -4.526  1.00 41.89 ? 99  VAL A O   1 
ATOM   753 C  CB  . VAL A 1 99  ? 1.353   -10.267 -4.547  1.00 46.41 ? 99  VAL A CB  1 
ATOM   754 C  CG1 . VAL A 1 99  ? 1.090   -9.481  -3.271  1.00 39.55 ? 99  VAL A CG1 1 
ATOM   755 C  CG2 . VAL A 1 99  ? 2.723   -9.941  -5.130  1.00 48.76 ? 99  VAL A CG2 1 
ATOM   756 N  N   . MET A 1 100 ? -0.368  -12.635 -2.612  1.00 43.60 ? 100 MET A N   1 
ATOM   757 C  CA  . MET A 1 100 ? -1.686  -12.991 -2.090  1.00 48.31 ? 100 MET A CA  1 
ATOM   758 C  C   . MET A 1 100 ? -2.136  -11.959 -1.080  1.00 44.86 ? 100 MET A C   1 
ATOM   759 O  O   . MET A 1 100 ? -1.343  -11.538 -0.246  1.00 46.63 ? 100 MET A O   1 
ATOM   760 C  CB  . MET A 1 100 ? -1.672  -14.389 -1.432  1.00 46.70 ? 100 MET A CB  1 
ATOM   761 C  CG  . MET A 1 100 ? -0.973  -15.464 -2.238  1.00 46.97 ? 100 MET A CG  1 
ATOM   762 S  SD  . MET A 1 100 ? -1.900  -15.815 -3.732  1.00 70.37 ? 100 MET A SD  1 
ATOM   763 C  CE  . MET A 1 100 ? -3.362  -16.594 -3.018  1.00 54.29 ? 100 MET A CE  1 
ATOM   764 N  N   . LEU A 1 101 ? -3.410  -11.583 -1.139  1.00 42.67 ? 101 LEU A N   1 
ATOM   765 C  CA  . LEU A 1 101 ? -3.982  -10.616 -0.214  1.00 44.34 ? 101 LEU A CA  1 
ATOM   766 C  C   . LEU A 1 101 ? -5.162  -11.176 0.561   1.00 54.15 ? 101 LEU A C   1 
ATOM   767 O  O   . LEU A 1 101 ? -6.021  -11.844 -0.013  1.00 56.57 ? 101 LEU A O   1 
ATOM   768 C  CB  . LEU A 1 101 ? -4.454  -9.377  -0.969  1.00 52.10 ? 101 LEU A CB  1 
ATOM   769 C  CG  . LEU A 1 101 ? -3.420  -8.462  -1.621  1.00 49.30 ? 101 LEU A CG  1 
ATOM   770 C  CD1 . LEU A 1 101 ? -4.133  -7.193  -2.037  1.00 54.85 ? 101 LEU A CD1 1 
ATOM   771 C  CD2 . LEU A 1 101 ? -2.243  -8.155  -0.685  1.00 37.72 ? 101 LEU A CD2 1 
ATOM   772 N  N   . LYS A 1 102 ? -5.218  -10.886 1.856   1.00 52.68 ? 102 LYS A N   1 
ATOM   773 C  CA  . LYS A 1 102 ? -6.388  -11.203 2.647   1.00 50.36 ? 102 LYS A CA  1 
ATOM   774 C  C   . LYS A 1 102 ? -7.281  -9.967  2.693   1.00 55.64 ? 102 LYS A C   1 
ATOM   775 O  O   . LYS A 1 102 ? -7.083  -9.078  3.510   1.00 56.09 ? 102 LYS A O   1 
ATOM   776 C  CB  . LYS A 1 102 ? -5.991  -11.657 4.051   1.00 54.45 ? 102 LYS A CB  1 
ATOM   777 C  CG  . LYS A 1 102 ? -6.964  -12.618 4.715   1.00 53.11 ? 102 LYS A CG  1 
ATOM   778 C  CD  . LYS A 1 102 ? -6.630  -12.833 6.194   1.00 50.57 ? 102 LYS A CD  1 
ATOM   779 C  CE  . LYS A 1 102 ? -7.553  -13.872 6.856   1.00 62.96 ? 102 LYS A CE  1 
ATOM   780 N  NZ  . LYS A 1 102 ? -9.011  -13.546 6.711   1.00 67.73 ? 102 LYS A NZ  1 
ATOM   781 N  N   . LEU A 1 103 ? -8.260  -9.906  1.798   1.00 65.87 ? 103 LEU A N   1 
ATOM   782 C  CA  . LEU A 1 103 ? -9.208  -8.790  1.775   1.00 70.01 ? 103 LEU A CA  1 
ATOM   783 C  C   . LEU A 1 103 ? -10.380 -9.053  2.711   1.00 67.54 ? 103 LEU A C   1 
ATOM   784 O  O   . LEU A 1 103 ? -11.385 -9.627  2.316   1.00 73.54 ? 103 LEU A O   1 
ATOM   785 C  CB  . LEU A 1 103 ? -9.696  -8.543  0.350   1.00 64.81 ? 103 LEU A CB  1 
ATOM   786 C  CG  . LEU A 1 103 ? -8.493  -8.428  -0.586  1.00 61.19 ? 103 LEU A CG  1 
ATOM   787 C  CD1 . LEU A 1 103 ? -8.893  -8.089  -2.018  1.00 63.93 ? 103 LEU A CD1 1 
ATOM   788 C  CD2 . LEU A 1 103 ? -7.543  -7.368  -0.038  1.00 66.41 ? 103 LEU A CD2 1 
ATOM   789 N  N   . ASP A 1 104 ? -10.220 -8.639  3.963   1.00 73.97 ? 104 ASP A N   1 
ATOM   790 C  CA  . ASP A 1 104 ? -11.200 -8.898  5.022   1.00 83.48 ? 104 ASP A CA  1 
ATOM   791 C  C   . ASP A 1 104 ? -11.543 -10.384 5.182   1.00 77.23 ? 104 ASP A C   1 
ATOM   792 O  O   . ASP A 1 104 ? -10.803 -11.134 5.834   1.00 70.68 ? 104 ASP A O   1 
ATOM   793 C  CB  . ASP A 1 104 ? -12.459 -8.068  4.763   1.00 80.70 ? 104 ASP A CB  1 
ATOM   794 C  CG  . ASP A 1 104 ? -12.174 -6.570  4.819   1.00 85.99 ? 104 ASP A CG  1 
ATOM   795 O  OD1 . ASP A 1 104 ? -11.935 -5.964  3.747   1.00 85.35 ? 104 ASP A OD1 1 
ATOM   796 O  OD2 . ASP A 1 104 ? -12.162 -6.007  5.940   1.00 81.85 ? 104 ASP A OD2 1 
HETATM 797 FE FE1 . FES B 2 .   ? -3.328  12.833  1.631   1.00 54.97 ? 201 FES A FE1 1 
HETATM 798 FE FE2 . FES B 2 .   ? -4.529  15.391  2.719   1.00 64.61 ? 201 FES A FE2 1 
HETATM 799 S  S1  . FES B 2 .   ? -2.662  14.296  3.129   1.00 60.88 ? 201 FES A S1  1 
HETATM 800 S  S2  . FES B 2 .   ? -4.961  14.132  0.987   1.00 63.53 ? 201 FES A S2  1 
HETATM 801 FE FE  . FE  C 3 .   ? 13.616  12.297  2.240   1.00 54.77 ? 202 FE  A FE  1 
HETATM 802 O  O   . HOH D 4 .   ? 10.673  0.689   0.807   1.00 35.89 ? 301 HOH A O   1 
HETATM 803 O  O   . HOH D 4 .   ? -14.157 -6.358  2.461   1.00 58.84 ? 302 HOH A O   1 
HETATM 804 O  O   . HOH D 4 .   ? 9.986   -5.179  5.384   1.00 45.63 ? 303 HOH A O   1 
HETATM 805 O  O   . HOH D 4 .   ? 12.056  3.163   -0.273  1.00 33.06 ? 304 HOH A O   1 
HETATM 806 O  O   . HOH D 4 .   ? -3.138  -6.016  7.912   1.00 42.19 ? 305 HOH A O   1 
HETATM 807 O  O   . HOH D 4 .   ? 4.107   2.882   13.266  1.00 42.71 ? 306 HOH A O   1 
HETATM 808 O  O   . HOH D 4 .   ? 8.313   6.079   -9.526  1.00 54.52 ? 307 HOH A O   1 
HETATM 809 O  O   . HOH D 4 .   ? 0.460   -5.229  4.406   1.00 42.15 ? 308 HOH A O   1 
HETATM 810 O  O   . HOH D 4 .   ? 9.349   11.321  3.077   1.00 46.59 ? 309 HOH A O   1 
HETATM 811 O  O   . HOH D 4 .   ? 11.745  3.890   6.544   1.00 38.32 ? 310 HOH A O   1 
HETATM 812 O  O   . HOH D 4 .   ? -16.206 -10.835 3.395   1.00 54.28 ? 311 HOH A O   1 
HETATM 813 O  O   . HOH D 4 .   ? 10.642  5.421   -4.478  1.00 42.11 ? 312 HOH A O   1 
HETATM 814 O  O   . HOH D 4 .   ? -9.141  2.696   -1.440  1.00 50.33 ? 313 HOH A O   1 
HETATM 815 O  O   . HOH D 4 .   ? -3.520  2.472   -11.712 1.00 64.74 ? 314 HOH A O   1 
HETATM 816 O  O   . HOH D 4 .   ? 16.726  10.594  4.518   1.00 45.35 ? 315 HOH A O   1 
# 
loop_
_pdbx_poly_seq_scheme.asym_id 
_pdbx_poly_seq_scheme.entity_id 
_pdbx_poly_seq_scheme.seq_id 
_pdbx_poly_seq_scheme.mon_id 
_pdbx_poly_seq_scheme.ndb_seq_num 
_pdbx_poly_seq_scheme.pdb_seq_num 
_pdbx_poly_seq_scheme.auth_seq_num 
_pdbx_poly_seq_scheme.pdb_mon_id 
_pdbx_poly_seq_scheme.auth_mon_id 
_pdbx_poly_seq_scheme.pdb_strand_id 
_pdbx_poly_seq_scheme.pdb_ins_code 
_pdbx_poly_seq_scheme.hetero 
A 1 1   MET 1   1   ?   ?   ?   A . n 
A 1 2   SER 2   2   ?   ?   ?   A . n 
A 1 3   GLU 3   3   3   GLU GLU A . n 
A 1 4   ASN 4   4   4   ASN ASN A . n 
A 1 5   TRP 5   5   5   TRP TRP A . n 
A 1 6   ILE 6   6   6   ILE ILE A . n 
A 1 7   ASP 7   7   7   ASP ASP A . n 
A 1 8   ALA 8   8   8   ALA ALA A . n 
A 1 9   ALA 9   9   9   ALA ALA A . n 
A 1 10  ALA 10  10  10  ALA ALA A . n 
A 1 11  ARG 11  11  11  ARG ARG A . n 
A 1 12  ASP 12  12  12  ASP ASP A . n 
A 1 13  GLU 13  13  13  GLU GLU A . n 
A 1 14  VAL 14  14  14  VAL VAL A . n 
A 1 15  PRO 15  15  15  PRO PRO A . n 
A 1 16  GLU 16  16  16  GLU GLU A . n 
A 1 17  GLY 17  17  17  GLY GLY A . n 
A 1 18  ASP 18  18  18  ASP ASP A . n 
A 1 19  VAL 19  19  19  VAL VAL A . n 
A 1 20  ILE 20  20  20  ILE ILE A . n 
A 1 21  GLY 21  21  21  GLY GLY A . n 
A 1 22  ILE 22  22  22  ILE ILE A . n 
A 1 23  ASN 23  23  23  ASN ASN A . n 
A 1 24  ILE 24  24  24  ILE ILE A . n 
A 1 25  VAL 25  25  25  VAL VAL A . n 
A 1 26  GLY 26  26  26  GLY GLY A . n 
A 1 27  LYS 27  27  27  LYS LYS A . n 
A 1 28  GLU 28  28  28  GLU GLU A . n 
A 1 29  ILE 29  29  29  ILE ILE A . n 
A 1 30  ALA 30  30  30  ALA ALA A . n 
A 1 31  LEU 31  31  31  LEU LEU A . n 
A 1 32  TYR 32  32  32  TYR TYR A . n 
A 1 33  GLU 33  33  33  GLU GLU A . n 
A 1 34  VAL 34  34  34  VAL VAL A . n 
A 1 35  ALA 35  35  35  ALA ALA A . n 
A 1 36  GLY 36  36  36  GLY GLY A . n 
A 1 37  GLU 37  37  37  GLU GLU A . n 
A 1 38  ILE 38  38  38  ILE ILE A . n 
A 1 39  TYR 39  39  39  TYR TYR A . n 
A 1 40  ALA 40  40  40  ALA ALA A . n 
A 1 41  THR 41  41  41  THR THR A . n 
A 1 42  ASP 42  42  42  ASP ASP A . n 
A 1 43  ASN 43  43  43  ASN ASN A . n 
A 1 44  THR 44  44  44  THR THR A . n 
A 1 45  CYS 45  45  45  CYS CYS A . n 
A 1 46  THR 46  46  46  THR THR A . n 
A 1 47  HIS 47  47  47  HIS HIS A . n 
A 1 48  GLY 48  48  48  GLY GLY A . n 
A 1 49  ALA 49  49  49  ALA ALA A . n 
A 1 50  ALA 50  50  50  ALA ALA A . n 
A 1 51  ARG 51  51  51  ARG ARG A . n 
A 1 52  MET 52  52  52  MET MET A . n 
A 1 53  SER 53  53  53  SER SER A . n 
A 1 54  ASP 54  54  54  ASP ASP A . n 
A 1 55  GLY 55  55  55  GLY GLY A . n 
A 1 56  PHE 56  56  56  PHE PHE A . n 
A 1 57  LEU 57  57  57  LEU LEU A . n 
A 1 58  GLU 58  58  58  GLU GLU A . n 
A 1 59  GLY 59  59  59  GLY GLY A . n 
A 1 60  ARG 60  60  60  ARG ARG A . n 
A 1 61  GLU 61  61  61  GLU GLU A . n 
A 1 62  ILE 62  62  62  ILE ILE A . n 
A 1 63  GLU 63  63  63  GLU GLU A . n 
A 1 64  CYS 64  64  64  CYS CYS A . n 
A 1 65  PRO 65  65  65  PRO PRO A . n 
A 1 66  LEU 66  66  66  LEU LEU A . n 
A 1 67  HIS 67  67  67  HIS HIS A . n 
A 1 68  GLN 68  68  68  GLN GLN A . n 
A 1 69  GLY 69  69  69  GLY GLY A . n 
A 1 70  ARG 70  70  70  ARG ARG A . n 
A 1 71  PHE 71  71  71  PHE PHE A . n 
A 1 72  ASP 72  72  72  ASP ASP A . n 
A 1 73  VAL 73  73  73  VAL VAL A . n 
A 1 74  CYS 74  74  74  CYS CYS A . n 
A 1 75  THR 75  75  75  THR THR A . n 
A 1 76  GLY 76  76  76  GLY GLY A . n 
A 1 77  LYS 77  77  77  LYS LYS A . n 
A 1 78  ALA 78  78  78  ALA ALA A . n 
A 1 79  LEU 79  79  79  LEU LEU A . n 
A 1 80  CYS 80  80  80  CYS CYS A . n 
A 1 81  THR 81  81  81  THR THR A . n 
A 1 82  PRO 82  82  82  PRO PRO A . n 
A 1 83  LEU 83  83  83  LEU LEU A . n 
A 1 84  THR 84  84  84  THR THR A . n 
A 1 85  GLN 85  85  85  GLN GLN A . n 
A 1 86  ASP 86  86  86  ASP ASP A . n 
A 1 87  ILE 87  87  87  ILE ILE A . n 
A 1 88  LYS 88  88  88  LYS LYS A . n 
A 1 89  THR 89  89  89  THR THR A . n 
A 1 90  TYR 90  90  90  TYR TYR A . n 
A 1 91  PRO 91  91  91  PRO PRO A . n 
A 1 92  VAL 92  92  92  VAL VAL A . n 
A 1 93  LYS 93  93  93  LYS LYS A . n 
A 1 94  ILE 94  94  94  ILE ILE A . n 
A 1 95  GLU 95  95  95  GLU GLU A . n 
A 1 96  ASN 96  96  96  ASN ASN A . n 
A 1 97  MET 97  97  97  MET MET A . n 
A 1 98  ARG 98  98  98  ARG ARG A . n 
A 1 99  VAL 99  99  99  VAL VAL A . n 
A 1 100 MET 100 100 100 MET MET A . n 
A 1 101 LEU 101 101 101 LEU LEU A . n 
A 1 102 LYS 102 102 102 LYS LYS A . n 
A 1 103 LEU 103 103 103 LEU LEU A . n 
A 1 104 ASP 104 104 104 ASP ASP A . n 
# 
loop_
_pdbx_nonpoly_scheme.asym_id 
_pdbx_nonpoly_scheme.entity_id 
_pdbx_nonpoly_scheme.mon_id 
_pdbx_nonpoly_scheme.ndb_seq_num 
_pdbx_nonpoly_scheme.pdb_seq_num 
_pdbx_nonpoly_scheme.auth_seq_num 
_pdbx_nonpoly_scheme.pdb_mon_id 
_pdbx_nonpoly_scheme.auth_mon_id 
_pdbx_nonpoly_scheme.pdb_strand_id 
_pdbx_nonpoly_scheme.pdb_ins_code 
B 2 FES 1  201 201 FES FES A . 
C 3 FE  1  202 211 FE  FE  A . 
D 4 HOH 1  301 4   HOH HOH A . 
D 4 HOH 2  302 7   HOH HOH A . 
D 4 HOH 3  303 20  HOH HOH A . 
D 4 HOH 4  304 3   HOH HOH A . 
D 4 HOH 5  305 22  HOH HOH A . 
D 4 HOH 6  306 15  HOH HOH A . 
D 4 HOH 7  307 1   HOH HOH A . 
D 4 HOH 8  308 5   HOH HOH A . 
D 4 HOH 9  309 2   HOH HOH A . 
D 4 HOH 10 310 8   HOH HOH A . 
D 4 HOH 11 311 6   HOH HOH A . 
D 4 HOH 12 312 9   HOH HOH A . 
D 4 HOH 13 313 17  HOH HOH A . 
D 4 HOH 14 314 19  HOH HOH A . 
D 4 HOH 15 315 11  HOH HOH A . 
# 
_pdbx_struct_assembly.id                   1 
_pdbx_struct_assembly.details              author_defined_assembly 
_pdbx_struct_assembly.method_details       ? 
_pdbx_struct_assembly.oligomeric_details   monomeric 
_pdbx_struct_assembly.oligomeric_count     1 
# 
_pdbx_struct_assembly_gen.assembly_id       1 
_pdbx_struct_assembly_gen.oper_expression   1 
_pdbx_struct_assembly_gen.asym_id_list      A,B,C,D 
# 
_pdbx_struct_oper_list.id                   1 
_pdbx_struct_oper_list.type                 'identity operation' 
_pdbx_struct_oper_list.name                 1_555 
_pdbx_struct_oper_list.symmetry_operation   x,y,z 
_pdbx_struct_oper_list.matrix[1][1]         1.0000000000 
_pdbx_struct_oper_list.matrix[1][2]         0.0000000000 
_pdbx_struct_oper_list.matrix[1][3]         0.0000000000 
_pdbx_struct_oper_list.vector[1]            0.0000000000 
_pdbx_struct_oper_list.matrix[2][1]         0.0000000000 
_pdbx_struct_oper_list.matrix[2][2]         1.0000000000 
_pdbx_struct_oper_list.matrix[2][3]         0.0000000000 
_pdbx_struct_oper_list.vector[2]            0.0000000000 
_pdbx_struct_oper_list.matrix[3][1]         0.0000000000 
_pdbx_struct_oper_list.matrix[3][2]         0.0000000000 
_pdbx_struct_oper_list.matrix[3][3]         1.0000000000 
_pdbx_struct_oper_list.vector[3]            0.0000000000 
# 
_pdbx_struct_special_symmetry.id              1 
_pdbx_struct_special_symmetry.PDB_model_num   1 
_pdbx_struct_special_symmetry.auth_asym_id    A 
_pdbx_struct_special_symmetry.auth_comp_id    PHE 
_pdbx_struct_special_symmetry.auth_seq_id     56 
_pdbx_struct_special_symmetry.PDB_ins_code    ? 
_pdbx_struct_special_symmetry.label_asym_id   A 
_pdbx_struct_special_symmetry.label_comp_id   PHE 
_pdbx_struct_special_symmetry.label_seq_id    56 
# 
loop_
_pdbx_struct_conn_angle.id 
_pdbx_struct_conn_angle.ptnr1_label_atom_id 
_pdbx_struct_conn_angle.ptnr1_label_alt_id 
_pdbx_struct_conn_angle.ptnr1_label_asym_id 
_pdbx_struct_conn_angle.ptnr1_label_comp_id 
_pdbx_struct_conn_angle.ptnr1_label_seq_id 
_pdbx_struct_conn_angle.ptnr1_auth_atom_id 
_pdbx_struct_conn_angle.ptnr1_auth_asym_id 
_pdbx_struct_conn_angle.ptnr1_auth_comp_id 
_pdbx_struct_conn_angle.ptnr1_auth_seq_id 
_pdbx_struct_conn_angle.ptnr1_PDB_ins_code 
_pdbx_struct_conn_angle.ptnr1_symmetry 
_pdbx_struct_conn_angle.ptnr2_label_atom_id 
_pdbx_struct_conn_angle.ptnr2_label_alt_id 
_pdbx_struct_conn_angle.ptnr2_label_asym_id 
_pdbx_struct_conn_angle.ptnr2_label_comp_id 
_pdbx_struct_conn_angle.ptnr2_label_seq_id 
_pdbx_struct_conn_angle.ptnr2_auth_atom_id 
_pdbx_struct_conn_angle.ptnr2_auth_asym_id 
_pdbx_struct_conn_angle.ptnr2_auth_comp_id 
_pdbx_struct_conn_angle.ptnr2_auth_seq_id 
_pdbx_struct_conn_angle.ptnr2_PDB_ins_code 
_pdbx_struct_conn_angle.ptnr2_symmetry 
_pdbx_struct_conn_angle.ptnr3_label_atom_id 
_pdbx_struct_conn_angle.ptnr3_label_alt_id 
_pdbx_struct_conn_angle.ptnr3_label_asym_id 
_pdbx_struct_conn_angle.ptnr3_label_comp_id 
_pdbx_struct_conn_angle.ptnr3_label_seq_id 
_pdbx_struct_conn_angle.ptnr3_auth_atom_id 
_pdbx_struct_conn_angle.ptnr3_auth_asym_id 
_pdbx_struct_conn_angle.ptnr3_auth_comp_id 
_pdbx_struct_conn_angle.ptnr3_auth_seq_id 
_pdbx_struct_conn_angle.ptnr3_PDB_ins_code 
_pdbx_struct_conn_angle.ptnr3_symmetry 
_pdbx_struct_conn_angle.value 
_pdbx_struct_conn_angle.value_esd 
1  O   ? A GLY 17 ? A GLY 17  ? 1_555 FE  ? C FE  . ? A FE  202 ? 6_557 O   ? A LEU 57 ? A LEU 57  ? 1_555 85.4  ? 
2  O   ? A GLY 17 ? A GLY 17  ? 1_555 FE  ? C FE  . ? A FE  202 ? 6_557 OE1 ? A GLU 58 ? A GLU 58  ? 1_555 133.9 ? 
3  O   ? A LEU 57 ? A LEU 57  ? 1_555 FE  ? C FE  . ? A FE  202 ? 6_557 OE1 ? A GLU 58 ? A GLU 58  ? 1_555 50.4  ? 
4  O   ? A GLY 17 ? A GLY 17  ? 1_555 FE  ? C FE  . ? A FE  202 ? 6_557 OE2 ? A GLU 58 ? A GLU 58  ? 1_555 147.0 ? 
5  O   ? A LEU 57 ? A LEU 57  ? 1_555 FE  ? C FE  . ? A FE  202 ? 6_557 OE2 ? A GLU 58 ? A GLU 58  ? 1_555 67.5  ? 
6  OE1 ? A GLU 58 ? A GLU 58  ? 1_555 FE  ? C FE  . ? A FE  202 ? 6_557 OE2 ? A GLU 58 ? A GLU 58  ? 1_555 17.6  ? 
7  O   ? A GLY 17 ? A GLY 17  ? 1_555 FE  ? C FE  . ? A FE  202 ? 6_557 O   ? D HOH .  ? A HOH 304 ? 6_557 158.5 ? 
8  O   ? A LEU 57 ? A LEU 57  ? 1_555 FE  ? C FE  . ? A FE  202 ? 6_557 O   ? D HOH .  ? A HOH 304 ? 6_557 76.9  ? 
9  OE1 ? A GLU 58 ? A GLU 58  ? 1_555 FE  ? C FE  . ? A FE  202 ? 6_557 O   ? D HOH .  ? A HOH 304 ? 6_557 26.6  ? 
10 OE2 ? A GLU 58 ? A GLU 58  ? 1_555 FE  ? C FE  . ? A FE  202 ? 6_557 O   ? D HOH .  ? A HOH 304 ? 6_557 11.5  ? 
11 O   ? A GLY 17 ? A GLY 17  ? 1_555 FE  ? C FE  . ? A FE  202 ? 6_557 O   ? D HOH .  ? A HOH 312 ? 6_557 137.1 ? 
12 O   ? A LEU 57 ? A LEU 57  ? 1_555 FE  ? C FE  . ? A FE  202 ? 6_557 O   ? D HOH .  ? A HOH 312 ? 6_557 51.9  ? 
13 OE1 ? A GLU 58 ? A GLU 58  ? 1_555 FE  ? C FE  . ? A FE  202 ? 6_557 O   ? D HOH .  ? A HOH 312 ? 6_557 14.8  ? 
14 OE2 ? A GLU 58 ? A GLU 58  ? 1_555 FE  ? C FE  . ? A FE  202 ? 6_557 O   ? D HOH .  ? A HOH 312 ? 6_557 25.7  ? 
15 O   ? D HOH .  ? A HOH 304 ? 6_557 FE  ? C FE  . ? A FE  202 ? 6_557 O   ? D HOH .  ? A HOH 312 ? 6_557 29.2  ? 
16 SG  ? A CYS 45 ? A CYS 45  ? 1_555 FE1 ? B FES . ? A FES 201 ? 1_555 S1  ? B FES .  ? A FES 201 ? 1_555 113.3 ? 
17 SG  ? A CYS 45 ? A CYS 45  ? 1_555 FE1 ? B FES . ? A FES 201 ? 1_555 S2  ? B FES .  ? A FES 201 ? 1_555 105.8 ? 
18 S1  ? B FES .  ? A FES 201 ? 1_555 FE1 ? B FES . ? A FES 201 ? 1_555 S2  ? B FES .  ? A FES 201 ? 1_555 91.8  ? 
19 SG  ? A CYS 45 ? A CYS 45  ? 1_555 FE1 ? B FES . ? A FES 201 ? 1_555 SG  ? A CYS 64 ? A CYS 64  ? 1_555 117.3 ? 
20 S1  ? B FES .  ? A FES 201 ? 1_555 FE1 ? B FES . ? A FES 201 ? 1_555 SG  ? A CYS 64 ? A CYS 64  ? 1_555 114.0 ? 
21 S2  ? B FES .  ? A FES 201 ? 1_555 FE1 ? B FES . ? A FES 201 ? 1_555 SG  ? A CYS 64 ? A CYS 64  ? 1_555 111.3 ? 
22 ND1 ? A HIS 47 ? A HIS 47  ? 1_555 FE2 ? B FES . ? A FES 201 ? 1_555 S1  ? B FES .  ? A FES 201 ? 1_555 120.8 ? 
23 ND1 ? A HIS 47 ? A HIS 47  ? 1_555 FE2 ? B FES . ? A FES 201 ? 1_555 S2  ? B FES .  ? A FES 201 ? 1_555 129.1 ? 
24 S1  ? B FES .  ? A FES 201 ? 1_555 FE2 ? B FES . ? A FES 201 ? 1_555 S2  ? B FES .  ? A FES 201 ? 1_555 91.6  ? 
25 ND1 ? A HIS 47 ? A HIS 47  ? 1_555 FE2 ? B FES . ? A FES 201 ? 1_555 ND1 ? A HIS 67 ? A HIS 67  ? 1_555 111.6 ? 
26 S1  ? B FES .  ? A FES 201 ? 1_555 FE2 ? B FES . ? A FES 201 ? 1_555 ND1 ? A HIS 67 ? A HIS 67  ? 1_555 105.3 ? 
27 S2  ? B FES .  ? A FES 201 ? 1_555 FE2 ? B FES . ? A FES 201 ? 1_555 ND1 ? A HIS 67 ? A HIS 67  ? 1_555 93.2  ? 
# 
loop_
_pdbx_audit_revision_history.ordinal 
_pdbx_audit_revision_history.data_content_type 
_pdbx_audit_revision_history.major_revision 
_pdbx_audit_revision_history.minor_revision 
_pdbx_audit_revision_history.revision_date 
1 'Structure model' 1 0 2016-07-27 
2 'Structure model' 1 1 2023-11-08 
# 
_pdbx_audit_revision_details.ordinal             1 
_pdbx_audit_revision_details.revision_ordinal    1 
_pdbx_audit_revision_details.data_content_type   'Structure model' 
_pdbx_audit_revision_details.provider            repository 
_pdbx_audit_revision_details.type                'Initial release' 
_pdbx_audit_revision_details.description         ? 
_pdbx_audit_revision_details.details             ? 
# 
loop_
_pdbx_audit_revision_group.ordinal 
_pdbx_audit_revision_group.revision_ordinal 
_pdbx_audit_revision_group.data_content_type 
_pdbx_audit_revision_group.group 
1 2 'Structure model' 'Data collection'        
2 2 'Structure model' 'Database references'    
3 2 'Structure model' 'Derived calculations'   
4 2 'Structure model' 'Refinement description' 
# 
loop_
_pdbx_audit_revision_category.ordinal 
_pdbx_audit_revision_category.revision_ordinal 
_pdbx_audit_revision_category.data_content_type 
_pdbx_audit_revision_category.category 
1 2 'Structure model' chem_comp_atom                
2 2 'Structure model' chem_comp_bond                
3 2 'Structure model' database_2                    
4 2 'Structure model' pdbx_initial_refinement_model 
5 2 'Structure model' pdbx_prerelease_seq           
6 2 'Structure model' pdbx_struct_conn_angle        
7 2 'Structure model' pdbx_struct_oper_list         
8 2 'Structure model' pdbx_struct_special_symmetry  
9 2 'Structure model' struct_conn                   
# 
loop_
_pdbx_audit_revision_item.ordinal 
_pdbx_audit_revision_item.revision_ordinal 
_pdbx_audit_revision_item.data_content_type 
_pdbx_audit_revision_item.item 
1  2 'Structure model' '_database_2.pdbx_DOI'                        
2  2 'Structure model' '_database_2.pdbx_database_accession'         
3  2 'Structure model' '_pdbx_struct_conn_angle.ptnr1_auth_comp_id'  
4  2 'Structure model' '_pdbx_struct_conn_angle.ptnr1_auth_seq_id'   
5  2 'Structure model' '_pdbx_struct_conn_angle.ptnr1_label_asym_id' 
6  2 'Structure model' '_pdbx_struct_conn_angle.ptnr1_label_atom_id' 
7  2 'Structure model' '_pdbx_struct_conn_angle.ptnr1_label_comp_id' 
8  2 'Structure model' '_pdbx_struct_conn_angle.ptnr1_label_seq_id'  
9  2 'Structure model' '_pdbx_struct_conn_angle.ptnr1_symmetry'      
10 2 'Structure model' '_pdbx_struct_conn_angle.ptnr2_auth_comp_id'  
11 2 'Structure model' '_pdbx_struct_conn_angle.ptnr2_auth_seq_id'   
12 2 'Structure model' '_pdbx_struct_conn_angle.ptnr2_label_asym_id' 
13 2 'Structure model' '_pdbx_struct_conn_angle.ptnr2_label_atom_id' 
14 2 'Structure model' '_pdbx_struct_conn_angle.ptnr2_label_comp_id' 
15 2 'Structure model' '_pdbx_struct_conn_angle.ptnr2_symmetry'      
16 2 'Structure model' '_pdbx_struct_conn_angle.ptnr3_auth_comp_id'  
17 2 'Structure model' '_pdbx_struct_conn_angle.ptnr3_auth_seq_id'   
18 2 'Structure model' '_pdbx_struct_conn_angle.ptnr3_label_asym_id' 
19 2 'Structure model' '_pdbx_struct_conn_angle.ptnr3_label_atom_id' 
20 2 'Structure model' '_pdbx_struct_conn_angle.ptnr3_label_comp_id' 
21 2 'Structure model' '_pdbx_struct_conn_angle.ptnr3_label_seq_id'  
22 2 'Structure model' '_pdbx_struct_conn_angle.ptnr3_symmetry'      
23 2 'Structure model' '_pdbx_struct_conn_angle.value'               
24 2 'Structure model' '_pdbx_struct_oper_list.symmetry_operation'   
25 2 'Structure model' '_struct_conn.pdbx_dist_value'                
26 2 'Structure model' '_struct_conn.ptnr1_auth_comp_id'             
27 2 'Structure model' '_struct_conn.ptnr1_auth_seq_id'              
28 2 'Structure model' '_struct_conn.ptnr1_label_atom_id'            
29 2 'Structure model' '_struct_conn.ptnr1_label_comp_id'            
30 2 'Structure model' '_struct_conn.ptnr1_label_seq_id'             
31 2 'Structure model' '_struct_conn.ptnr2_auth_comp_id'             
32 2 'Structure model' '_struct_conn.ptnr2_auth_seq_id'              
33 2 'Structure model' '_struct_conn.ptnr2_label_asym_id'            
34 2 'Structure model' '_struct_conn.ptnr2_label_atom_id'            
35 2 'Structure model' '_struct_conn.ptnr2_label_comp_id'            
36 2 'Structure model' '_struct_conn.ptnr2_symmetry'                 
# 
loop_
_software.citation_id 
_software.classification 
_software.compiler_name 
_software.compiler_version 
_software.contact_author 
_software.contact_author_email 
_software.date 
_software.description 
_software.dependencies 
_software.hardware 
_software.language 
_software.location 
_software.mods 
_software.name 
_software.os 
_software.os_version 
_software.type 
_software.version 
_software.pdbx_ordinal 
? refinement       ? ? ? ? ? ? ? ? ? ? ? PHENIX ? ? ? dev_1839 1 
? 'data reduction' ? ? ? ? ? ? ? ? ? ? ? MOSFLM ? ? ? .        2 
? 'data scaling'   ? ? ? ? ? ? ? ? ? ? ? SCALA  ? ? ? .        3 
? phasing          ? ? ? ? ? ? ? ? ? ? ? d*TREK ? ? ? .        4 
# 
loop_
_pdbx_validate_torsion.id 
_pdbx_validate_torsion.PDB_model_num 
_pdbx_validate_torsion.auth_comp_id 
_pdbx_validate_torsion.auth_asym_id 
_pdbx_validate_torsion.auth_seq_id 
_pdbx_validate_torsion.PDB_ins_code 
_pdbx_validate_torsion.label_alt_id 
_pdbx_validate_torsion.phi 
_pdbx_validate_torsion.psi 
1 1 PHE A 56 ? A 77.31  88.86  
2 1 PHE A 56 ? B 85.49  84.47  
3 1 LEU A 66 ? ? -89.07 -71.35 
# 
loop_
_pdbx_unobs_or_zero_occ_residues.id 
_pdbx_unobs_or_zero_occ_residues.PDB_model_num 
_pdbx_unobs_or_zero_occ_residues.polymer_flag 
_pdbx_unobs_or_zero_occ_residues.occupancy_flag 
_pdbx_unobs_or_zero_occ_residues.auth_asym_id 
_pdbx_unobs_or_zero_occ_residues.auth_comp_id 
_pdbx_unobs_or_zero_occ_residues.auth_seq_id 
_pdbx_unobs_or_zero_occ_residues.PDB_ins_code 
_pdbx_unobs_or_zero_occ_residues.label_asym_id 
_pdbx_unobs_or_zero_occ_residues.label_comp_id 
_pdbx_unobs_or_zero_occ_residues.label_seq_id 
1 1 Y 1 A MET 1 ? A MET 1 
2 1 Y 1 A SER 2 ? A SER 2 
# 
loop_
_chem_comp_atom.comp_id 
_chem_comp_atom.atom_id 
_chem_comp_atom.type_symbol 
_chem_comp_atom.pdbx_aromatic_flag 
_chem_comp_atom.pdbx_stereo_config 
_chem_comp_atom.pdbx_ordinal 
ALA N    N  N N 1   
ALA CA   C  N S 2   
ALA C    C  N N 3   
ALA O    O  N N 4   
ALA CB   C  N N 5   
ALA OXT  O  N N 6   
ALA H    H  N N 7   
ALA H2   H  N N 8   
ALA HA   H  N N 9   
ALA HB1  H  N N 10  
ALA HB2  H  N N 11  
ALA HB3  H  N N 12  
ALA HXT  H  N N 13  
ARG N    N  N N 14  
ARG CA   C  N S 15  
ARG C    C  N N 16  
ARG O    O  N N 17  
ARG CB   C  N N 18  
ARG CG   C  N N 19  
ARG CD   C  N N 20  
ARG NE   N  N N 21  
ARG CZ   C  N N 22  
ARG NH1  N  N N 23  
ARG NH2  N  N N 24  
ARG OXT  O  N N 25  
ARG H    H  N N 26  
ARG H2   H  N N 27  
ARG HA   H  N N 28  
ARG HB2  H  N N 29  
ARG HB3  H  N N 30  
ARG HG2  H  N N 31  
ARG HG3  H  N N 32  
ARG HD2  H  N N 33  
ARG HD3  H  N N 34  
ARG HE   H  N N 35  
ARG HH11 H  N N 36  
ARG HH12 H  N N 37  
ARG HH21 H  N N 38  
ARG HH22 H  N N 39  
ARG HXT  H  N N 40  
ASN N    N  N N 41  
ASN CA   C  N S 42  
ASN C    C  N N 43  
ASN O    O  N N 44  
ASN CB   C  N N 45  
ASN CG   C  N N 46  
ASN OD1  O  N N 47  
ASN ND2  N  N N 48  
ASN OXT  O  N N 49  
ASN H    H  N N 50  
ASN H2   H  N N 51  
ASN HA   H  N N 52  
ASN HB2  H  N N 53  
ASN HB3  H  N N 54  
ASN HD21 H  N N 55  
ASN HD22 H  N N 56  
ASN HXT  H  N N 57  
ASP N    N  N N 58  
ASP CA   C  N S 59  
ASP C    C  N N 60  
ASP O    O  N N 61  
ASP CB   C  N N 62  
ASP CG   C  N N 63  
ASP OD1  O  N N 64  
ASP OD2  O  N N 65  
ASP OXT  O  N N 66  
ASP H    H  N N 67  
ASP H2   H  N N 68  
ASP HA   H  N N 69  
ASP HB2  H  N N 70  
ASP HB3  H  N N 71  
ASP HD2  H  N N 72  
ASP HXT  H  N N 73  
CYS N    N  N N 74  
CYS CA   C  N R 75  
CYS C    C  N N 76  
CYS O    O  N N 77  
CYS CB   C  N N 78  
CYS SG   S  N N 79  
CYS OXT  O  N N 80  
CYS H    H  N N 81  
CYS H2   H  N N 82  
CYS HA   H  N N 83  
CYS HB2  H  N N 84  
CYS HB3  H  N N 85  
CYS HG   H  N N 86  
CYS HXT  H  N N 87  
FE  FE   FE N N 88  
FES FE1  FE N N 89  
FES FE2  FE N N 90  
FES S1   S  N N 91  
FES S2   S  N N 92  
GLN N    N  N N 93  
GLN CA   C  N S 94  
GLN C    C  N N 95  
GLN O    O  N N 96  
GLN CB   C  N N 97  
GLN CG   C  N N 98  
GLN CD   C  N N 99  
GLN OE1  O  N N 100 
GLN NE2  N  N N 101 
GLN OXT  O  N N 102 
GLN H    H  N N 103 
GLN H2   H  N N 104 
GLN HA   H  N N 105 
GLN HB2  H  N N 106 
GLN HB3  H  N N 107 
GLN HG2  H  N N 108 
GLN HG3  H  N N 109 
GLN HE21 H  N N 110 
GLN HE22 H  N N 111 
GLN HXT  H  N N 112 
GLU N    N  N N 113 
GLU CA   C  N S 114 
GLU C    C  N N 115 
GLU O    O  N N 116 
GLU CB   C  N N 117 
GLU CG   C  N N 118 
GLU CD   C  N N 119 
GLU OE1  O  N N 120 
GLU OE2  O  N N 121 
GLU OXT  O  N N 122 
GLU H    H  N N 123 
GLU H2   H  N N 124 
GLU HA   H  N N 125 
GLU HB2  H  N N 126 
GLU HB3  H  N N 127 
GLU HG2  H  N N 128 
GLU HG3  H  N N 129 
GLU HE2  H  N N 130 
GLU HXT  H  N N 131 
GLY N    N  N N 132 
GLY CA   C  N N 133 
GLY C    C  N N 134 
GLY O    O  N N 135 
GLY OXT  O  N N 136 
GLY H    H  N N 137 
GLY H2   H  N N 138 
GLY HA2  H  N N 139 
GLY HA3  H  N N 140 
GLY HXT  H  N N 141 
HIS N    N  N N 142 
HIS CA   C  N S 143 
HIS C    C  N N 144 
HIS O    O  N N 145 
HIS CB   C  N N 146 
HIS CG   C  Y N 147 
HIS ND1  N  Y N 148 
HIS CD2  C  Y N 149 
HIS CE1  C  Y N 150 
HIS NE2  N  Y N 151 
HIS OXT  O  N N 152 
HIS H    H  N N 153 
HIS H2   H  N N 154 
HIS HA   H  N N 155 
HIS HB2  H  N N 156 
HIS HB3  H  N N 157 
HIS HD1  H  N N 158 
HIS HD2  H  N N 159 
HIS HE1  H  N N 160 
HIS HE2  H  N N 161 
HIS HXT  H  N N 162 
HOH O    O  N N 163 
HOH H1   H  N N 164 
HOH H2   H  N N 165 
ILE N    N  N N 166 
ILE CA   C  N S 167 
ILE C    C  N N 168 
ILE O    O  N N 169 
ILE CB   C  N S 170 
ILE CG1  C  N N 171 
ILE CG2  C  N N 172 
ILE CD1  C  N N 173 
ILE OXT  O  N N 174 
ILE H    H  N N 175 
ILE H2   H  N N 176 
ILE HA   H  N N 177 
ILE HB   H  N N 178 
ILE HG12 H  N N 179 
ILE HG13 H  N N 180 
ILE HG21 H  N N 181 
ILE HG22 H  N N 182 
ILE HG23 H  N N 183 
ILE HD11 H  N N 184 
ILE HD12 H  N N 185 
ILE HD13 H  N N 186 
ILE HXT  H  N N 187 
LEU N    N  N N 188 
LEU CA   C  N S 189 
LEU C    C  N N 190 
LEU O    O  N N 191 
LEU CB   C  N N 192 
LEU CG   C  N N 193 
LEU CD1  C  N N 194 
LEU CD2  C  N N 195 
LEU OXT  O  N N 196 
LEU H    H  N N 197 
LEU H2   H  N N 198 
LEU HA   H  N N 199 
LEU HB2  H  N N 200 
LEU HB3  H  N N 201 
LEU HG   H  N N 202 
LEU HD11 H  N N 203 
LEU HD12 H  N N 204 
LEU HD13 H  N N 205 
LEU HD21 H  N N 206 
LEU HD22 H  N N 207 
LEU HD23 H  N N 208 
LEU HXT  H  N N 209 
LYS N    N  N N 210 
LYS CA   C  N S 211 
LYS C    C  N N 212 
LYS O    O  N N 213 
LYS CB   C  N N 214 
LYS CG   C  N N 215 
LYS CD   C  N N 216 
LYS CE   C  N N 217 
LYS NZ   N  N N 218 
LYS OXT  O  N N 219 
LYS H    H  N N 220 
LYS H2   H  N N 221 
LYS HA   H  N N 222 
LYS HB2  H  N N 223 
LYS HB3  H  N N 224 
LYS HG2  H  N N 225 
LYS HG3  H  N N 226 
LYS HD2  H  N N 227 
LYS HD3  H  N N 228 
LYS HE2  H  N N 229 
LYS HE3  H  N N 230 
LYS HZ1  H  N N 231 
LYS HZ2  H  N N 232 
LYS HZ3  H  N N 233 
LYS HXT  H  N N 234 
MET N    N  N N 235 
MET CA   C  N S 236 
MET C    C  N N 237 
MET O    O  N N 238 
MET CB   C  N N 239 
MET CG   C  N N 240 
MET SD   S  N N 241 
MET CE   C  N N 242 
MET OXT  O  N N 243 
MET H    H  N N 244 
MET H2   H  N N 245 
MET HA   H  N N 246 
MET HB2  H  N N 247 
MET HB3  H  N N 248 
MET HG2  H  N N 249 
MET HG3  H  N N 250 
MET HE1  H  N N 251 
MET HE2  H  N N 252 
MET HE3  H  N N 253 
MET HXT  H  N N 254 
PHE N    N  N N 255 
PHE CA   C  N S 256 
PHE C    C  N N 257 
PHE O    O  N N 258 
PHE CB   C  N N 259 
PHE CG   C  Y N 260 
PHE CD1  C  Y N 261 
PHE CD2  C  Y N 262 
PHE CE1  C  Y N 263 
PHE CE2  C  Y N 264 
PHE CZ   C  Y N 265 
PHE OXT  O  N N 266 
PHE H    H  N N 267 
PHE H2   H  N N 268 
PHE HA   H  N N 269 
PHE HB2  H  N N 270 
PHE HB3  H  N N 271 
PHE HD1  H  N N 272 
PHE HD2  H  N N 273 
PHE HE1  H  N N 274 
PHE HE2  H  N N 275 
PHE HZ   H  N N 276 
PHE HXT  H  N N 277 
PRO N    N  N N 278 
PRO CA   C  N S 279 
PRO C    C  N N 280 
PRO O    O  N N 281 
PRO CB   C  N N 282 
PRO CG   C  N N 283 
PRO CD   C  N N 284 
PRO OXT  O  N N 285 
PRO H    H  N N 286 
PRO HA   H  N N 287 
PRO HB2  H  N N 288 
PRO HB3  H  N N 289 
PRO HG2  H  N N 290 
PRO HG3  H  N N 291 
PRO HD2  H  N N 292 
PRO HD3  H  N N 293 
PRO HXT  H  N N 294 
SER N    N  N N 295 
SER CA   C  N S 296 
SER C    C  N N 297 
SER O    O  N N 298 
SER CB   C  N N 299 
SER OG   O  N N 300 
SER OXT  O  N N 301 
SER H    H  N N 302 
SER H2   H  N N 303 
SER HA   H  N N 304 
SER HB2  H  N N 305 
SER HB3  H  N N 306 
SER HG   H  N N 307 
SER HXT  H  N N 308 
THR N    N  N N 309 
THR CA   C  N S 310 
THR C    C  N N 311 
THR O    O  N N 312 
THR CB   C  N R 313 
THR OG1  O  N N 314 
THR CG2  C  N N 315 
THR OXT  O  N N 316 
THR H    H  N N 317 
THR H2   H  N N 318 
THR HA   H  N N 319 
THR HB   H  N N 320 
THR HG1  H  N N 321 
THR HG21 H  N N 322 
THR HG22 H  N N 323 
THR HG23 H  N N 324 
THR HXT  H  N N 325 
TRP N    N  N N 326 
TRP CA   C  N S 327 
TRP C    C  N N 328 
TRP O    O  N N 329 
TRP CB   C  N N 330 
TRP CG   C  Y N 331 
TRP CD1  C  Y N 332 
TRP CD2  C  Y N 333 
TRP NE1  N  Y N 334 
TRP CE2  C  Y N 335 
TRP CE3  C  Y N 336 
TRP CZ2  C  Y N 337 
TRP CZ3  C  Y N 338 
TRP CH2  C  Y N 339 
TRP OXT  O  N N 340 
TRP H    H  N N 341 
TRP H2   H  N N 342 
TRP HA   H  N N 343 
TRP HB2  H  N N 344 
TRP HB3  H  N N 345 
TRP HD1  H  N N 346 
TRP HE1  H  N N 347 
TRP HE3  H  N N 348 
TRP HZ2  H  N N 349 
TRP HZ3  H  N N 350 
TRP HH2  H  N N 351 
TRP HXT  H  N N 352 
TYR N    N  N N 353 
TYR CA   C  N S 354 
TYR C    C  N N 355 
TYR O    O  N N 356 
TYR CB   C  N N 357 
TYR CG   C  Y N 358 
TYR CD1  C  Y N 359 
TYR CD2  C  Y N 360 
TYR CE1  C  Y N 361 
TYR CE2  C  Y N 362 
TYR CZ   C  Y N 363 
TYR OH   O  N N 364 
TYR OXT  O  N N 365 
TYR H    H  N N 366 
TYR H2   H  N N 367 
TYR HA   H  N N 368 
TYR HB2  H  N N 369 
TYR HB3  H  N N 370 
TYR HD1  H  N N 371 
TYR HD2  H  N N 372 
TYR HE1  H  N N 373 
TYR HE2  H  N N 374 
TYR HH   H  N N 375 
TYR HXT  H  N N 376 
VAL N    N  N N 377 
VAL CA   C  N S 378 
VAL C    C  N N 379 
VAL O    O  N N 380 
VAL CB   C  N N 381 
VAL CG1  C  N N 382 
VAL CG2  C  N N 383 
VAL OXT  O  N N 384 
VAL H    H  N N 385 
VAL H2   H  N N 386 
VAL HA   H  N N 387 
VAL HB   H  N N 388 
VAL HG11 H  N N 389 
VAL HG12 H  N N 390 
VAL HG13 H  N N 391 
VAL HG21 H  N N 392 
VAL HG22 H  N N 393 
VAL HG23 H  N N 394 
VAL HXT  H  N N 395 
# 
loop_
_chem_comp_bond.comp_id 
_chem_comp_bond.atom_id_1 
_chem_comp_bond.atom_id_2 
_chem_comp_bond.value_order 
_chem_comp_bond.pdbx_aromatic_flag 
_chem_comp_bond.pdbx_stereo_config 
_chem_comp_bond.pdbx_ordinal 
ALA N   CA   sing N N 1   
ALA N   H    sing N N 2   
ALA N   H2   sing N N 3   
ALA CA  C    sing N N 4   
ALA CA  CB   sing N N 5   
ALA CA  HA   sing N N 6   
ALA C   O    doub N N 7   
ALA C   OXT  sing N N 8   
ALA CB  HB1  sing N N 9   
ALA CB  HB2  sing N N 10  
ALA CB  HB3  sing N N 11  
ALA OXT HXT  sing N N 12  
ARG N   CA   sing N N 13  
ARG N   H    sing N N 14  
ARG N   H2   sing N N 15  
ARG CA  C    sing N N 16  
ARG CA  CB   sing N N 17  
ARG CA  HA   sing N N 18  
ARG C   O    doub N N 19  
ARG C   OXT  sing N N 20  
ARG CB  CG   sing N N 21  
ARG CB  HB2  sing N N 22  
ARG CB  HB3  sing N N 23  
ARG CG  CD   sing N N 24  
ARG CG  HG2  sing N N 25  
ARG CG  HG3  sing N N 26  
ARG CD  NE   sing N N 27  
ARG CD  HD2  sing N N 28  
ARG CD  HD3  sing N N 29  
ARG NE  CZ   sing N N 30  
ARG NE  HE   sing N N 31  
ARG CZ  NH1  sing N N 32  
ARG CZ  NH2  doub N N 33  
ARG NH1 HH11 sing N N 34  
ARG NH1 HH12 sing N N 35  
ARG NH2 HH21 sing N N 36  
ARG NH2 HH22 sing N N 37  
ARG OXT HXT  sing N N 38  
ASN N   CA   sing N N 39  
ASN N   H    sing N N 40  
ASN N   H2   sing N N 41  
ASN CA  C    sing N N 42  
ASN CA  CB   sing N N 43  
ASN CA  HA   sing N N 44  
ASN C   O    doub N N 45  
ASN C   OXT  sing N N 46  
ASN CB  CG   sing N N 47  
ASN CB  HB2  sing N N 48  
ASN CB  HB3  sing N N 49  
ASN CG  OD1  doub N N 50  
ASN CG  ND2  sing N N 51  
ASN ND2 HD21 sing N N 52  
ASN ND2 HD22 sing N N 53  
ASN OXT HXT  sing N N 54  
ASP N   CA   sing N N 55  
ASP N   H    sing N N 56  
ASP N   H2   sing N N 57  
ASP CA  C    sing N N 58  
ASP CA  CB   sing N N 59  
ASP CA  HA   sing N N 60  
ASP C   O    doub N N 61  
ASP C   OXT  sing N N 62  
ASP CB  CG   sing N N 63  
ASP CB  HB2  sing N N 64  
ASP CB  HB3  sing N N 65  
ASP CG  OD1  doub N N 66  
ASP CG  OD2  sing N N 67  
ASP OD2 HD2  sing N N 68  
ASP OXT HXT  sing N N 69  
CYS N   CA   sing N N 70  
CYS N   H    sing N N 71  
CYS N   H2   sing N N 72  
CYS CA  C    sing N N 73  
CYS CA  CB   sing N N 74  
CYS CA  HA   sing N N 75  
CYS C   O    doub N N 76  
CYS C   OXT  sing N N 77  
CYS CB  SG   sing N N 78  
CYS CB  HB2  sing N N 79  
CYS CB  HB3  sing N N 80  
CYS SG  HG   sing N N 81  
CYS OXT HXT  sing N N 82  
FES FE1 S1   sing N N 83  
FES FE1 S2   sing N N 84  
FES FE2 S1   sing N N 85  
FES FE2 S2   sing N N 86  
GLN N   CA   sing N N 87  
GLN N   H    sing N N 88  
GLN N   H2   sing N N 89  
GLN CA  C    sing N N 90  
GLN CA  CB   sing N N 91  
GLN CA  HA   sing N N 92  
GLN C   O    doub N N 93  
GLN C   OXT  sing N N 94  
GLN CB  CG   sing N N 95  
GLN CB  HB2  sing N N 96  
GLN CB  HB3  sing N N 97  
GLN CG  CD   sing N N 98  
GLN CG  HG2  sing N N 99  
GLN CG  HG3  sing N N 100 
GLN CD  OE1  doub N N 101 
GLN CD  NE2  sing N N 102 
GLN NE2 HE21 sing N N 103 
GLN NE2 HE22 sing N N 104 
GLN OXT HXT  sing N N 105 
GLU N   CA   sing N N 106 
GLU N   H    sing N N 107 
GLU N   H2   sing N N 108 
GLU CA  C    sing N N 109 
GLU CA  CB   sing N N 110 
GLU CA  HA   sing N N 111 
GLU C   O    doub N N 112 
GLU C   OXT  sing N N 113 
GLU CB  CG   sing N N 114 
GLU CB  HB2  sing N N 115 
GLU CB  HB3  sing N N 116 
GLU CG  CD   sing N N 117 
GLU CG  HG2  sing N N 118 
GLU CG  HG3  sing N N 119 
GLU CD  OE1  doub N N 120 
GLU CD  OE2  sing N N 121 
GLU OE2 HE2  sing N N 122 
GLU OXT HXT  sing N N 123 
GLY N   CA   sing N N 124 
GLY N   H    sing N N 125 
GLY N   H2   sing N N 126 
GLY CA  C    sing N N 127 
GLY CA  HA2  sing N N 128 
GLY CA  HA3  sing N N 129 
GLY C   O    doub N N 130 
GLY C   OXT  sing N N 131 
GLY OXT HXT  sing N N 132 
HIS N   CA   sing N N 133 
HIS N   H    sing N N 134 
HIS N   H2   sing N N 135 
HIS CA  C    sing N N 136 
HIS CA  CB   sing N N 137 
HIS CA  HA   sing N N 138 
HIS C   O    doub N N 139 
HIS C   OXT  sing N N 140 
HIS CB  CG   sing N N 141 
HIS CB  HB2  sing N N 142 
HIS CB  HB3  sing N N 143 
HIS CG  ND1  sing Y N 144 
HIS CG  CD2  doub Y N 145 
HIS ND1 CE1  doub Y N 146 
HIS ND1 HD1  sing N N 147 
HIS CD2 NE2  sing Y N 148 
HIS CD2 HD2  sing N N 149 
HIS CE1 NE2  sing Y N 150 
HIS CE1 HE1  sing N N 151 
HIS NE2 HE2  sing N N 152 
HIS OXT HXT  sing N N 153 
HOH O   H1   sing N N 154 
HOH O   H2   sing N N 155 
ILE N   CA   sing N N 156 
ILE N   H    sing N N 157 
ILE N   H2   sing N N 158 
ILE CA  C    sing N N 159 
ILE CA  CB   sing N N 160 
ILE CA  HA   sing N N 161 
ILE C   O    doub N N 162 
ILE C   OXT  sing N N 163 
ILE CB  CG1  sing N N 164 
ILE CB  CG2  sing N N 165 
ILE CB  HB   sing N N 166 
ILE CG1 CD1  sing N N 167 
ILE CG1 HG12 sing N N 168 
ILE CG1 HG13 sing N N 169 
ILE CG2 HG21 sing N N 170 
ILE CG2 HG22 sing N N 171 
ILE CG2 HG23 sing N N 172 
ILE CD1 HD11 sing N N 173 
ILE CD1 HD12 sing N N 174 
ILE CD1 HD13 sing N N 175 
ILE OXT HXT  sing N N 176 
LEU N   CA   sing N N 177 
LEU N   H    sing N N 178 
LEU N   H2   sing N N 179 
LEU CA  C    sing N N 180 
LEU CA  CB   sing N N 181 
LEU CA  HA   sing N N 182 
LEU C   O    doub N N 183 
LEU C   OXT  sing N N 184 
LEU CB  CG   sing N N 185 
LEU CB  HB2  sing N N 186 
LEU CB  HB3  sing N N 187 
LEU CG  CD1  sing N N 188 
LEU CG  CD2  sing N N 189 
LEU CG  HG   sing N N 190 
LEU CD1 HD11 sing N N 191 
LEU CD1 HD12 sing N N 192 
LEU CD1 HD13 sing N N 193 
LEU CD2 HD21 sing N N 194 
LEU CD2 HD22 sing N N 195 
LEU CD2 HD23 sing N N 196 
LEU OXT HXT  sing N N 197 
LYS N   CA   sing N N 198 
LYS N   H    sing N N 199 
LYS N   H2   sing N N 200 
LYS CA  C    sing N N 201 
LYS CA  CB   sing N N 202 
LYS CA  HA   sing N N 203 
LYS C   O    doub N N 204 
LYS C   OXT  sing N N 205 
LYS CB  CG   sing N N 206 
LYS CB  HB2  sing N N 207 
LYS CB  HB3  sing N N 208 
LYS CG  CD   sing N N 209 
LYS CG  HG2  sing N N 210 
LYS CG  HG3  sing N N 211 
LYS CD  CE   sing N N 212 
LYS CD  HD2  sing N N 213 
LYS CD  HD3  sing N N 214 
LYS CE  NZ   sing N N 215 
LYS CE  HE2  sing N N 216 
LYS CE  HE3  sing N N 217 
LYS NZ  HZ1  sing N N 218 
LYS NZ  HZ2  sing N N 219 
LYS NZ  HZ3  sing N N 220 
LYS OXT HXT  sing N N 221 
MET N   CA   sing N N 222 
MET N   H    sing N N 223 
MET N   H2   sing N N 224 
MET CA  C    sing N N 225 
MET CA  CB   sing N N 226 
MET CA  HA   sing N N 227 
MET C   O    doub N N 228 
MET C   OXT  sing N N 229 
MET CB  CG   sing N N 230 
MET CB  HB2  sing N N 231 
MET CB  HB3  sing N N 232 
MET CG  SD   sing N N 233 
MET CG  HG2  sing N N 234 
MET CG  HG3  sing N N 235 
MET SD  CE   sing N N 236 
MET CE  HE1  sing N N 237 
MET CE  HE2  sing N N 238 
MET CE  HE3  sing N N 239 
MET OXT HXT  sing N N 240 
PHE N   CA   sing N N 241 
PHE N   H    sing N N 242 
PHE N   H2   sing N N 243 
PHE CA  C    sing N N 244 
PHE CA  CB   sing N N 245 
PHE CA  HA   sing N N 246 
PHE C   O    doub N N 247 
PHE C   OXT  sing N N 248 
PHE CB  CG   sing N N 249 
PHE CB  HB2  sing N N 250 
PHE CB  HB3  sing N N 251 
PHE CG  CD1  doub Y N 252 
PHE CG  CD2  sing Y N 253 
PHE CD1 CE1  sing Y N 254 
PHE CD1 HD1  sing N N 255 
PHE CD2 CE2  doub Y N 256 
PHE CD2 HD2  sing N N 257 
PHE CE1 CZ   doub Y N 258 
PHE CE1 HE1  sing N N 259 
PHE CE2 CZ   sing Y N 260 
PHE CE2 HE2  sing N N 261 
PHE CZ  HZ   sing N N 262 
PHE OXT HXT  sing N N 263 
PRO N   CA   sing N N 264 
PRO N   CD   sing N N 265 
PRO N   H    sing N N 266 
PRO CA  C    sing N N 267 
PRO CA  CB   sing N N 268 
PRO CA  HA   sing N N 269 
PRO C   O    doub N N 270 
PRO C   OXT  sing N N 271 
PRO CB  CG   sing N N 272 
PRO CB  HB2  sing N N 273 
PRO CB  HB3  sing N N 274 
PRO CG  CD   sing N N 275 
PRO CG  HG2  sing N N 276 
PRO CG  HG3  sing N N 277 
PRO CD  HD2  sing N N 278 
PRO CD  HD3  sing N N 279 
PRO OXT HXT  sing N N 280 
SER N   CA   sing N N 281 
SER N   H    sing N N 282 
SER N   H2   sing N N 283 
SER CA  C    sing N N 284 
SER CA  CB   sing N N 285 
SER CA  HA   sing N N 286 
SER C   O    doub N N 287 
SER C   OXT  sing N N 288 
SER CB  OG   sing N N 289 
SER CB  HB2  sing N N 290 
SER CB  HB3  sing N N 291 
SER OG  HG   sing N N 292 
SER OXT HXT  sing N N 293 
THR N   CA   sing N N 294 
THR N   H    sing N N 295 
THR N   H2   sing N N 296 
THR CA  C    sing N N 297 
THR CA  CB   sing N N 298 
THR CA  HA   sing N N 299 
THR C   O    doub N N 300 
THR C   OXT  sing N N 301 
THR CB  OG1  sing N N 302 
THR CB  CG2  sing N N 303 
THR CB  HB   sing N N 304 
THR OG1 HG1  sing N N 305 
THR CG2 HG21 sing N N 306 
THR CG2 HG22 sing N N 307 
THR CG2 HG23 sing N N 308 
THR OXT HXT  sing N N 309 
TRP N   CA   sing N N 310 
TRP N   H    sing N N 311 
TRP N   H2   sing N N 312 
TRP CA  C    sing N N 313 
TRP CA  CB   sing N N 314 
TRP CA  HA   sing N N 315 
TRP C   O    doub N N 316 
TRP C   OXT  sing N N 317 
TRP CB  CG   sing N N 318 
TRP CB  HB2  sing N N 319 
TRP CB  HB3  sing N N 320 
TRP CG  CD1  doub Y N 321 
TRP CG  CD2  sing Y N 322 
TRP CD1 NE1  sing Y N 323 
TRP CD1 HD1  sing N N 324 
TRP CD2 CE2  doub Y N 325 
TRP CD2 CE3  sing Y N 326 
TRP NE1 CE2  sing Y N 327 
TRP NE1 HE1  sing N N 328 
TRP CE2 CZ2  sing Y N 329 
TRP CE3 CZ3  doub Y N 330 
TRP CE3 HE3  sing N N 331 
TRP CZ2 CH2  doub Y N 332 
TRP CZ2 HZ2  sing N N 333 
TRP CZ3 CH2  sing Y N 334 
TRP CZ3 HZ3  sing N N 335 
TRP CH2 HH2  sing N N 336 
TRP OXT HXT  sing N N 337 
TYR N   CA   sing N N 338 
TYR N   H    sing N N 339 
TYR N   H2   sing N N 340 
TYR CA  C    sing N N 341 
TYR CA  CB   sing N N 342 
TYR CA  HA   sing N N 343 
TYR C   O    doub N N 344 
TYR C   OXT  sing N N 345 
TYR CB  CG   sing N N 346 
TYR CB  HB2  sing N N 347 
TYR CB  HB3  sing N N 348 
TYR CG  CD1  doub Y N 349 
TYR CG  CD2  sing Y N 350 
TYR CD1 CE1  sing Y N 351 
TYR CD1 HD1  sing N N 352 
TYR CD2 CE2  doub Y N 353 
TYR CD2 HD2  sing N N 354 
TYR CE1 CZ   doub Y N 355 
TYR CE1 HE1  sing N N 356 
TYR CE2 CZ   sing Y N 357 
TYR CE2 HE2  sing N N 358 
TYR CZ  OH   sing N N 359 
TYR OH  HH   sing N N 360 
TYR OXT HXT  sing N N 361 
VAL N   CA   sing N N 362 
VAL N   H    sing N N 363 
VAL N   H2   sing N N 364 
VAL CA  C    sing N N 365 
VAL CA  CB   sing N N 366 
VAL CA  HA   sing N N 367 
VAL C   O    doub N N 368 
VAL C   OXT  sing N N 369 
VAL CB  CG1  sing N N 370 
VAL CB  CG2  sing N N 371 
VAL CB  HB   sing N N 372 
VAL CG1 HG11 sing N N 373 
VAL CG1 HG12 sing N N 374 
VAL CG1 HG13 sing N N 375 
VAL CG2 HG21 sing N N 376 
VAL CG2 HG22 sing N N 377 
VAL CG2 HG23 sing N N 378 
VAL OXT HXT  sing N N 379 
# 
_pdbx_audit_support.funding_organization   'Department of biotechnology' 
_pdbx_audit_support.country                India 
_pdbx_audit_support.grant_number           ? 
_pdbx_audit_support.ordinal                1 
# 
loop_
_pdbx_entity_nonpoly.entity_id 
_pdbx_entity_nonpoly.name 
_pdbx_entity_nonpoly.comp_id 
2 'FE2/S2 (INORGANIC) CLUSTER' FES 
3 'FE (III) ION'               FE  
4 water                        HOH 
# 
_pdbx_initial_refinement_model.id               1 
_pdbx_initial_refinement_model.entity_id_list   ? 
_pdbx_initial_refinement_model.type             'experimental model' 
_pdbx_initial_refinement_model.source_name      PDB 
_pdbx_initial_refinement_model.accession_code   2QPZ 
_pdbx_initial_refinement_model.details          ? 
# 
